data_3POP
#
_entry.id   3POP
#
_cell.length_a   68.075
_cell.length_b   115.829
_cell.length_c   290.104
_cell.angle_alpha   90.00
_cell.angle_beta   90.00
_cell.angle_gamma   90.00
#
_symmetry.space_group_name_H-M   'P 21 21 21'
#
loop_
_entity.id
_entity.type
_entity.pdbx_description
1 polymer 'GilR oxidase'
2 non-polymer 'FLAVIN-ADENINE DINUCLEOTIDE'
3 water water
#
_entity_poly.entity_id   1
_entity_poly.type   'polypeptide(L)'
_entity_poly.pdbx_seq_one_letter_code
;GSHMTASVPPFTVGREDPRYIELSHSDNHRFVVEPEEFFLPATPDDVVASLQKAVTEGRGVACRSGGHCGQDFVGTPRRD
LVLDLHNLHAIGPAADGAGVRVGSGATVDQVQKALFRRWNAALPLGACSAVGMGGLVAGGGYGPLSRQLGLVVDHLHAVE
VAVVDESRTVRLVTARADDTGDLGELFWAHTGGGGGNFGVVTAYEFRSPEHLATEPVGLPRAAGRLHVQKVVFPWAMIDE
TSFVTVMRRFFEWHERHSEPGSPESSLFATFFVNHVSSGVLQLMVQQDADVDPEGEILARFVASLTEGTGVVGIPRGGVM
SWLTGTRYMSQADCGDVMGARSASKSAYHRAAPTDEQLSVLHRHLHADHPGQASYVMFNSYGGEINRRGPSDAAVPQRDS
VVKSSWFSAWQDAELDELHLGWLRGLYEEFFAGTGGVPVTGGRTDGCYINYPDADLLDPARNRSGEPWHHLYYKDNYARL
RSAKRAWDPLNTFHHSMSIGL
;
_entity_poly.pdbx_strand_id   A,B,C,D
#
loop_
_chem_comp.id
_chem_comp.type
_chem_comp.name
_chem_comp.formula
FAD non-polymer 'FLAVIN-ADENINE DINUCLEOTIDE' 'C27 H33 N9 O15 P2'
#
# COMPACT_ATOMS: atom_id res chain seq x y z
N PRO A 9 17.79 -22.16 -38.79
CA PRO A 9 17.99 -22.93 -40.02
C PRO A 9 18.54 -24.32 -39.75
N PRO A 10 18.63 -25.15 -40.78
CA PRO A 10 19.16 -26.51 -40.64
C PRO A 10 20.68 -26.51 -40.69
N PHE A 11 21.32 -27.33 -39.87
CA PHE A 11 22.78 -27.41 -39.86
C PHE A 11 23.26 -28.82 -39.56
N THR A 12 24.56 -29.04 -39.78
CA THR A 12 25.16 -30.35 -39.62
C THR A 12 26.23 -30.28 -38.53
N VAL A 13 26.34 -31.34 -37.73
CA VAL A 13 27.32 -31.40 -36.66
C VAL A 13 28.21 -32.61 -36.87
N GLY A 14 29.45 -32.38 -37.30
CA GLY A 14 30.34 -33.47 -37.59
C GLY A 14 31.24 -33.80 -36.42
N ARG A 15 32.08 -34.81 -36.60
CA ARG A 15 32.94 -35.31 -35.53
C ARG A 15 33.87 -34.29 -34.88
N GLU A 16 34.21 -33.23 -35.61
CA GLU A 16 35.16 -32.24 -35.12
C GLU A 16 34.46 -31.08 -34.42
N ASP A 17 33.14 -31.04 -34.53
CA ASP A 17 32.34 -29.95 -33.92
C ASP A 17 32.21 -30.23 -32.43
N PRO A 18 32.39 -29.20 -31.59
CA PRO A 18 32.33 -29.43 -30.15
C PRO A 18 30.95 -29.92 -29.68
N ARG A 19 29.91 -29.67 -30.47
CA ARG A 19 28.55 -30.07 -30.06
C ARG A 19 28.37 -31.58 -30.22
N TYR A 20 29.29 -32.22 -30.94
CA TYR A 20 29.15 -33.64 -31.23
C TYR A 20 29.17 -34.47 -29.97
N ILE A 21 29.95 -34.05 -28.98
CA ILE A 21 30.04 -34.79 -27.73
C ILE A 21 28.69 -34.91 -27.02
N GLU A 22 27.99 -33.80 -26.87
CA GLU A 22 26.64 -33.82 -26.28
C GLU A 22 25.69 -34.69 -27.12
N LEU A 23 25.71 -34.51 -28.44
CA LEU A 23 24.78 -35.23 -29.31
C LEU A 23 25.07 -36.74 -29.30
N SER A 24 26.28 -37.13 -28.92
CA SER A 24 26.62 -38.55 -29.00
C SER A 24 25.99 -39.35 -27.88
N HIS A 25 25.32 -38.66 -26.96
CA HIS A 25 24.64 -39.31 -25.85
C HIS A 25 23.15 -39.12 -26.03
N SER A 26 22.37 -40.19 -25.88
CA SER A 26 20.92 -40.04 -25.69
C SER A 26 20.71 -40.10 -24.19
N ASP A 27 19.46 -40.24 -23.75
CA ASP A 27 19.24 -40.21 -22.31
C ASP A 27 19.95 -41.33 -21.57
N ASN A 28 19.95 -42.54 -22.14
CA ASN A 28 20.56 -43.70 -21.49
C ASN A 28 22.04 -43.76 -21.84
N HIS A 29 22.89 -43.47 -20.86
CA HIS A 29 24.31 -43.38 -21.15
C HIS A 29 25.01 -44.73 -21.30
N ARG A 30 24.28 -45.84 -21.22
CA ARG A 30 24.86 -47.14 -21.58
C ARG A 30 25.22 -47.21 -23.05
N PHE A 31 24.60 -46.36 -23.86
CA PHE A 31 24.76 -46.46 -25.31
C PHE A 31 25.34 -45.17 -25.85
N VAL A 32 26.04 -45.26 -26.97
CA VAL A 32 26.63 -44.09 -27.59
C VAL A 32 26.15 -43.98 -29.02
N VAL A 33 25.97 -42.75 -29.50
CA VAL A 33 25.53 -42.53 -30.86
C VAL A 33 26.63 -41.80 -31.58
N GLU A 34 27.37 -42.51 -32.44
CA GLU A 34 28.56 -41.93 -33.07
C GLU A 34 28.54 -42.06 -34.59
N PRO A 35 27.73 -41.23 -35.25
CA PRO A 35 27.66 -41.26 -36.70
C PRO A 35 28.79 -40.43 -37.29
N GLU A 36 28.92 -40.40 -38.61
CA GLU A 36 29.86 -39.47 -39.21
C GLU A 36 29.38 -38.05 -38.98
N GLU A 37 28.06 -37.86 -38.99
CA GLU A 37 27.51 -36.55 -38.67
C GLU A 37 26.05 -36.61 -38.22
N PHE A 38 25.66 -35.61 -37.43
CA PHE A 38 24.26 -35.39 -37.09
C PHE A 38 23.74 -34.29 -37.98
N PHE A 39 22.52 -34.45 -38.47
CA PHE A 39 21.87 -33.37 -39.21
C PHE A 39 20.68 -32.91 -38.40
N LEU A 40 20.54 -31.60 -38.26
CA LEU A 40 19.43 -31.01 -37.49
C LEU A 40 18.49 -30.25 -38.39
N PRO A 41 17.50 -30.95 -38.95
CA PRO A 41 16.53 -30.36 -39.90
C PRO A 41 15.67 -29.32 -39.23
N ALA A 42 15.20 -28.34 -39.98
CA ALA A 42 14.27 -27.34 -39.45
C ALA A 42 12.86 -27.59 -39.94
N THR A 43 12.71 -28.29 -41.07
CA THR A 43 11.40 -28.51 -41.67
C THR A 43 11.28 -29.94 -42.18
N PRO A 44 10.05 -30.39 -42.43
CA PRO A 44 9.90 -31.71 -43.07
C PRO A 44 10.67 -31.80 -44.40
N ASP A 45 10.71 -30.72 -45.17
CA ASP A 45 11.44 -30.75 -46.45
C ASP A 45 12.93 -31.00 -46.24
N ASP A 46 13.49 -30.44 -45.19
CA ASP A 46 14.89 -30.66 -44.81
C ASP A 46 15.12 -32.14 -44.54
N VAL A 47 14.18 -32.78 -43.85
CA VAL A 47 14.28 -34.21 -43.59
C VAL A 47 14.32 -34.99 -44.90
N VAL A 48 13.40 -34.69 -45.80
CA VAL A 48 13.33 -35.42 -47.07
C VAL A 48 14.63 -35.28 -47.85
N ALA A 49 15.13 -34.05 -47.94
CA ALA A 49 16.35 -33.78 -48.72
C ALA A 49 17.56 -34.46 -48.12
N SER A 50 17.62 -34.48 -46.79
CA SER A 50 18.73 -35.12 -46.11
C SER A 50 18.74 -36.63 -46.28
N LEU A 51 17.56 -37.23 -46.16
CA LEU A 51 17.41 -38.67 -46.33
C LEU A 51 17.73 -39.07 -47.77
N GLN A 52 17.26 -38.27 -48.72
CA GLN A 52 17.46 -38.57 -50.13
C GLN A 52 18.94 -38.62 -50.48
N LYS A 53 19.68 -37.60 -50.06
CA LYS A 53 21.11 -37.56 -50.31
C LYS A 53 21.80 -38.79 -49.71
N ALA A 54 21.40 -39.17 -48.51
CA ALA A 54 22.01 -40.31 -47.84
C ALA A 54 21.70 -41.63 -48.53
N VAL A 55 20.44 -41.87 -48.86
CA VAL A 55 20.09 -43.16 -49.44
C VAL A 55 20.67 -43.29 -50.85
N THR A 56 20.74 -42.17 -51.57
CA THR A 56 21.32 -42.20 -52.90
C THR A 56 22.78 -42.62 -52.84
N GLU A 57 23.48 -42.14 -51.82
CA GLU A 57 24.91 -42.44 -51.65
C GLU A 57 25.16 -43.72 -50.85
N GLY A 58 24.09 -44.45 -50.54
CA GLY A 58 24.22 -45.71 -49.83
C GLY A 58 24.62 -45.59 -48.37
N ARG A 59 24.41 -44.41 -47.78
CA ARG A 59 24.78 -44.18 -46.38
C ARG A 59 23.67 -44.66 -45.41
N GLY A 60 24.07 -45.21 -44.28
CA GLY A 60 23.12 -45.69 -43.29
C GLY A 60 22.58 -44.56 -42.45
N VAL A 61 21.26 -44.59 -42.18
CA VAL A 61 20.63 -43.47 -41.47
C VAL A 61 19.80 -43.97 -40.30
N ALA A 62 19.58 -43.08 -39.32
CA ALA A 62 18.58 -43.29 -38.27
C ALA A 62 18.13 -41.92 -37.81
N CYS A 63 17.02 -41.84 -37.07
CA CYS A 63 16.61 -40.57 -36.54
C CYS A 63 16.46 -40.63 -35.02
N ARG A 64 16.35 -39.47 -34.39
CA ARG A 64 16.16 -39.40 -32.96
C ARG A 64 15.28 -38.20 -32.67
N SER A 65 14.33 -38.38 -31.76
N SER A 65 14.34 -38.36 -31.73
CA SER A 65 13.54 -37.25 -31.30
CA SER A 65 13.49 -37.26 -31.33
C SER A 65 13.97 -36.91 -29.88
C SER A 65 13.84 -36.81 -29.90
N GLY A 66 13.29 -37.48 -28.89
CA GLY A 66 13.61 -37.13 -27.51
C GLY A 66 14.79 -37.86 -26.89
N GLY A 67 15.28 -38.89 -27.56
CA GLY A 67 16.42 -39.61 -27.02
C GLY A 67 16.13 -40.54 -25.86
N HIS A 68 14.86 -40.86 -25.64
CA HIS A 68 14.54 -41.72 -24.50
C HIS A 68 14.59 -43.24 -24.68
N CYS A 69 15.05 -43.70 -25.84
CA CYS A 69 15.05 -45.13 -26.14
C CYS A 69 15.66 -45.93 -25.01
N GLY A 70 15.00 -47.02 -24.61
CA GLY A 70 15.57 -47.91 -23.60
C GLY A 70 16.69 -48.75 -24.14
N GLN A 71 16.86 -48.80 -25.47
CA GLN A 71 17.91 -49.60 -26.06
C GLN A 71 18.79 -48.77 -26.98
N ASP A 72 19.69 -49.43 -27.70
CA ASP A 72 20.64 -48.73 -28.57
C ASP A 72 20.17 -48.55 -30.01
N PHE A 73 18.85 -48.40 -30.22
CA PHE A 73 18.30 -48.40 -31.58
C PHE A 73 18.85 -47.28 -32.46
N VAL A 74 19.12 -46.12 -31.88
CA VAL A 74 19.52 -44.99 -32.73
C VAL A 74 20.95 -45.20 -33.25
N GLY A 75 21.87 -45.56 -32.37
CA GLY A 75 23.27 -45.59 -32.75
C GLY A 75 23.86 -46.93 -33.15
N THR A 76 23.04 -47.97 -33.09
CA THR A 76 23.49 -49.33 -33.42
C THR A 76 22.45 -50.00 -34.29
N PRO A 77 22.89 -50.55 -35.44
CA PRO A 77 24.27 -50.64 -35.96
C PRO A 77 24.81 -49.27 -36.31
N ARG A 78 26.13 -49.15 -36.47
CA ARG A 78 26.76 -47.88 -36.79
C ARG A 78 26.03 -47.16 -37.93
N ARG A 79 25.84 -45.86 -37.78
CA ARG A 79 25.14 -45.06 -38.77
C ARG A 79 26.12 -44.08 -39.39
N ASP A 80 25.86 -43.71 -40.63
CA ASP A 80 26.64 -42.64 -41.24
C ASP A 80 26.04 -41.30 -40.87
N LEU A 81 24.71 -41.27 -40.79
CA LEU A 81 23.97 -40.04 -40.55
C LEU A 81 22.88 -40.27 -39.51
N VAL A 82 22.79 -39.40 -38.52
CA VAL A 82 21.63 -39.41 -37.62
C VAL A 82 20.92 -38.08 -37.76
N LEU A 83 19.61 -38.14 -38.02
CA LEU A 83 18.78 -36.95 -38.06
C LEU A 83 18.21 -36.71 -36.68
N ASP A 84 18.61 -35.60 -36.06
CA ASP A 84 18.13 -35.22 -34.73
C ASP A 84 16.97 -34.25 -34.93
N LEU A 85 15.77 -34.62 -34.49
CA LEU A 85 14.54 -33.92 -34.90
C LEU A 85 14.03 -32.83 -33.96
N HIS A 86 14.78 -32.48 -32.92
CA HIS A 86 14.22 -31.60 -31.88
C HIS A 86 13.73 -30.22 -32.34
N ASN A 87 14.21 -29.74 -33.49
CA ASN A 87 13.72 -28.47 -34.01
C ASN A 87 12.33 -28.59 -34.64
N LEU A 88 11.89 -29.81 -34.94
CA LEU A 88 10.56 -30.00 -35.53
C LEU A 88 9.53 -30.11 -34.44
N HIS A 89 9.27 -29.00 -33.74
CA HIS A 89 8.40 -29.06 -32.57
C HIS A 89 7.20 -28.14 -32.63
N ALA A 90 6.82 -27.71 -33.83
CA ALA A 90 5.67 -26.82 -33.98
C ALA A 90 4.37 -27.53 -33.60
N ILE A 91 3.49 -26.79 -32.94
CA ILE A 91 2.17 -27.31 -32.57
C ILE A 91 1.14 -26.28 -33.05
N GLY A 92 0.11 -26.75 -33.73
CA GLY A 92 -0.93 -25.83 -34.19
C GLY A 92 -2.14 -26.56 -34.67
N PRO A 93 -3.21 -25.82 -34.96
CA PRO A 93 -4.44 -26.43 -35.45
C PRO A 93 -4.19 -27.15 -36.77
N ALA A 94 -4.80 -28.32 -36.94
CA ALA A 94 -4.63 -29.10 -38.15
C ALA A 94 -5.06 -28.30 -39.38
N ALA A 95 -4.36 -28.47 -40.49
CA ALA A 95 -4.67 -27.76 -41.71
C ALA A 95 -6.02 -28.18 -42.27
N ASP A 96 -6.36 -29.45 -42.10
CA ASP A 96 -7.61 -29.99 -42.59
C ASP A 96 -8.81 -29.18 -42.10
N GLY A 97 -8.71 -28.66 -40.89
CA GLY A 97 -9.77 -27.86 -40.31
C GLY A 97 -10.22 -28.38 -38.96
N ALA A 98 -9.68 -29.52 -38.56
CA ALA A 98 -10.04 -30.13 -37.29
C ALA A 98 -8.88 -30.93 -36.70
N GLY A 99 -8.65 -30.77 -35.40
CA GLY A 99 -7.60 -31.49 -34.70
C GLY A 99 -6.36 -30.63 -34.56
N VAL A 100 -5.28 -31.24 -34.09
CA VAL A 100 -4.03 -30.50 -33.86
C VAL A 100 -2.83 -31.22 -34.46
N ARG A 101 -1.96 -30.46 -35.12
CA ARG A 101 -0.73 -31.03 -35.66
C ARG A 101 0.45 -30.80 -34.69
N VAL A 102 1.26 -31.84 -34.48
CA VAL A 102 2.39 -31.78 -33.55
C VAL A 102 3.65 -32.32 -34.25
N GLY A 103 4.69 -31.50 -34.35
CA GLY A 103 5.94 -31.96 -34.93
C GLY A 103 6.55 -33.09 -34.10
N SER A 104 7.22 -34.03 -34.76
CA SER A 104 7.71 -35.24 -34.08
C SER A 104 8.86 -34.97 -33.11
N GLY A 105 9.48 -33.79 -33.23
CA GLY A 105 10.54 -33.38 -32.31
C GLY A 105 10.04 -32.71 -31.03
N ALA A 106 8.74 -32.46 -30.92
CA ALA A 106 8.21 -31.87 -29.70
C ALA A 106 8.37 -32.85 -28.53
N THR A 107 8.65 -32.33 -27.34
CA THR A 107 8.65 -33.17 -26.14
C THR A 107 7.28 -33.19 -25.49
N VAL A 108 7.09 -34.14 -24.60
CA VAL A 108 5.86 -34.20 -23.84
C VAL A 108 5.59 -32.88 -23.12
N ASP A 109 6.61 -32.31 -22.50
CA ASP A 109 6.43 -31.02 -21.83
C ASP A 109 5.92 -29.93 -22.78
N GLN A 110 6.51 -29.82 -23.97
CA GLN A 110 6.05 -28.82 -24.92
C GLN A 110 4.60 -29.03 -25.32
N VAL A 111 4.24 -30.30 -25.56
CA VAL A 111 2.88 -30.61 -25.97
C VAL A 111 1.89 -30.36 -24.84
N GLN A 112 2.21 -30.80 -23.62
CA GLN A 112 1.28 -30.59 -22.51
C GLN A 112 1.00 -29.10 -22.30
N LYS A 113 2.06 -28.30 -22.30
CA LYS A 113 1.89 -26.85 -22.10
C LYS A 113 1.08 -26.21 -23.21
N ALA A 114 1.39 -26.56 -24.46
CA ALA A 114 0.67 -25.96 -25.59
C ALA A 114 -0.80 -26.35 -25.61
N LEU A 115 -1.10 -27.63 -25.44
CA LEU A 115 -2.49 -28.07 -25.47
C LEU A 115 -3.29 -27.42 -24.35
N PHE A 116 -2.70 -27.34 -23.16
CA PHE A 116 -3.42 -26.74 -22.04
C PHE A 116 -3.59 -25.23 -22.22
N ARG A 117 -2.51 -24.54 -22.50
CA ARG A 117 -2.54 -23.08 -22.57
C ARG A 117 -3.40 -22.55 -23.71
N ARG A 118 -3.40 -23.24 -24.84
CA ARG A 118 -4.13 -22.76 -26.01
C ARG A 118 -5.59 -23.21 -26.05
N TRP A 119 -5.87 -24.42 -25.57
CA TRP A 119 -7.17 -25.02 -25.80
C TRP A 119 -7.76 -25.68 -24.57
N ASN A 120 -7.11 -25.53 -23.42
CA ASN A 120 -7.54 -26.27 -22.24
C ASN A 120 -7.70 -27.75 -22.59
N ALA A 121 -6.79 -28.28 -23.39
CA ALA A 121 -6.89 -29.66 -23.84
C ALA A 121 -5.83 -30.52 -23.20
N ALA A 122 -5.97 -31.84 -23.32
CA ALA A 122 -4.99 -32.78 -22.78
C ALA A 122 -5.03 -34.09 -23.56
N LEU A 123 -3.87 -34.70 -23.74
CA LEU A 123 -3.78 -36.04 -24.33
C LEU A 123 -3.10 -36.94 -23.31
N PRO A 124 -3.27 -38.27 -23.43
CA PRO A 124 -2.74 -39.16 -22.40
C PRO A 124 -1.24 -39.43 -22.57
N LEU A 125 -0.44 -38.36 -22.49
CA LEU A 125 0.98 -38.44 -22.67
C LEU A 125 1.60 -38.92 -21.36
N GLY A 126 2.83 -39.40 -21.44
CA GLY A 126 3.39 -40.07 -20.28
C GLY A 126 3.80 -39.15 -19.16
N ALA A 127 4.38 -39.77 -18.14
CA ALA A 127 4.78 -39.08 -16.93
C ALA A 127 6.19 -38.49 -16.99
N CYS A 128 6.88 -38.63 -18.11
CA CYS A 128 8.24 -38.08 -18.22
C CYS A 128 8.23 -36.98 -19.27
N SER A 129 8.48 -35.74 -18.85
CA SER A 129 8.22 -34.62 -19.74
C SER A 129 9.28 -34.41 -20.83
N ALA A 130 10.42 -35.10 -20.73
CA ALA A 130 11.44 -34.97 -21.77
C ALA A 130 11.31 -35.97 -22.94
N VAL A 131 10.39 -36.92 -22.82
CA VAL A 131 10.20 -37.90 -23.90
C VAL A 131 9.76 -37.20 -25.19
N GLY A 132 10.26 -37.68 -26.33
CA GLY A 132 9.91 -37.09 -27.61
C GLY A 132 8.67 -37.72 -28.17
N MET A 133 7.87 -36.94 -28.90
CA MET A 133 6.67 -37.49 -29.52
C MET A 133 7.02 -38.57 -30.54
N GLY A 134 8.12 -38.39 -31.26
CA GLY A 134 8.53 -39.34 -32.28
C GLY A 134 8.40 -40.79 -31.85
N GLY A 135 9.15 -41.17 -30.83
CA GLY A 135 9.14 -42.56 -30.37
C GLY A 135 7.91 -42.88 -29.52
N LEU A 136 7.44 -41.92 -28.74
CA LEU A 136 6.37 -42.21 -27.80
C LEU A 136 5.13 -42.62 -28.57
N VAL A 137 4.76 -41.81 -29.56
CA VAL A 137 3.50 -42.05 -30.27
C VAL A 137 3.56 -43.34 -31.07
N ALA A 138 4.63 -43.53 -31.83
CA ALA A 138 4.74 -44.71 -32.69
C ALA A 138 4.60 -46.03 -31.90
N GLY A 139 5.05 -46.04 -30.65
CA GLY A 139 4.98 -47.23 -29.82
C GLY A 139 3.67 -47.41 -29.04
N GLY A 140 2.79 -46.42 -29.05
CA GLY A 140 1.51 -46.56 -28.35
C GLY A 140 1.21 -45.35 -27.46
N GLY A 141 1.96 -45.26 -26.36
CA GLY A 141 1.92 -44.11 -25.48
C GLY A 141 0.83 -44.23 -24.43
N TYR A 142 1.22 -44.40 -23.18
CA TYR A 142 0.24 -44.34 -22.11
C TYR A 142 0.70 -43.34 -21.03
N GLY A 143 -0.23 -42.90 -20.21
CA GLY A 143 0.11 -41.98 -19.15
C GLY A 143 -0.96 -41.94 -18.09
N PRO A 144 -0.81 -41.04 -17.12
CA PRO A 144 -1.77 -40.88 -16.02
C PRO A 144 -3.21 -40.70 -16.49
N LEU A 145 -3.43 -40.14 -17.67
CA LEU A 145 -4.81 -39.92 -18.13
C LEU A 145 -5.39 -41.09 -18.95
N SER A 146 -4.61 -42.15 -19.16
CA SER A 146 -5.05 -43.21 -20.08
C SER A 146 -6.31 -43.96 -19.64
N ARG A 147 -6.54 -44.05 -18.34
CA ARG A 147 -7.77 -44.75 -17.91
C ARG A 147 -9.01 -43.97 -18.31
N GLN A 148 -8.86 -42.66 -18.54
CA GLN A 148 -9.94 -41.84 -19.05
C GLN A 148 -9.89 -41.69 -20.57
N LEU A 149 -8.68 -41.61 -21.13
CA LEU A 149 -8.55 -41.19 -22.53
C LEU A 149 -8.01 -42.25 -23.49
N GLY A 150 -7.50 -43.36 -22.95
CA GLY A 150 -6.95 -44.41 -23.80
C GLY A 150 -5.45 -44.16 -24.05
N LEU A 151 -4.92 -44.78 -25.11
CA LEU A 151 -3.51 -44.58 -25.48
C LEU A 151 -3.38 -43.36 -26.37
N VAL A 152 -2.18 -42.80 -26.45
CA VAL A 152 -1.99 -41.70 -27.38
C VAL A 152 -2.40 -42.06 -28.81
N VAL A 153 -2.09 -43.28 -29.25
CA VAL A 153 -2.44 -43.66 -30.62
C VAL A 153 -3.96 -43.72 -30.82
N ASP A 154 -4.71 -43.81 -29.74
CA ASP A 154 -6.17 -43.85 -29.88
C ASP A 154 -6.71 -42.49 -30.29
N HIS A 155 -5.85 -41.47 -30.30
CA HIS A 155 -6.23 -40.12 -30.73
C HIS A 155 -5.55 -39.72 -32.03
N LEU A 156 -4.81 -40.66 -32.62
CA LEU A 156 -4.04 -40.31 -33.81
C LEU A 156 -4.97 -40.23 -35.03
N HIS A 157 -4.85 -39.14 -35.76
CA HIS A 157 -5.67 -38.95 -36.96
C HIS A 157 -4.82 -39.04 -38.24
N ALA A 158 -3.57 -38.62 -38.18
CA ALA A 158 -2.71 -38.70 -39.35
C ALA A 158 -1.25 -38.79 -38.95
N VAL A 159 -0.45 -39.35 -39.84
CA VAL A 159 0.99 -39.33 -39.67
C VAL A 159 1.64 -38.85 -40.95
N GLU A 160 2.53 -37.88 -40.83
CA GLU A 160 3.29 -37.38 -41.97
C GLU A 160 4.69 -37.96 -41.84
N VAL A 161 5.13 -38.72 -42.83
CA VAL A 161 6.34 -39.52 -42.67
C VAL A 161 7.16 -39.61 -43.95
N ALA A 162 8.47 -39.48 -43.82
CA ALA A 162 9.38 -39.64 -44.93
C ALA A 162 9.75 -41.10 -45.12
N VAL A 163 9.39 -41.65 -46.27
CA VAL A 163 9.59 -43.07 -46.55
C VAL A 163 10.46 -43.29 -47.79
N VAL A 164 11.08 -44.46 -47.87
CA VAL A 164 12.03 -44.76 -48.94
C VAL A 164 11.55 -45.98 -49.72
N ASP A 165 11.32 -45.81 -51.02
CA ASP A 165 10.81 -46.92 -51.83
C ASP A 165 11.92 -47.75 -52.48
N GLU A 166 11.53 -48.80 -53.21
CA GLU A 166 12.47 -49.77 -53.77
C GLU A 166 13.48 -49.16 -54.74
N SER A 167 13.13 -48.00 -55.29
CA SER A 167 14.02 -47.31 -56.21
C SER A 167 14.88 -46.26 -55.49
N ARG A 168 14.88 -46.32 -54.16
CA ARG A 168 15.66 -45.38 -53.34
C ARG A 168 15.20 -43.95 -53.48
N THR A 169 13.91 -43.77 -53.73
CA THR A 169 13.34 -42.43 -53.76
C THR A 169 12.62 -42.14 -52.45
N VAL A 170 12.94 -40.99 -51.85
CA VAL A 170 12.30 -40.56 -50.60
C VAL A 170 11.10 -39.68 -50.89
N ARG A 171 9.97 -39.98 -50.27
CA ARG A 171 8.77 -39.17 -50.42
C ARG A 171 8.12 -38.90 -49.07
N LEU A 172 7.56 -37.70 -48.91
CA LEU A 172 6.86 -37.37 -47.69
C LEU A 172 5.41 -37.71 -47.89
N VAL A 173 4.90 -38.71 -47.18
CA VAL A 173 3.53 -39.11 -47.39
C VAL A 173 2.75 -38.82 -46.12
N THR A 174 1.44 -38.61 -46.27
CA THR A 174 0.56 -38.41 -45.12
C THR A 174 -0.51 -39.50 -45.12
N ALA A 175 -0.49 -40.34 -44.09
CA ALA A 175 -1.41 -41.47 -44.01
C ALA A 175 -2.42 -41.11 -42.92
N ARG A 176 -3.70 -41.29 -43.21
CA ARG A 176 -4.76 -40.85 -42.31
C ARG A 176 -5.61 -41.99 -41.81
N ALA A 177 -6.32 -41.73 -40.71
CA ALA A 177 -7.10 -42.77 -40.06
C ALA A 177 -8.24 -43.28 -40.96
N ASP A 178 -8.61 -42.49 -41.96
CA ASP A 178 -9.67 -42.93 -42.87
C ASP A 178 -9.17 -43.50 -44.20
N ASP A 179 -7.85 -43.56 -44.36
CA ASP A 179 -7.26 -44.15 -45.57
C ASP A 179 -7.44 -45.65 -45.66
N THR A 180 -7.53 -46.14 -46.90
CA THR A 180 -7.54 -47.58 -47.15
C THR A 180 -6.31 -47.91 -48.00
N GLY A 181 -6.22 -49.15 -48.45
CA GLY A 181 -5.09 -49.54 -49.27
C GLY A 181 -3.77 -49.36 -48.53
N ASP A 182 -2.72 -49.01 -49.26
CA ASP A 182 -1.38 -49.00 -48.69
C ASP A 182 -1.26 -47.93 -47.62
N LEU A 183 -1.88 -46.78 -47.85
CA LEU A 183 -1.79 -45.69 -46.88
C LEU A 183 -2.47 -46.07 -45.58
N GLY A 184 -3.58 -46.80 -45.69
CA GLY A 184 -4.26 -47.29 -44.50
C GLY A 184 -3.34 -48.20 -43.69
N GLU A 185 -2.52 -48.99 -44.38
CA GLU A 185 -1.59 -49.88 -43.69
C GLU A 185 -0.49 -49.08 -43.00
N LEU A 186 0.03 -48.06 -43.69
CA LEU A 186 1.05 -47.21 -43.11
C LEU A 186 0.51 -46.48 -41.87
N PHE A 187 -0.72 -46.00 -41.94
CA PHE A 187 -1.29 -45.34 -40.78
C PHE A 187 -1.39 -46.31 -39.61
N TRP A 188 -1.99 -47.46 -39.88
CA TRP A 188 -2.20 -48.46 -38.83
C TRP A 188 -0.86 -48.87 -38.20
N ALA A 189 0.18 -49.03 -39.02
CA ALA A 189 1.47 -49.46 -38.50
C ALA A 189 2.05 -48.49 -37.47
N HIS A 190 1.70 -47.21 -37.60
CA HIS A 190 2.18 -46.19 -36.65
C HIS A 190 1.38 -46.12 -35.36
N THR A 191 0.32 -46.93 -35.26
CA THR A 191 -0.46 -46.95 -34.04
C THR A 191 0.05 -48.02 -33.09
N GLY A 192 1.37 -48.12 -32.94
CA GLY A 192 1.95 -49.10 -32.03
C GLY A 192 3.10 -49.92 -32.59
N GLY A 193 3.43 -49.73 -33.87
CA GLY A 193 4.49 -50.49 -34.51
C GLY A 193 5.87 -50.17 -33.91
N GLY A 194 6.00 -48.98 -33.33
CA GLY A 194 7.27 -48.58 -32.73
C GLY A 194 8.13 -47.76 -33.68
N GLY A 195 8.97 -46.91 -33.11
CA GLY A 195 9.82 -46.04 -33.93
C GLY A 195 10.98 -46.79 -34.56
N GLY A 196 11.60 -46.17 -35.55
CA GLY A 196 12.80 -46.72 -36.17
C GLY A 196 12.52 -47.78 -37.21
N ASN A 197 11.25 -47.94 -37.62
CA ASN A 197 10.84 -49.07 -38.48
C ASN A 197 10.41 -48.69 -39.91
N PHE A 198 9.62 -47.62 -40.05
CA PHE A 198 8.92 -47.41 -41.34
C PHE A 198 9.42 -46.22 -42.13
N GLY A 199 10.03 -45.28 -41.44
CA GLY A 199 10.39 -44.02 -42.05
C GLY A 199 10.57 -42.96 -40.98
N VAL A 200 10.93 -41.75 -41.38
CA VAL A 200 11.13 -40.68 -40.39
C VAL A 200 9.84 -39.86 -40.28
N VAL A 201 9.14 -40.00 -39.16
CA VAL A 201 7.93 -39.21 -38.95
C VAL A 201 8.30 -37.76 -38.73
N THR A 202 7.64 -36.87 -39.47
CA THR A 202 7.86 -35.43 -39.31
C THR A 202 6.78 -34.77 -38.47
N ALA A 203 5.56 -35.33 -38.48
CA ALA A 203 4.51 -34.78 -37.65
C ALA A 203 3.40 -35.79 -37.46
N TYR A 204 2.66 -35.63 -36.35
CA TYR A 204 1.47 -36.42 -36.10
C TYR A 204 0.32 -35.44 -36.00
N GLU A 205 -0.87 -35.85 -36.42
CA GLU A 205 -2.07 -35.03 -36.19
C GLU A 205 -3.00 -35.82 -35.30
N PHE A 206 -3.59 -35.13 -34.33
CA PHE A 206 -4.46 -35.77 -33.35
C PHE A 206 -5.90 -35.29 -33.42
N ARG A 207 -6.82 -36.24 -33.38
CA ARG A 207 -8.24 -35.97 -33.36
C ARG A 207 -8.91 -37.06 -32.53
N SER A 208 -9.52 -36.66 -31.42
CA SER A 208 -10.08 -37.62 -30.48
C SER A 208 -11.36 -38.30 -30.96
N PRO A 209 -11.59 -39.52 -30.49
CA PRO A 209 -12.84 -40.24 -30.75
C PRO A 209 -13.99 -39.33 -30.35
N GLU A 210 -15.13 -39.47 -31.01
CA GLU A 210 -16.24 -38.55 -30.79
C GLU A 210 -16.64 -38.44 -29.33
N HIS A 211 -16.62 -39.54 -28.59
CA HIS A 211 -17.08 -39.46 -27.21
C HIS A 211 -16.10 -38.78 -26.25
N LEU A 212 -14.88 -38.53 -26.72
CA LEU A 212 -13.88 -37.86 -25.89
C LEU A 212 -13.60 -36.43 -26.38
N ALA A 213 -13.98 -36.12 -27.62
CA ALA A 213 -13.63 -34.84 -28.24
C ALA A 213 -14.49 -33.68 -27.71
N THR A 214 -13.88 -32.49 -27.64
CA THR A 214 -14.58 -31.25 -27.25
C THR A 214 -14.13 -30.09 -28.14
N GLU A 215 -14.84 -28.97 -28.08
CA GLU A 215 -14.42 -27.78 -28.81
C GLU A 215 -13.22 -27.21 -28.07
N PRO A 216 -12.38 -26.43 -28.74
CA PRO A 216 -12.54 -25.98 -30.12
C PRO A 216 -11.76 -26.79 -31.16
N VAL A 217 -10.89 -27.69 -30.72
CA VAL A 217 -10.00 -28.37 -31.67
C VAL A 217 -10.19 -29.87 -31.72
N GLY A 218 -11.25 -30.38 -31.12
CA GLY A 218 -11.58 -31.79 -31.26
C GLY A 218 -10.75 -32.71 -30.38
N LEU A 219 -10.23 -32.15 -29.29
CA LEU A 219 -9.44 -32.92 -28.32
C LEU A 219 -10.17 -32.96 -26.98
N PRO A 220 -9.68 -33.79 -26.04
CA PRO A 220 -10.34 -33.85 -24.73
C PRO A 220 -10.08 -32.60 -23.90
N ARG A 221 -10.93 -32.37 -22.91
CA ARG A 221 -10.75 -31.24 -22.02
C ARG A 221 -9.85 -31.65 -20.86
N ALA A 222 -8.86 -30.82 -20.54
CA ALA A 222 -8.08 -30.99 -19.32
C ALA A 222 -8.94 -30.77 -18.09
N ALA A 223 -8.80 -31.63 -17.09
CA ALA A 223 -9.57 -31.49 -15.85
C ALA A 223 -9.31 -30.13 -15.19
N GLY A 224 -10.32 -29.56 -14.56
CA GLY A 224 -10.13 -28.28 -13.92
C GLY A 224 -9.17 -28.37 -12.75
N ARG A 225 -9.30 -29.43 -11.97
CA ARG A 225 -8.41 -29.64 -10.83
C ARG A 225 -8.09 -31.12 -10.70
N LEU A 226 -6.92 -31.41 -10.11
CA LEU A 226 -6.50 -32.78 -9.86
C LEU A 226 -6.21 -32.96 -8.40
N HIS A 227 -6.73 -34.03 -7.80
CA HIS A 227 -6.19 -34.47 -6.52
C HIS A 227 -4.87 -35.13 -6.77
N VAL A 228 -3.84 -34.76 -6.01
CA VAL A 228 -2.54 -35.37 -6.19
C VAL A 228 -2.02 -35.74 -4.80
N GLN A 229 -1.53 -36.97 -4.67
CA GLN A 229 -1.06 -37.38 -3.37
C GLN A 229 0.15 -38.27 -3.53
N LYS A 230 1.12 -38.11 -2.63
CA LYS A 230 2.30 -38.97 -2.58
C LYS A 230 2.41 -39.51 -1.16
N VAL A 231 2.49 -40.82 -1.04
CA VAL A 231 2.52 -41.42 0.28
C VAL A 231 3.79 -42.23 0.45
N VAL A 232 4.54 -41.96 1.50
CA VAL A 232 5.79 -42.66 1.74
C VAL A 232 5.61 -43.72 2.83
N PHE A 233 6.04 -44.95 2.55
CA PHE A 233 5.95 -46.05 3.51
C PHE A 233 7.34 -46.54 3.83
N PRO A 234 7.75 -46.39 5.09
CA PRO A 234 9.11 -46.81 5.46
C PRO A 234 9.25 -48.32 5.42
N TRP A 235 10.32 -48.81 4.80
CA TRP A 235 10.55 -50.25 4.71
C TRP A 235 10.65 -50.85 6.12
N ALA A 236 11.17 -50.07 7.06
CA ALA A 236 11.32 -50.55 8.43
C ALA A 236 10.01 -51.01 9.08
N MET A 237 8.88 -50.53 8.57
CA MET A 237 7.57 -50.92 9.09
C MET A 237 6.91 -52.06 8.33
N ILE A 238 7.60 -52.58 7.32
CA ILE A 238 7.01 -53.58 6.44
C ILE A 238 7.79 -54.90 6.51
N ASP A 239 7.07 -55.98 6.82
CA ASP A 239 7.67 -57.30 6.76
C ASP A 239 7.15 -58.01 5.52
N GLU A 240 7.65 -59.21 5.25
CA GLU A 240 7.28 -59.89 4.02
C GLU A 240 5.77 -60.06 3.91
N THR A 241 5.13 -60.43 5.00
CA THR A 241 3.70 -60.71 4.94
C THR A 241 2.87 -59.48 4.63
N SER A 242 3.19 -58.37 5.28
CA SER A 242 2.45 -57.14 5.01
C SER A 242 2.79 -56.57 3.61
N PHE A 243 4.03 -56.73 3.17
CA PHE A 243 4.39 -56.41 1.78
C PHE A 243 3.50 -57.15 0.78
N VAL A 244 3.42 -58.47 0.92
CA VAL A 244 2.60 -59.27 0.03
C VAL A 244 1.15 -58.81 0.06
N THR A 245 0.67 -58.49 1.27
CA THR A 245 -0.72 -58.07 1.40
C THR A 245 -0.98 -56.75 0.67
N VAL A 246 -0.07 -55.79 0.83
CA VAL A 246 -0.24 -54.49 0.21
C VAL A 246 -0.22 -54.64 -1.30
N MET A 247 0.75 -55.39 -1.82
CA MET A 247 0.88 -55.61 -3.24
C MET A 247 -0.34 -56.35 -3.80
N ARG A 248 -0.79 -57.39 -3.11
CA ARG A 248 -1.96 -58.13 -3.58
C ARG A 248 -3.18 -57.22 -3.66
N ARG A 249 -3.38 -56.43 -2.61
CA ARG A 249 -4.51 -55.51 -2.61
C ARG A 249 -4.44 -54.47 -3.72
N PHE A 250 -3.24 -53.99 -4.01
CA PHE A 250 -3.04 -53.04 -5.12
C PHE A 250 -3.51 -53.69 -6.40
N PHE A 251 -3.05 -54.90 -6.68
CA PHE A 251 -3.51 -55.59 -7.88
C PHE A 251 -5.00 -55.92 -7.87
N GLU A 252 -5.52 -56.40 -6.74
CA GLU A 252 -6.93 -56.77 -6.72
C GLU A 252 -7.85 -55.58 -6.93
N TRP A 253 -7.49 -54.42 -6.38
CA TRP A 253 -8.26 -53.21 -6.63
C TRP A 253 -8.36 -52.97 -8.13
N HIS A 254 -7.25 -53.14 -8.85
CA HIS A 254 -7.28 -52.90 -10.29
C HIS A 254 -8.04 -53.98 -11.07
N GLU A 255 -8.01 -55.21 -10.60
CA GLU A 255 -8.86 -56.26 -11.20
C GLU A 255 -10.32 -55.87 -11.15
N ARG A 256 -10.73 -55.25 -10.04
CA ARG A 256 -12.13 -54.87 -9.88
C ARG A 256 -12.51 -53.57 -10.55
N HIS A 257 -11.58 -52.61 -10.59
CA HIS A 257 -11.96 -51.24 -10.93
C HIS A 257 -11.23 -50.67 -12.14
N SER A 258 -11.14 -51.44 -13.22
CA SER A 258 -10.50 -50.93 -14.42
C SER A 258 -11.37 -51.03 -15.66
N GLU A 259 -12.70 -51.05 -15.49
CA GLU A 259 -13.58 -51.09 -16.65
C GLU A 259 -13.68 -49.69 -17.27
N PRO A 260 -13.78 -49.62 -18.60
CA PRO A 260 -13.95 -48.35 -19.30
C PRO A 260 -15.18 -47.64 -18.75
N GLY A 261 -15.10 -46.33 -18.48
CA GLY A 261 -16.26 -45.55 -18.07
C GLY A 261 -16.64 -45.59 -16.59
N SER A 262 -15.99 -46.41 -15.79
CA SER A 262 -16.29 -46.47 -14.37
C SER A 262 -15.80 -45.22 -13.65
N PRO A 263 -16.41 -44.90 -12.49
CA PRO A 263 -15.92 -43.77 -11.67
C PRO A 263 -14.44 -43.94 -11.32
N GLU A 264 -14.02 -45.18 -11.09
CA GLU A 264 -12.66 -45.45 -10.68
C GLU A 264 -11.64 -45.21 -11.79
N SER A 265 -12.12 -45.08 -13.02
CA SER A 265 -11.23 -44.77 -14.15
C SER A 265 -10.69 -43.33 -14.07
N SER A 266 -11.21 -42.53 -13.15
CA SER A 266 -10.69 -41.17 -12.92
C SER A 266 -9.44 -41.18 -12.05
N LEU A 267 -9.04 -42.36 -11.55
CA LEU A 267 -7.90 -42.49 -10.65
C LEU A 267 -6.71 -43.16 -11.34
N PHE A 268 -5.49 -42.72 -11.04
CA PHE A 268 -4.29 -43.36 -11.58
C PHE A 268 -3.23 -43.41 -10.51
N ALA A 269 -2.77 -44.62 -10.20
CA ALA A 269 -1.74 -44.79 -9.18
C ALA A 269 -0.41 -45.25 -9.78
N THR A 270 0.69 -44.81 -9.17
CA THR A 270 2.03 -45.22 -9.55
C THR A 270 2.68 -45.66 -8.25
N PHE A 271 3.03 -46.93 -8.15
CA PHE A 271 3.63 -47.44 -6.91
C PHE A 271 5.10 -47.73 -7.16
N PHE A 272 5.97 -46.93 -6.55
CA PHE A 272 7.40 -47.16 -6.69
C PHE A 272 7.81 -48.12 -5.60
N VAL A 273 8.02 -49.37 -5.98
CA VAL A 273 8.37 -50.39 -5.02
C VAL A 273 9.89 -50.51 -5.05
N ASN A 274 10.54 -49.73 -4.20
CA ASN A 274 11.98 -49.51 -4.26
C ASN A 274 12.76 -50.60 -3.57
N HIS A 275 13.98 -50.83 -4.04
CA HIS A 275 14.91 -51.67 -3.29
C HIS A 275 15.06 -51.09 -1.88
N VAL A 276 15.32 -51.96 -0.92
CA VAL A 276 15.36 -51.55 0.50
C VAL A 276 16.39 -50.46 0.78
N SER A 277 17.44 -50.38 0.00
CA SER A 277 18.47 -49.37 0.24
C SER A 277 17.93 -47.95 0.09
N SER A 278 16.77 -47.79 -0.55
CA SER A 278 16.13 -46.47 -0.64
C SER A 278 15.40 -46.12 0.63
N GLY A 279 15.16 -47.14 1.47
CA GLY A 279 14.51 -46.91 2.73
C GLY A 279 13.00 -46.84 2.70
N VAL A 280 12.40 -46.56 1.54
CA VAL A 280 10.96 -46.38 1.49
C VAL A 280 10.31 -46.97 0.24
N LEU A 281 9.01 -47.23 0.33
CA LEU A 281 8.17 -47.40 -0.87
C LEU A 281 7.45 -46.09 -1.05
N GLN A 282 7.13 -45.72 -2.28
CA GLN A 282 6.39 -44.49 -2.50
C GLN A 282 5.22 -44.72 -3.44
N LEU A 283 4.03 -44.38 -2.96
CA LEU A 283 2.81 -44.50 -3.76
C LEU A 283 2.37 -43.11 -4.19
N MET A 284 2.18 -42.91 -5.49
CA MET A 284 1.64 -41.66 -5.98
C MET A 284 0.26 -41.97 -6.53
N VAL A 285 -0.70 -41.10 -6.26
CA VAL A 285 -2.03 -41.28 -6.80
C VAL A 285 -2.57 -39.95 -7.25
N GLN A 286 -3.23 -39.92 -8.41
CA GLN A 286 -3.92 -38.71 -8.77
C GLN A 286 -5.34 -39.06 -9.19
N GLN A 287 -6.25 -38.11 -9.02
CA GLN A 287 -7.63 -38.34 -9.39
C GLN A 287 -8.24 -37.05 -9.90
N ASP A 288 -9.02 -37.17 -10.96
CA ASP A 288 -9.74 -36.06 -11.56
C ASP A 288 -10.70 -35.46 -10.51
N ALA A 289 -10.51 -34.20 -10.17
CA ALA A 289 -11.36 -33.58 -9.13
C ALA A 289 -12.72 -33.09 -9.68
N ASP A 290 -12.84 -32.97 -10.99
CA ASP A 290 -14.13 -32.66 -11.61
C ASP A 290 -15.08 -33.82 -11.42
N VAL A 291 -14.55 -35.02 -11.62
CA VAL A 291 -15.33 -36.23 -11.46
C VAL A 291 -15.67 -36.49 -9.99
N ASP A 292 -14.71 -36.24 -9.09
CA ASP A 292 -14.85 -36.58 -7.68
C ASP A 292 -14.31 -35.44 -6.83
N PRO A 293 -15.12 -34.42 -6.61
CA PRO A 293 -14.68 -33.20 -5.92
C PRO A 293 -14.00 -33.46 -4.59
N GLU A 294 -14.54 -34.39 -3.81
CA GLU A 294 -13.99 -34.68 -2.48
C GLU A 294 -12.82 -35.66 -2.53
N GLY A 295 -12.62 -36.29 -3.70
CA GLY A 295 -11.56 -37.26 -3.85
C GLY A 295 -11.75 -38.45 -2.94
N GLU A 296 -13.00 -38.92 -2.87
CA GLU A 296 -13.36 -40.05 -2.00
C GLU A 296 -12.75 -41.35 -2.49
N ILE A 297 -12.79 -41.57 -3.81
CA ILE A 297 -12.22 -42.79 -4.38
C ILE A 297 -10.74 -42.90 -4.06
N LEU A 298 -10.01 -41.79 -4.22
CA LEU A 298 -8.58 -41.77 -3.92
C LEU A 298 -8.36 -42.12 -2.46
N ALA A 299 -9.10 -41.47 -1.55
CA ALA A 299 -8.91 -41.68 -0.13
C ALA A 299 -9.22 -43.11 0.27
N ARG A 300 -10.29 -43.67 -0.30
CA ARG A 300 -10.63 -45.07 -0.01
C ARG A 300 -9.60 -46.06 -0.54
N PHE A 301 -9.14 -45.83 -1.77
CA PHE A 301 -8.10 -46.66 -2.38
C PHE A 301 -6.86 -46.69 -1.49
N VAL A 302 -6.36 -45.52 -1.12
CA VAL A 302 -5.14 -45.46 -0.34
C VAL A 302 -5.31 -46.15 1.01
N ALA A 303 -6.43 -45.87 1.69
CA ALA A 303 -6.68 -46.46 3.01
C ALA A 303 -6.77 -47.98 2.93
N SER A 304 -7.46 -48.47 1.90
CA SER A 304 -7.64 -49.90 1.74
C SER A 304 -6.32 -50.67 1.64
N LEU A 305 -5.27 -50.07 1.07
CA LEU A 305 -4.06 -50.86 0.83
C LEU A 305 -3.42 -51.37 2.13
N THR A 306 -3.48 -50.54 3.17
CA THR A 306 -2.79 -50.83 4.41
C THR A 306 -3.72 -51.16 5.57
N GLU A 307 -5.02 -51.06 5.34
CA GLU A 307 -6.00 -51.39 6.38
C GLU A 307 -5.69 -52.77 6.94
N GLY A 308 -5.67 -52.87 8.27
CA GLY A 308 -5.35 -54.13 8.91
C GLY A 308 -3.88 -54.24 9.24
N THR A 309 -3.04 -54.03 8.23
CA THR A 309 -1.59 -54.05 8.45
C THR A 309 -1.16 -52.98 9.45
N GLY A 310 0.06 -53.12 9.97
CA GLY A 310 0.62 -52.15 10.89
C GLY A 310 1.40 -51.08 10.15
N VAL A 311 1.29 -51.09 8.83
CA VAL A 311 2.00 -50.13 7.99
C VAL A 311 1.31 -48.76 7.96
N VAL A 312 2.07 -47.72 8.31
CA VAL A 312 1.54 -46.37 8.29
C VAL A 312 2.29 -45.50 7.27
N GLY A 313 1.55 -44.87 6.39
CA GLY A 313 2.14 -44.04 5.35
C GLY A 313 2.16 -42.58 5.77
N ILE A 314 3.10 -41.83 5.20
CA ILE A 314 3.14 -40.40 5.42
C ILE A 314 2.78 -39.66 4.13
N PRO A 315 1.59 -39.05 4.11
CA PRO A 315 1.08 -38.45 2.88
C PRO A 315 1.46 -36.99 2.71
N ARG A 316 1.55 -36.57 1.45
CA ARG A 316 1.67 -35.16 1.12
C ARG A 316 0.94 -34.94 -0.18
N GLY A 317 0.63 -33.70 -0.49
CA GLY A 317 -0.11 -33.40 -1.71
C GLY A 317 -1.25 -32.43 -1.46
N GLY A 318 -2.26 -32.48 -2.32
CA GLY A 318 -3.40 -31.59 -2.20
C GLY A 318 -4.23 -31.60 -3.46
N VAL A 319 -4.85 -30.47 -3.76
CA VAL A 319 -5.65 -30.35 -4.97
C VAL A 319 -5.02 -29.21 -5.74
N MET A 320 -4.69 -29.47 -7.01
CA MET A 320 -3.94 -28.52 -7.80
C MET A 320 -4.62 -28.29 -9.14
N SER A 321 -4.28 -27.18 -9.79
CA SER A 321 -4.76 -26.94 -11.13
C SER A 321 -4.04 -27.92 -12.05
N TRP A 322 -4.49 -28.01 -13.30
CA TRP A 322 -4.06 -29.11 -14.17
C TRP A 322 -2.57 -29.13 -14.48
N LEU A 323 -2.04 -27.99 -14.92
CA LEU A 323 -0.66 -27.98 -15.39
C LEU A 323 0.31 -28.09 -14.21
N THR A 324 0.00 -27.43 -13.11
CA THR A 324 0.83 -27.53 -11.91
C THR A 324 0.78 -28.92 -11.29
N GLY A 325 -0.41 -29.52 -11.24
CA GLY A 325 -0.58 -30.86 -10.70
C GLY A 325 0.11 -31.91 -11.55
N THR A 326 -0.01 -31.78 -12.86
CA THR A 326 0.66 -32.70 -13.77
C THR A 326 2.17 -32.64 -13.56
N ARG A 327 2.72 -31.43 -13.42
CA ARG A 327 4.16 -31.32 -13.22
C ARG A 327 4.57 -31.86 -11.87
N TYR A 328 3.74 -31.64 -10.86
CA TYR A 328 4.04 -32.13 -9.53
C TYR A 328 4.19 -33.66 -9.53
N MET A 329 3.44 -34.32 -10.40
CA MET A 329 3.46 -35.78 -10.46
C MET A 329 4.46 -36.34 -11.49
N SER A 330 5.15 -35.44 -12.19
CA SER A 330 5.98 -35.83 -13.37
C SER A 330 7.48 -35.79 -13.12
N GLN A 331 8.23 -36.38 -14.05
CA GLN A 331 9.71 -36.41 -14.00
C GLN A 331 10.26 -35.58 -15.15
N ALA A 332 11.04 -34.54 -14.85
CA ALA A 332 11.62 -33.75 -15.93
C ALA A 332 13.09 -34.10 -16.20
N ASP A 333 13.67 -33.48 -17.22
CA ASP A 333 15.08 -33.70 -17.54
C ASP A 333 16.01 -32.87 -16.64
N CYS A 334 16.11 -33.25 -15.38
CA CYS A 334 16.96 -32.55 -14.43
C CYS A 334 17.38 -33.48 -13.28
N GLY A 335 18.45 -33.09 -12.58
CA GLY A 335 18.87 -33.85 -11.41
C GLY A 335 19.39 -35.25 -11.72
N ASP A 336 19.20 -36.16 -10.78
CA ASP A 336 19.89 -37.45 -10.78
C ASP A 336 19.51 -38.41 -11.90
N VAL A 337 18.43 -38.13 -12.62
CA VAL A 337 18.05 -39.00 -13.75
C VAL A 337 18.92 -38.71 -14.98
N MET A 338 19.67 -37.60 -14.94
CA MET A 338 20.47 -37.15 -16.08
C MET A 338 21.87 -37.78 -16.10
N GLY A 339 22.33 -38.16 -17.29
CA GLY A 339 23.62 -38.82 -17.44
C GLY A 339 23.78 -40.22 -16.85
N ALA A 340 22.67 -40.89 -16.57
CA ALA A 340 22.74 -42.18 -15.93
C ALA A 340 22.70 -43.33 -16.95
N ARG A 341 23.26 -44.44 -16.54
CA ARG A 341 23.17 -45.67 -17.27
C ARG A 341 21.94 -46.38 -16.70
N SER A 342 21.12 -46.99 -17.55
CA SER A 342 19.96 -47.66 -16.98
C SER A 342 19.49 -48.86 -17.80
N ALA A 343 18.61 -49.64 -17.19
CA ALA A 343 18.02 -50.79 -17.87
C ALA A 343 16.59 -50.90 -17.36
N SER A 344 15.67 -51.19 -18.26
CA SER A 344 14.27 -51.31 -17.87
C SER A 344 13.63 -52.48 -18.61
N LYS A 345 12.73 -53.16 -17.92
CA LYS A 345 11.98 -54.27 -18.50
C LYS A 345 10.52 -53.96 -18.25
N SER A 346 9.62 -54.65 -18.94
CA SER A 346 8.22 -54.32 -18.79
C SER A 346 7.32 -55.54 -18.73
N ALA A 347 6.14 -55.37 -18.17
CA ALA A 347 5.14 -56.46 -18.20
C ALA A 347 3.75 -55.86 -18.14
N TYR A 348 2.83 -56.46 -18.88
CA TYR A 348 1.42 -56.17 -18.77
C TYR A 348 0.78 -57.23 -17.84
N HIS A 349 -0.02 -56.78 -16.89
CA HIS A 349 -0.70 -57.70 -15.99
C HIS A 349 -2.19 -57.70 -16.23
N ARG A 350 -2.73 -58.87 -16.56
CA ARG A 350 -4.18 -59.05 -16.71
C ARG A 350 -4.82 -59.39 -15.36
N ALA A 351 -4.01 -59.93 -14.45
CA ALA A 351 -4.50 -60.31 -13.13
C ALA A 351 -3.41 -60.19 -12.10
N ALA A 352 -3.77 -60.28 -10.81
CA ALA A 352 -2.76 -60.24 -9.75
C ALA A 352 -1.75 -61.35 -9.90
N PRO A 353 -0.47 -61.06 -9.58
CA PRO A 353 0.55 -62.12 -9.49
C PRO A 353 0.23 -62.99 -8.28
N THR A 354 0.80 -64.18 -8.22
CA THR A 354 0.57 -65.04 -7.07
C THR A 354 1.29 -64.50 -5.85
N ASP A 355 0.85 -64.90 -4.66
CA ASP A 355 1.59 -64.51 -3.46
C ASP A 355 3.04 -65.00 -3.52
N GLU A 356 3.26 -66.14 -4.12
CA GLU A 356 4.62 -66.67 -4.25
C GLU A 356 5.49 -65.74 -5.09
N GLN A 357 4.94 -65.21 -6.18
CA GLN A 357 5.65 -64.21 -6.98
C GLN A 357 5.96 -62.97 -6.16
N LEU A 358 5.00 -62.51 -5.37
CA LEU A 358 5.18 -61.30 -4.58
C LEU A 358 6.26 -61.52 -3.52
N SER A 359 6.34 -62.73 -2.97
CA SER A 359 7.46 -63.09 -2.09
C SER A 359 8.82 -63.09 -2.80
N VAL A 360 8.85 -63.51 -4.05
CA VAL A 360 10.09 -63.43 -4.82
C VAL A 360 10.54 -61.98 -4.94
N LEU A 361 9.59 -61.11 -5.30
CA LEU A 361 9.87 -59.70 -5.43
C LEU A 361 10.44 -59.15 -4.12
N HIS A 362 9.79 -59.48 -3.02
CA HIS A 362 10.25 -59.01 -1.71
C HIS A 362 11.69 -59.42 -1.46
N ARG A 363 12.01 -60.68 -1.74
CA ARG A 363 13.37 -61.16 -1.51
C ARG A 363 14.42 -60.39 -2.31
N HIS A 364 14.16 -60.13 -3.60
CA HIS A 364 15.15 -59.42 -4.40
C HIS A 364 15.27 -57.95 -4.02
N LEU A 365 14.18 -57.36 -3.52
CA LEU A 365 14.24 -55.98 -3.04
C LEU A 365 15.05 -55.87 -1.73
N HIS A 366 15.38 -57.01 -1.14
CA HIS A 366 16.23 -57.00 0.05
C HIS A 366 17.63 -57.55 -0.18
N ALA A 367 17.94 -57.89 -1.43
CA ALA A 367 19.26 -58.42 -1.75
C ALA A 367 20.36 -57.40 -1.47
N ASP A 368 21.54 -57.89 -1.10
CA ASP A 368 22.70 -57.03 -0.89
C ASP A 368 23.12 -56.44 -2.23
N HIS A 369 22.64 -55.24 -2.51
CA HIS A 369 22.86 -54.62 -3.82
C HIS A 369 22.70 -53.11 -3.72
N PRO A 370 23.54 -52.37 -4.45
CA PRO A 370 23.45 -50.90 -4.43
C PRO A 370 22.21 -50.39 -5.17
N GLY A 371 21.06 -50.37 -4.48
CA GLY A 371 19.79 -50.18 -5.16
C GLY A 371 19.09 -48.87 -4.94
N GLN A 372 19.85 -47.79 -4.75
CA GLN A 372 19.23 -46.50 -4.49
C GLN A 372 18.43 -45.96 -5.68
N ALA A 373 18.64 -46.52 -6.87
CA ALA A 373 17.78 -46.20 -8.01
C ALA A 373 17.35 -47.49 -8.70
N SER A 374 17.04 -48.50 -7.90
CA SER A 374 16.51 -49.78 -8.39
C SER A 374 15.11 -49.94 -7.84
N TYR A 375 14.14 -50.22 -8.71
CA TYR A 375 12.77 -50.36 -8.26
C TYR A 375 11.91 -51.04 -9.28
N VAL A 376 10.74 -51.50 -8.86
CA VAL A 376 9.69 -51.93 -9.81
C VAL A 376 8.55 -50.92 -9.66
N MET A 377 8.12 -50.35 -10.76
CA MET A 377 7.04 -49.38 -10.73
C MET A 377 5.78 -50.03 -11.24
N PHE A 378 4.71 -50.00 -10.46
CA PHE A 378 3.43 -50.55 -10.90
C PHE A 378 2.45 -49.41 -11.14
N ASN A 379 1.90 -49.34 -12.35
CA ASN A 379 1.00 -48.25 -12.77
C ASN A 379 -0.41 -48.79 -13.05
N SER A 380 -1.42 -48.04 -12.64
CA SER A 380 -2.80 -48.37 -13.02
C SER A 380 -2.88 -48.41 -14.53
N TYR A 381 -3.70 -49.32 -15.06
CA TYR A 381 -3.84 -49.45 -16.50
C TYR A 381 -5.29 -49.78 -16.83
N GLY A 382 -5.58 -50.13 -18.08
CA GLY A 382 -6.95 -50.44 -18.43
C GLY A 382 -7.85 -49.22 -18.57
N GLY A 383 -9.06 -49.31 -18.03
CA GLY A 383 -10.01 -48.23 -18.22
C GLY A 383 -10.26 -48.05 -19.70
N GLU A 384 -10.29 -46.80 -20.14
CA GLU A 384 -10.54 -46.47 -21.53
C GLU A 384 -9.62 -47.17 -22.53
N ILE A 385 -8.38 -47.47 -22.14
CA ILE A 385 -7.50 -48.26 -23.02
C ILE A 385 -8.21 -49.53 -23.53
N ASN A 386 -8.99 -50.12 -22.64
CA ASN A 386 -9.54 -51.44 -22.90
C ASN A 386 -10.84 -51.41 -23.68
N ARG A 387 -11.22 -50.23 -24.15
CA ARG A 387 -12.45 -50.11 -24.95
C ARG A 387 -12.25 -50.68 -26.36
N ARG A 388 -11.03 -50.56 -26.89
CA ARG A 388 -10.75 -50.99 -28.26
C ARG A 388 -10.35 -52.47 -28.36
N GLY A 389 -10.45 -53.02 -29.57
CA GLY A 389 -10.08 -54.40 -29.81
C GLY A 389 -8.60 -54.51 -30.11
N PRO A 390 -8.00 -55.68 -29.83
CA PRO A 390 -6.58 -55.89 -30.04
C PRO A 390 -6.10 -55.58 -31.46
N SER A 391 -6.92 -55.73 -32.50
CA SER A 391 -6.44 -55.49 -33.85
C SER A 391 -6.76 -54.09 -34.38
N ASP A 392 -7.45 -53.27 -33.58
CA ASP A 392 -7.84 -51.93 -34.02
C ASP A 392 -6.62 -51.02 -34.19
N ALA A 393 -5.60 -51.25 -33.38
CA ALA A 393 -4.33 -50.56 -33.51
C ALA A 393 -3.24 -51.61 -33.50
N ALA A 394 -2.00 -51.21 -33.72
CA ALA A 394 -0.91 -52.16 -33.72
C ALA A 394 -0.61 -52.63 -32.30
N VAL A 395 -0.96 -51.82 -31.29
CA VAL A 395 -0.82 -52.25 -29.89
C VAL A 395 -1.87 -53.33 -29.59
N PRO A 396 -1.45 -54.52 -29.13
CA PRO A 396 -2.48 -55.57 -28.97
C PRO A 396 -3.06 -55.74 -27.57
N GLN A 397 -2.44 -55.19 -26.53
CA GLN A 397 -2.91 -55.43 -25.15
C GLN A 397 -4.11 -54.55 -24.77
N ARG A 398 -5.29 -55.15 -24.75
CA ARG A 398 -6.49 -54.35 -24.50
C ARG A 398 -7.35 -54.97 -23.38
N ASP A 399 -6.73 -55.74 -22.51
CA ASP A 399 -7.45 -56.20 -21.33
C ASP A 399 -6.61 -56.29 -20.07
N SER A 400 -5.50 -55.55 -20.04
CA SER A 400 -4.67 -55.52 -18.84
C SER A 400 -5.14 -54.44 -17.86
N VAL A 401 -4.79 -54.59 -16.58
CA VAL A 401 -5.24 -53.65 -15.56
C VAL A 401 -4.11 -53.02 -14.76
N VAL A 402 -2.89 -53.56 -14.86
CA VAL A 402 -1.70 -52.93 -14.24
C VAL A 402 -0.57 -53.09 -15.22
N LYS A 403 0.30 -52.09 -15.32
CA LYS A 403 1.47 -52.17 -16.18
C LYS A 403 2.68 -51.98 -15.29
N SER A 404 3.67 -52.85 -15.38
CA SER A 404 4.86 -52.70 -14.53
C SER A 404 6.12 -52.41 -15.33
N SER A 405 6.99 -51.62 -14.72
CA SER A 405 8.31 -51.30 -15.28
C SER A 405 9.35 -51.71 -14.25
N TRP A 406 10.38 -52.43 -14.68
CA TRP A 406 11.37 -53.01 -13.76
C TRP A 406 12.68 -52.33 -14.08
N PHE A 407 13.22 -51.54 -13.14
CA PHE A 407 14.18 -50.52 -13.49
C PHE A 407 15.41 -50.53 -12.60
N SER A 408 16.56 -50.32 -13.21
CA SER A 408 17.73 -49.96 -12.40
C SER A 408 18.55 -48.89 -13.11
N ALA A 409 19.08 -47.93 -12.36
CA ALA A 409 19.94 -46.90 -12.92
C ALA A 409 21.20 -46.81 -12.07
N TRP A 410 22.31 -46.45 -12.70
CA TRP A 410 23.59 -46.40 -12.00
C TRP A 410 24.54 -45.51 -12.77
N GLN A 411 25.75 -45.29 -12.26
CA GLN A 411 26.65 -44.34 -12.92
C GLN A 411 27.82 -44.94 -13.67
N ASP A 412 28.42 -45.99 -13.11
CA ASP A 412 29.70 -46.51 -13.62
C ASP A 412 29.56 -47.71 -14.54
N ALA A 413 30.19 -47.63 -15.71
CA ALA A 413 30.18 -48.73 -16.67
C ALA A 413 30.68 -50.03 -16.03
N GLU A 414 31.59 -49.93 -15.07
CA GLU A 414 32.15 -51.12 -14.47
C GLU A 414 31.09 -51.87 -13.65
N LEU A 415 29.99 -51.21 -13.33
CA LEU A 415 28.92 -51.89 -12.61
C LEU A 415 27.75 -52.33 -13.49
N ASP A 416 27.92 -52.25 -14.82
CA ASP A 416 26.88 -52.69 -15.75
C ASP A 416 26.41 -54.10 -15.42
N GLU A 417 27.36 -55.02 -15.33
CA GLU A 417 27.04 -56.43 -15.09
C GLU A 417 26.31 -56.64 -13.77
N LEU A 418 26.75 -55.95 -12.73
CA LEU A 418 26.13 -56.05 -11.42
C LEU A 418 24.63 -55.66 -11.49
N HIS A 419 24.35 -54.53 -12.10
CA HIS A 419 22.98 -54.06 -12.16
C HIS A 419 22.11 -54.87 -13.11
N LEU A 420 22.63 -55.20 -14.29
CA LEU A 420 21.92 -56.08 -15.20
C LEU A 420 21.64 -57.40 -14.52
N GLY A 421 22.62 -57.90 -13.77
CA GLY A 421 22.44 -59.17 -13.07
C GLY A 421 21.31 -59.11 -12.04
N TRP A 422 21.23 -58.01 -11.30
CA TRP A 422 20.17 -57.89 -10.30
C TRP A 422 18.79 -57.84 -10.96
N LEU A 423 18.66 -56.99 -11.96
CA LEU A 423 17.40 -56.82 -12.69
C LEU A 423 16.94 -58.12 -13.39
N ARG A 424 17.86 -58.78 -14.09
CA ARG A 424 17.56 -60.04 -14.76
C ARG A 424 17.17 -61.12 -13.76
N GLY A 425 17.91 -61.19 -12.65
CA GLY A 425 17.64 -62.16 -11.62
C GLY A 425 16.23 -62.04 -11.08
N LEU A 426 15.84 -60.80 -10.77
CA LEU A 426 14.49 -60.51 -10.27
C LEU A 426 13.39 -60.84 -11.29
N TYR A 427 13.50 -60.28 -12.49
CA TYR A 427 12.45 -60.42 -13.49
C TYR A 427 12.29 -61.90 -13.84
N GLU A 428 13.42 -62.57 -14.05
CA GLU A 428 13.36 -63.97 -14.48
C GLU A 428 12.82 -64.90 -13.40
N GLU A 429 13.16 -64.65 -12.13
CA GLU A 429 12.58 -65.47 -11.08
C GLU A 429 11.10 -65.15 -10.85
N PHE A 430 10.75 -63.87 -10.88
CA PHE A 430 9.35 -63.47 -10.73
C PHE A 430 8.46 -64.18 -11.77
N PHE A 431 8.96 -64.27 -13.00
CA PHE A 431 8.21 -64.93 -14.09
C PHE A 431 8.69 -66.35 -14.41
N ALA A 432 9.33 -67.00 -13.45
CA ALA A 432 9.95 -68.30 -13.71
C ALA A 432 8.96 -69.36 -14.17
N GLY A 433 7.72 -69.27 -13.67
CA GLY A 433 6.70 -70.25 -14.02
C GLY A 433 6.34 -70.18 -15.50
N THR A 434 6.66 -69.06 -16.14
CA THR A 434 6.39 -68.93 -17.57
C THR A 434 7.64 -68.59 -18.35
N GLY A 435 8.72 -69.30 -18.09
CA GLY A 435 9.92 -69.17 -18.89
C GLY A 435 10.72 -67.93 -18.63
N GLY A 436 10.42 -67.22 -17.55
CA GLY A 436 11.16 -66.02 -17.21
C GLY A 436 10.67 -64.74 -17.85
N VAL A 437 9.53 -64.80 -18.51
CA VAL A 437 8.95 -63.63 -19.19
C VAL A 437 7.46 -63.57 -18.95
N PRO A 438 6.87 -62.37 -19.07
CA PRO A 438 5.42 -62.26 -18.87
C PRO A 438 4.68 -62.69 -20.14
N VAL A 439 4.51 -63.98 -20.32
CA VAL A 439 3.94 -64.52 -21.54
C VAL A 439 2.55 -63.94 -21.77
N THR A 440 2.09 -63.97 -23.01
CA THR A 440 0.79 -63.43 -23.31
C THR A 440 -0.33 -64.40 -22.97
N GLY A 441 -1.51 -63.86 -22.75
CA GLY A 441 -2.72 -64.67 -22.60
C GLY A 441 -2.94 -65.41 -21.30
N GLY A 442 -2.22 -65.04 -20.25
CA GLY A 442 -2.38 -65.66 -18.94
C GLY A 442 -2.68 -64.63 -17.86
N ARG A 443 -1.95 -64.70 -16.75
CA ARG A 443 -1.97 -63.63 -15.76
C ARG A 443 -1.30 -62.38 -16.35
N THR A 444 -0.50 -62.55 -17.39
CA THR A 444 0.19 -61.42 -18.02
C THR A 444 -0.19 -61.32 -19.48
N ASP A 445 0.25 -60.25 -20.14
CA ASP A 445 -0.02 -60.10 -21.56
C ASP A 445 1.14 -59.51 -22.32
N GLY A 446 2.35 -59.95 -22.00
CA GLY A 446 3.48 -59.53 -22.78
C GLY A 446 4.09 -58.21 -22.31
N CYS A 447 4.63 -57.48 -23.28
CA CYS A 447 5.54 -56.36 -23.00
C CYS A 447 5.22 -55.18 -23.90
N TYR A 448 5.75 -54.01 -23.54
CA TYR A 448 5.45 -52.76 -24.23
C TYR A 448 6.68 -52.32 -25.03
N ILE A 449 6.50 -52.10 -26.35
CA ILE A 449 7.62 -51.84 -27.24
C ILE A 449 8.38 -50.56 -26.90
N ASN A 450 7.75 -49.65 -26.15
CA ASN A 450 8.45 -48.42 -25.75
C ASN A 450 9.36 -48.61 -24.55
N TYR A 451 9.32 -49.81 -23.98
CA TYR A 451 10.33 -50.26 -23.01
C TYR A 451 11.03 -51.52 -23.55
N PRO A 452 11.72 -51.38 -24.68
CA PRO A 452 12.23 -52.53 -25.40
C PRO A 452 13.35 -53.22 -24.61
N ASP A 453 13.37 -54.55 -24.68
CA ASP A 453 14.25 -55.34 -23.83
C ASP A 453 14.95 -56.41 -24.67
N ALA A 454 16.20 -56.16 -25.01
CA ALA A 454 16.92 -57.04 -25.93
C ALA A 454 17.18 -58.41 -25.33
N ASP A 455 17.05 -58.53 -24.01
CA ASP A 455 17.20 -59.84 -23.40
C ASP A 455 16.15 -60.80 -23.90
N LEU A 456 15.02 -60.29 -24.41
CA LEU A 456 13.97 -61.20 -24.87
C LEU A 456 14.43 -61.99 -26.11
N LEU A 457 15.57 -61.59 -26.67
CA LEU A 457 16.12 -62.25 -27.85
C LEU A 457 17.06 -63.42 -27.51
N ASP A 458 17.42 -63.55 -26.24
CA ASP A 458 18.40 -64.56 -25.83
C ASP A 458 17.74 -65.73 -25.10
N PRO A 459 18.00 -66.95 -25.58
CA PRO A 459 17.38 -68.12 -24.93
C PRO A 459 17.78 -68.34 -23.46
N ALA A 460 18.94 -67.85 -23.05
CA ALA A 460 19.30 -67.96 -21.62
C ALA A 460 18.33 -67.13 -20.75
N ARG A 461 17.74 -66.09 -21.33
CA ARG A 461 16.90 -65.15 -20.55
C ARG A 461 15.40 -65.45 -20.76
N ASN A 462 15.06 -65.89 -21.97
CA ASN A 462 13.66 -66.13 -22.33
C ASN A 462 13.51 -67.60 -22.70
N ARG A 463 12.91 -68.37 -21.80
CA ARG A 463 12.74 -69.80 -22.03
C ARG A 463 11.28 -70.14 -22.30
N SER A 464 10.49 -69.14 -22.67
CA SER A 464 9.06 -69.31 -22.86
C SER A 464 8.67 -69.84 -24.23
N GLY A 465 9.56 -69.71 -25.21
CA GLY A 465 9.26 -70.12 -26.57
C GLY A 465 8.47 -69.05 -27.31
N GLU A 466 8.09 -68.00 -26.59
CA GLU A 466 7.40 -66.87 -27.19
C GLU A 466 8.42 -65.82 -27.60
N PRO A 467 8.52 -65.56 -28.90
CA PRO A 467 9.52 -64.62 -29.41
C PRO A 467 9.16 -63.16 -29.09
N TRP A 468 10.15 -62.28 -29.13
CA TRP A 468 10.00 -60.89 -28.75
C TRP A 468 8.82 -60.28 -29.51
N HIS A 469 8.70 -60.58 -30.81
CA HIS A 469 7.67 -59.92 -31.61
C HIS A 469 6.27 -60.33 -31.22
N HIS A 470 6.12 -61.52 -30.65
CA HIS A 470 4.80 -61.90 -30.14
C HIS A 470 4.52 -61.28 -28.77
N LEU A 471 5.54 -61.17 -27.92
CA LEU A 471 5.35 -60.52 -26.62
C LEU A 471 4.94 -59.06 -26.82
N TYR A 472 5.45 -58.41 -27.87
CA TYR A 472 5.17 -56.97 -28.04
C TYR A 472 3.96 -56.69 -28.91
N TYR A 473 3.76 -57.52 -29.93
CA TYR A 473 2.74 -57.22 -30.91
C TYR A 473 1.66 -58.31 -31.07
N LYS A 474 1.82 -59.43 -30.37
CA LYS A 474 0.93 -60.59 -30.49
C LYS A 474 0.54 -60.86 -31.94
N ASP A 475 -0.75 -61.00 -32.21
CA ASP A 475 -1.16 -61.36 -33.58
C ASP A 475 -1.16 -60.20 -34.57
N ASN A 476 -0.73 -59.01 -34.15
CA ASN A 476 -0.60 -57.89 -35.08
C ASN A 476 0.72 -57.91 -35.83
N TYR A 477 1.63 -58.81 -35.48
CA TYR A 477 2.94 -58.81 -36.14
C TYR A 477 2.86 -59.06 -37.64
N ALA A 478 2.00 -59.97 -38.08
CA ALA A 478 1.93 -60.29 -39.51
C ALA A 478 1.57 -59.06 -40.32
N ARG A 479 0.61 -58.28 -39.84
CA ARG A 479 0.18 -57.09 -40.56
C ARG A 479 1.29 -56.02 -40.55
N LEU A 480 2.02 -55.94 -39.45
CA LEU A 480 3.17 -55.04 -39.36
C LEU A 480 4.25 -55.43 -40.37
N ARG A 481 4.55 -56.72 -40.48
CA ARG A 481 5.56 -57.15 -41.45
C ARG A 481 5.15 -56.80 -42.89
N SER A 482 3.87 -56.95 -43.19
CA SER A 482 3.34 -56.60 -44.50
C SER A 482 3.52 -55.12 -44.78
N ALA A 483 3.23 -54.29 -43.79
CA ALA A 483 3.38 -52.85 -43.93
C ALA A 483 4.86 -52.51 -44.12
N LYS A 484 5.73 -53.20 -43.40
CA LYS A 484 7.16 -53.00 -43.51
C LYS A 484 7.65 -53.31 -44.93
N ARG A 485 7.23 -54.46 -45.45
CA ARG A 485 7.59 -54.84 -46.83
C ARG A 485 7.12 -53.81 -47.85
N ALA A 486 5.90 -53.32 -47.67
CA ALA A 486 5.32 -52.34 -48.59
C ALA A 486 6.01 -50.99 -48.56
N TRP A 487 6.33 -50.50 -47.36
CA TRP A 487 6.76 -49.13 -47.18
C TRP A 487 8.26 -48.90 -46.92
N ASP A 488 8.96 -49.93 -46.46
CA ASP A 488 10.41 -49.84 -46.31
C ASP A 488 11.06 -51.09 -46.92
N PRO A 489 10.86 -51.29 -48.23
CA PRO A 489 11.28 -52.57 -48.85
C PRO A 489 12.79 -52.81 -48.79
N LEU A 490 13.59 -51.76 -48.69
CA LEU A 490 15.03 -51.92 -48.64
C LEU A 490 15.55 -52.06 -47.20
N ASN A 491 14.64 -52.07 -46.23
CA ASN A 491 15.05 -52.14 -44.82
C ASN A 491 16.01 -51.00 -44.50
N THR A 492 15.69 -49.81 -44.98
CA THR A 492 16.47 -48.63 -44.68
C THR A 492 16.46 -48.33 -43.17
N PHE A 493 15.33 -48.62 -42.52
CA PHE A 493 15.17 -48.28 -41.12
C PHE A 493 15.15 -49.57 -40.33
N HIS A 494 16.19 -49.78 -39.52
CA HIS A 494 16.34 -51.04 -38.82
C HIS A 494 17.16 -50.84 -37.57
N HIS A 495 17.02 -51.75 -36.62
CA HIS A 495 17.78 -51.76 -35.38
C HIS A 495 17.64 -53.16 -34.79
N SER A 496 18.10 -53.35 -33.56
CA SER A 496 18.17 -54.71 -33.00
C SER A 496 16.79 -55.35 -32.79
N MET A 497 15.74 -54.54 -32.75
CA MET A 497 14.40 -55.07 -32.51
C MET A 497 13.40 -54.47 -33.49
N SER A 498 13.83 -54.35 -34.74
CA SER A 498 12.96 -53.76 -35.74
C SER A 498 12.11 -54.85 -36.42
N ILE A 499 10.95 -54.45 -36.91
CA ILE A 499 10.03 -55.37 -37.58
C ILE A 499 10.73 -56.01 -38.77
N GLY A 500 10.60 -57.33 -38.91
CA GLY A 500 11.29 -58.03 -39.98
C GLY A 500 10.57 -57.94 -41.33
N LEU A 501 11.31 -57.85 -42.42
CA LEU A 501 10.69 -57.99 -43.74
C LEU A 501 10.03 -59.36 -43.84
N PRO B 9 -30.88 18.19 4.90
CA PRO B 9 -31.05 17.17 3.86
C PRO B 9 -29.71 16.64 3.37
N PRO B 10 -29.65 15.35 3.07
CA PRO B 10 -28.41 14.72 2.59
C PRO B 10 -28.19 15.02 1.10
N PHE B 11 -26.94 15.22 0.72
CA PHE B 11 -26.62 15.48 -0.68
C PHE B 11 -25.22 15.01 -1.05
N THR B 12 -24.93 15.01 -2.34
CA THR B 12 -23.68 14.49 -2.85
C THR B 12 -22.95 15.60 -3.57
N VAL B 13 -21.62 15.62 -3.43
CA VAL B 13 -20.78 16.61 -4.10
C VAL B 13 -19.78 15.88 -5.00
N GLY B 14 -20.01 15.93 -6.31
CA GLY B 14 -19.14 15.23 -7.25
C GLY B 14 -18.06 16.13 -7.80
N ARG B 15 -17.20 15.57 -8.65
CA ARG B 15 -16.02 16.27 -9.13
C ARG B 15 -16.31 17.56 -9.89
N GLU B 16 -17.53 17.68 -10.41
CA GLU B 16 -17.88 18.86 -11.22
C GLU B 16 -18.53 19.97 -10.39
N ASP B 17 -18.82 19.66 -9.14
CA ASP B 17 -19.46 20.61 -8.22
C ASP B 17 -18.41 21.55 -7.66
N PRO B 18 -18.69 22.85 -7.63
CA PRO B 18 -17.67 23.82 -7.18
C PRO B 18 -17.28 23.64 -5.70
N ARG B 19 -18.12 22.98 -4.92
CA ARG B 19 -17.78 22.73 -3.51
C ARG B 19 -16.73 21.63 -3.34
N TYR B 20 -16.48 20.88 -4.40
CA TYR B 20 -15.52 19.78 -4.35
C TYR B 20 -14.14 20.28 -3.98
N ILE B 21 -13.77 21.45 -4.47
CA ILE B 21 -12.43 21.95 -4.24
C ILE B 21 -12.16 22.15 -2.75
N GLU B 22 -13.09 22.78 -2.05
CA GLU B 22 -12.94 22.95 -0.60
C GLU B 22 -12.93 21.59 0.11
N LEU B 23 -13.79 20.68 -0.31
CA LEU B 23 -13.86 19.38 0.36
C LEU B 23 -12.61 18.52 0.10
N SER B 24 -11.91 18.82 -1.00
CA SER B 24 -10.76 18.03 -1.41
C SER B 24 -9.57 18.21 -0.49
N HIS B 25 -9.70 19.10 0.49
CA HIS B 25 -8.62 19.35 1.42
C HIS B 25 -9.08 19.21 2.87
N SER B 26 -8.31 18.46 3.65
CA SER B 26 -8.54 18.38 5.08
C SER B 26 -7.71 19.50 5.70
N ASP B 27 -7.54 19.49 7.02
CA ASP B 27 -6.79 20.58 7.64
C ASP B 27 -5.34 20.59 7.18
N ASN B 28 -4.72 19.41 7.01
CA ASN B 28 -3.31 19.29 6.61
C ASN B 28 -3.23 19.31 5.10
N HIS B 29 -2.76 20.41 4.54
CA HIS B 29 -2.74 20.54 3.09
C HIS B 29 -1.64 19.76 2.37
N ARG B 30 -0.83 18.99 3.10
CA ARG B 30 0.09 18.04 2.45
C ARG B 30 -0.65 16.96 1.70
N PHE B 31 -1.91 16.72 2.08
CA PHE B 31 -2.61 15.57 1.55
C PHE B 31 -3.86 16.05 0.84
N VAL B 32 -4.31 15.30 -0.15
CA VAL B 32 -5.52 15.69 -0.85
C VAL B 32 -6.51 14.55 -0.78
N VAL B 33 -7.80 14.88 -0.81
CA VAL B 33 -8.86 13.88 -0.73
C VAL B 33 -9.66 14.02 -2.01
N GLU B 34 -9.47 13.09 -2.94
CA GLU B 34 -10.09 13.19 -4.26
C GLU B 34 -10.89 11.94 -4.65
N PRO B 35 -12.07 11.77 -4.04
CA PRO B 35 -12.92 10.63 -4.36
C PRO B 35 -13.73 10.93 -5.61
N GLU B 36 -14.48 9.96 -6.11
CA GLU B 36 -15.42 10.25 -7.18
C GLU B 36 -16.48 11.19 -6.64
N GLU B 37 -16.87 11.01 -5.38
CA GLU B 37 -17.80 11.94 -4.79
C GLU B 37 -17.73 11.97 -3.26
N PHE B 38 -18.18 13.08 -2.70
CA PHE B 38 -18.37 13.20 -1.26
C PHE B 38 -19.86 13.07 -0.98
N PHE B 39 -20.21 12.33 0.06
CA PHE B 39 -21.60 12.29 0.48
C PHE B 39 -21.70 12.96 1.84
N LEU B 40 -22.73 13.79 2.01
CA LEU B 40 -22.92 14.55 3.25
C LEU B 40 -24.21 14.13 3.92
N PRO B 41 -24.15 13.06 4.73
CA PRO B 41 -25.34 12.50 5.39
C PRO B 41 -25.94 13.47 6.39
N ALA B 42 -27.24 13.39 6.60
CA ALA B 42 -27.88 14.21 7.63
C ALA B 42 -28.23 13.40 8.86
N THR B 43 -28.31 12.08 8.71
CA THR B 43 -28.72 11.21 9.82
C THR B 43 -27.90 9.94 9.80
N PRO B 44 -27.90 9.21 10.92
CA PRO B 44 -27.26 7.89 10.94
C PRO B 44 -27.82 6.95 9.86
N ASP B 45 -29.13 7.01 9.59
CA ASP B 45 -29.71 6.19 8.54
C ASP B 45 -29.11 6.51 7.16
N ASP B 46 -28.85 7.79 6.89
CA ASP B 46 -28.21 8.20 5.65
C ASP B 46 -26.83 7.56 5.52
N VAL B 47 -26.09 7.51 6.62
CA VAL B 47 -24.79 6.88 6.63
C VAL B 47 -24.90 5.40 6.24
N VAL B 48 -25.83 4.69 6.87
CA VAL B 48 -26.01 3.27 6.61
C VAL B 48 -26.35 3.03 5.13
N ALA B 49 -27.29 3.81 4.60
CA ALA B 49 -27.76 3.60 3.24
C ALA B 49 -26.64 3.90 2.24
N SER B 50 -25.85 4.92 2.53
CA SER B 50 -24.75 5.32 1.66
C SER B 50 -23.64 4.28 1.62
N LEU B 51 -23.24 3.79 2.80
CA LEU B 51 -22.26 2.72 2.89
C LEU B 51 -22.76 1.45 2.21
N GLN B 52 -24.03 1.09 2.42
CA GLN B 52 -24.59 -0.14 1.87
C GLN B 52 -24.47 -0.14 0.35
N LYS B 53 -24.88 0.97 -0.26
CA LYS B 53 -24.83 1.11 -1.71
C LYS B 53 -23.40 0.89 -2.18
N ALA B 54 -22.47 1.52 -1.50
CA ALA B 54 -21.08 1.47 -1.89
C ALA B 54 -20.47 0.09 -1.73
N VAL B 55 -20.72 -0.57 -0.61
CA VAL B 55 -20.10 -1.86 -0.40
C VAL B 55 -20.71 -2.89 -1.34
N THR B 56 -22.00 -2.75 -1.65
CA THR B 56 -22.67 -3.69 -2.54
C THR B 56 -22.04 -3.59 -3.93
N GLU B 57 -21.69 -2.38 -4.33
CA GLU B 57 -21.13 -2.15 -5.65
C GLU B 57 -19.60 -2.28 -5.66
N GLY B 58 -19.04 -2.71 -4.54
CA GLY B 58 -17.60 -2.88 -4.44
C GLY B 58 -16.78 -1.60 -4.46
N ARG B 59 -17.39 -0.47 -4.09
CA ARG B 59 -16.69 0.82 -4.12
C ARG B 59 -15.94 1.05 -2.80
N GLY B 60 -14.76 1.66 -2.88
CA GLY B 60 -13.96 1.96 -1.69
C GLY B 60 -14.45 3.18 -0.94
N VAL B 61 -14.48 3.12 0.40
CA VAL B 61 -15.09 4.19 1.18
C VAL B 61 -14.18 4.63 2.31
N ALA B 62 -14.37 5.87 2.77
CA ALA B 62 -13.77 6.35 4.01
C ALA B 62 -14.67 7.45 4.55
N CYS B 63 -14.47 7.82 5.81
CA CYS B 63 -15.24 8.93 6.33
C CYS B 63 -14.32 10.01 6.88
N ARG B 64 -14.91 11.15 7.19
CA ARG B 64 -14.18 12.28 7.72
C ARG B 64 -15.11 13.06 8.63
N SER B 65 -14.58 13.48 9.78
N SER B 65 -14.59 13.50 9.76
CA SER B 65 -15.36 14.34 10.64
CA SER B 65 -15.38 14.29 10.70
C SER B 65 -14.75 15.73 10.61
C SER B 65 -14.86 15.73 10.73
N GLY B 66 -13.82 16.00 11.51
CA GLY B 66 -13.24 17.34 11.59
C GLY B 66 -12.10 17.61 10.62
N GLY B 67 -11.59 16.56 9.99
CA GLY B 67 -10.49 16.73 9.05
C GLY B 67 -9.14 17.02 9.65
N HIS B 68 -8.95 16.73 10.94
CA HIS B 68 -7.68 17.04 11.58
C HIS B 68 -6.58 15.97 11.50
N CYS B 69 -6.81 14.89 10.75
CA CYS B 69 -5.86 13.80 10.67
C CYS B 69 -4.44 14.30 10.41
N GLY B 70 -3.48 13.85 11.20
CA GLY B 70 -2.09 14.19 10.92
C GLY B 70 -1.54 13.48 9.68
N GLN B 71 -2.25 12.46 9.20
CA GLN B 71 -1.78 11.70 8.04
C GLN B 71 -2.82 11.70 6.92
N ASP B 72 -2.57 10.93 5.87
CA ASP B 72 -3.44 10.91 4.69
C ASP B 72 -4.50 9.79 4.75
N PHE B 73 -4.98 9.48 5.95
CA PHE B 73 -5.86 8.31 6.14
C PHE B 73 -7.16 8.41 5.38
N VAL B 74 -7.72 9.61 5.26
CA VAL B 74 -9.02 9.74 4.62
C VAL B 74 -8.94 9.49 3.11
N GLY B 75 -7.99 10.15 2.46
CA GLY B 75 -7.91 10.15 1.00
C GLY B 75 -6.97 9.15 0.36
N THR B 76 -6.24 8.38 1.18
CA THR B 76 -5.30 7.39 0.67
C THR B 76 -5.44 6.08 1.44
N PRO B 77 -5.54 4.93 0.73
CA PRO B 77 -5.57 4.76 -0.73
C PRO B 77 -6.77 5.45 -1.35
N ARG B 78 -6.74 5.66 -2.66
CA ARG B 78 -7.84 6.32 -3.37
C ARG B 78 -9.19 5.74 -3.00
N ARG B 79 -10.17 6.60 -2.78
CA ARG B 79 -11.52 6.18 -2.40
C ARG B 79 -12.46 6.53 -3.52
N ASP B 80 -13.53 5.75 -3.67
CA ASP B 80 -14.59 6.12 -4.59
C ASP B 80 -15.54 7.08 -3.90
N LEU B 81 -15.74 6.86 -2.61
CA LEU B 81 -16.71 7.65 -1.85
C LEU B 81 -16.12 8.08 -0.50
N VAL B 82 -16.25 9.36 -0.19
CA VAL B 82 -15.94 9.81 1.17
C VAL B 82 -17.19 10.38 1.83
N LEU B 83 -17.54 9.87 3.00
CA LEU B 83 -18.66 10.41 3.78
C LEU B 83 -18.11 11.50 4.67
N ASP B 84 -18.58 12.72 4.48
CA ASP B 84 -18.16 13.88 5.31
C ASP B 84 -19.26 14.09 6.34
N LEU B 85 -18.92 13.96 7.63
CA LEU B 85 -19.90 13.79 8.69
C LEU B 85 -20.32 15.07 9.44
N HIS B 86 -19.89 16.24 8.98
CA HIS B 86 -20.08 17.44 9.79
C HIS B 86 -21.53 17.83 10.08
N ASN B 87 -22.48 17.31 9.31
CA ASN B 87 -23.87 17.61 9.64
C ASN B 87 -24.37 16.78 10.81
N LEU B 88 -23.64 15.72 11.16
CA LEU B 88 -24.11 14.87 12.26
C LEU B 88 -23.57 15.44 13.56
N HIS B 89 -24.10 16.58 13.99
CA HIS B 89 -23.50 17.26 15.13
C HIS B 89 -24.49 17.54 16.27
N ALA B 90 -25.58 16.79 16.32
CA ALA B 90 -26.57 17.02 17.36
C ALA B 90 -26.02 16.63 18.72
N ILE B 91 -26.35 17.42 19.74
CA ILE B 91 -25.97 17.10 21.11
C ILE B 91 -27.24 17.12 21.96
N GLY B 92 -27.43 16.12 22.80
CA GLY B 92 -28.64 16.10 23.62
C GLY B 92 -28.55 15.04 24.69
N PRO B 93 -29.50 15.07 25.62
CA PRO B 93 -29.55 14.05 26.67
C PRO B 93 -29.71 12.67 26.07
N ALA B 94 -28.98 11.69 26.58
CA ALA B 94 -29.04 10.32 26.07
C ALA B 94 -30.42 9.71 26.33
N ALA B 95 -30.85 8.86 25.40
CA ALA B 95 -32.13 8.19 25.53
C ALA B 95 -31.92 6.75 26.00
N ASP B 96 -31.92 6.56 27.32
CA ASP B 96 -32.12 7.65 28.25
C ASP B 96 -32.30 7.13 29.68
N GLY B 97 -32.21 8.04 30.65
CA GLY B 97 -31.96 9.43 30.37
C GLY B 97 -30.69 9.93 31.03
N ALA B 98 -29.73 9.03 31.20
CA ALA B 98 -28.45 9.38 31.82
C ALA B 98 -27.36 9.51 30.76
N GLY B 99 -26.54 10.55 30.89
CA GLY B 99 -25.46 10.79 29.95
C GLY B 99 -25.90 11.70 28.81
N VAL B 100 -24.99 11.97 27.89
CA VAL B 100 -25.29 12.85 26.78
C VAL B 100 -24.84 12.23 25.46
N ARG B 101 -25.68 12.32 24.45
CA ARG B 101 -25.33 11.82 23.12
C ARG B 101 -24.74 12.93 22.27
N VAL B 102 -23.63 12.64 21.58
CA VAL B 102 -22.95 13.63 20.72
C VAL B 102 -22.73 13.03 19.32
N GLY B 103 -23.25 13.66 18.27
CA GLY B 103 -23.01 13.20 16.92
C GLY B 103 -21.53 13.25 16.61
N SER B 104 -21.06 12.33 15.78
CA SER B 104 -19.61 12.23 15.53
C SER B 104 -19.06 13.37 14.70
N GLY B 105 -19.95 14.11 14.02
CA GLY B 105 -19.53 15.26 13.26
C GLY B 105 -19.43 16.55 14.04
N ALA B 106 -19.79 16.52 15.33
CA ALA B 106 -19.66 17.73 16.16
C ALA B 106 -18.18 18.06 16.31
N THR B 107 -17.85 19.34 16.38
CA THR B 107 -16.47 19.76 16.69
C THR B 107 -16.31 19.96 18.19
N VAL B 108 -15.06 20.01 18.64
CA VAL B 108 -14.78 20.32 20.04
C VAL B 108 -15.46 21.62 20.45
N ASP B 109 -15.40 22.65 19.62
CA ASP B 109 -16.03 23.93 19.95
C ASP B 109 -17.53 23.77 20.19
N GLN B 110 -18.21 23.02 19.32
CA GLN B 110 -19.65 22.83 19.48
C GLN B 110 -19.96 22.09 20.75
N VAL B 111 -19.15 21.08 21.05
CA VAL B 111 -19.42 20.28 22.26
C VAL B 111 -19.12 21.11 23.52
N GLN B 112 -18.00 21.82 23.53
CA GLN B 112 -17.66 22.63 24.70
C GLN B 112 -18.76 23.64 25.04
N LYS B 113 -19.23 24.35 24.02
CA LYS B 113 -20.29 25.35 24.20
C LYS B 113 -21.60 24.70 24.66
N ALA B 114 -21.99 23.60 24.04
CA ALA B 114 -23.25 22.94 24.41
C ALA B 114 -23.21 22.39 25.83
N LEU B 115 -22.14 21.69 26.18
CA LEU B 115 -22.06 21.10 27.52
C LEU B 115 -22.09 22.19 28.58
N PHE B 116 -21.32 23.25 28.36
CA PHE B 116 -21.27 24.35 29.31
C PHE B 116 -22.60 25.10 29.41
N ARG B 117 -23.10 25.56 28.27
CA ARG B 117 -24.31 26.37 28.24
C ARG B 117 -25.53 25.64 28.80
N ARG B 118 -25.64 24.36 28.50
CA ARG B 118 -26.85 23.62 28.88
C ARG B 118 -26.79 23.02 30.26
N TRP B 119 -25.61 22.56 30.66
CA TRP B 119 -25.50 21.79 31.89
C TRP B 119 -24.35 22.18 32.79
N ASN B 120 -23.66 23.28 32.49
CA ASN B 120 -22.46 23.64 33.25
C ASN B 120 -21.51 22.46 33.32
N ALA B 121 -21.40 21.72 32.23
CA ALA B 121 -20.60 20.50 32.22
C ALA B 121 -19.37 20.69 31.37
N ALA B 122 -18.41 19.78 31.51
CA ALA B 122 -17.17 19.82 30.71
C ALA B 122 -16.64 18.42 30.56
N LEU B 123 -16.06 18.13 29.39
CA LEU B 123 -15.31 16.88 29.19
C LEU B 123 -13.89 17.26 28.86
N PRO B 124 -12.94 16.32 28.99
CA PRO B 124 -11.53 16.67 28.77
C PRO B 124 -11.15 16.68 27.28
N LEU B 125 -11.83 17.53 26.52
CA LEU B 125 -11.61 17.64 25.09
C LEU B 125 -10.33 18.44 24.87
N GLY B 126 -9.78 18.36 23.66
CA GLY B 126 -8.49 18.96 23.42
C GLY B 126 -8.46 20.47 23.30
N ALA B 127 -7.29 20.99 22.98
CA ALA B 127 -7.06 22.43 22.97
C ALA B 127 -7.31 23.04 21.60
N CYS B 128 -7.74 22.22 20.64
CA CYS B 128 -8.02 22.73 19.29
C CYS B 128 -9.51 22.63 19.01
N SER B 129 -10.17 23.76 18.82
CA SER B 129 -11.63 23.72 18.84
C SER B 129 -12.24 23.22 17.53
N ALA B 130 -11.45 23.09 16.46
CA ALA B 130 -12.00 22.59 15.20
C ALA B 130 -11.91 21.07 15.02
N VAL B 131 -11.28 20.37 15.95
CA VAL B 131 -11.15 18.92 15.87
C VAL B 131 -12.53 18.26 15.92
N GLY B 132 -12.74 17.21 15.14
CA GLY B 132 -14.02 16.51 15.16
C GLY B 132 -14.06 15.42 16.21
N MET B 133 -15.25 15.17 16.77
CA MET B 133 -15.38 14.13 17.76
C MET B 133 -15.06 12.75 17.17
N GLY B 134 -15.41 12.55 15.90
CA GLY B 134 -15.15 11.28 15.23
C GLY B 134 -13.76 10.72 15.52
N GLY B 135 -12.72 11.40 15.04
CA GLY B 135 -11.38 10.89 15.23
C GLY B 135 -10.86 11.10 16.63
N LEU B 136 -11.20 12.24 17.26
CA LEU B 136 -10.66 12.53 18.57
C LEU B 136 -11.00 11.43 19.57
N VAL B 137 -12.27 11.08 19.64
CA VAL B 137 -12.73 10.14 20.66
C VAL B 137 -12.15 8.74 20.44
N ALA B 138 -12.24 8.25 19.22
CA ALA B 138 -11.79 6.91 18.89
C ALA B 138 -10.32 6.70 19.24
N GLY B 139 -9.51 7.77 19.17
CA GLY B 139 -8.09 7.66 19.45
C GLY B 139 -7.72 7.86 20.93
N GLY B 140 -8.67 8.28 21.75
CA GLY B 140 -8.38 8.49 23.16
C GLY B 140 -8.84 9.86 23.66
N GLY B 141 -8.15 10.91 23.25
CA GLY B 141 -8.60 12.26 23.52
C GLY B 141 -8.08 12.79 24.84
N TYR B 142 -7.15 13.74 24.79
CA TYR B 142 -6.74 14.37 26.04
C TYR B 142 -6.80 15.87 25.87
N GLY B 143 -6.81 16.58 27.00
CA GLY B 143 -6.87 18.03 26.94
C GLY B 143 -6.48 18.65 28.25
N PRO B 144 -6.63 19.97 28.34
CA PRO B 144 -6.27 20.72 29.55
C PRO B 144 -6.93 20.17 30.81
N LEU B 145 -8.12 19.58 30.70
CA LEU B 145 -8.78 19.07 31.91
C LEU B 145 -8.47 17.62 32.24
N SER B 146 -7.60 16.96 31.48
CA SER B 146 -7.38 15.52 31.66
C SER B 146 -6.73 15.17 32.98
N ARG B 147 -5.95 16.07 33.57
CA ARG B 147 -5.38 15.70 34.87
C ARG B 147 -6.45 15.64 35.96
N GLN B 148 -7.58 16.31 35.74
CA GLN B 148 -8.73 16.16 36.62
C GLN B 148 -9.73 15.10 36.17
N LEU B 149 -9.92 14.97 34.85
CA LEU B 149 -11.03 14.17 34.33
C LEU B 149 -10.63 12.91 33.56
N GLY B 150 -9.34 12.72 33.26
CA GLY B 150 -8.92 11.56 32.49
C GLY B 150 -8.99 11.82 30.98
N LEU B 151 -9.02 10.75 30.19
CA LEU B 151 -9.15 10.87 28.75
C LEU B 151 -10.61 10.96 28.38
N VAL B 152 -10.92 11.45 27.19
CA VAL B 152 -12.31 11.49 26.76
C VAL B 152 -12.92 10.08 26.77
N VAL B 153 -12.16 9.08 26.36
CA VAL B 153 -12.68 7.71 26.33
C VAL B 153 -13.01 7.18 27.73
N ASP B 154 -12.46 7.81 28.76
CA ASP B 154 -12.77 7.41 30.13
C ASP B 154 -14.19 7.80 30.53
N HIS B 155 -14.85 8.57 29.67
CA HIS B 155 -16.25 9.00 29.90
C HIS B 155 -17.20 8.38 28.90
N LEU B 156 -16.69 7.47 28.06
CA LEU B 156 -17.50 6.93 26.98
C LEU B 156 -18.42 5.87 27.54
N HIS B 157 -19.70 5.99 27.21
CA HIS B 157 -20.69 5.01 27.66
C HIS B 157 -21.20 4.15 26.51
N ALA B 158 -21.31 4.74 25.33
CA ALA B 158 -21.74 3.93 24.17
C ALA B 158 -21.16 4.46 22.89
N VAL B 159 -21.09 3.63 21.86
CA VAL B 159 -20.75 4.10 20.53
C VAL B 159 -21.77 3.52 19.56
N GLU B 160 -22.32 4.36 18.71
CA GLU B 160 -23.24 3.94 17.66
C GLU B 160 -22.44 3.97 16.38
N VAL B 161 -22.32 2.83 15.71
CA VAL B 161 -21.37 2.73 14.59
C VAL B 161 -21.90 1.85 13.47
N ALA B 162 -21.70 2.32 12.23
CA ALA B 162 -22.08 1.54 11.04
C ALA B 162 -20.97 0.58 10.66
N VAL B 163 -21.26 -0.71 10.76
CA VAL B 163 -20.28 -1.76 10.50
C VAL B 163 -20.70 -2.67 9.35
N VAL B 164 -19.71 -3.31 8.73
CA VAL B 164 -19.92 -4.11 7.53
C VAL B 164 -19.52 -5.56 7.83
N ASP B 165 -20.46 -6.50 7.70
CA ASP B 165 -20.13 -7.90 7.99
C ASP B 165 -19.62 -8.65 6.76
N GLU B 166 -19.25 -9.91 6.95
CA GLU B 166 -18.64 -10.70 5.88
C GLU B 166 -19.56 -10.96 4.69
N SER B 167 -20.84 -10.64 4.85
N SER B 167 -20.84 -10.59 4.77
CA SER B 167 -21.82 -10.80 3.78
CA SER B 167 -21.82 -10.74 3.69
C SER B 167 -22.07 -9.46 3.08
C SER B 167 -22.07 -9.41 3.00
N ARG B 168 -21.25 -8.48 3.42
CA ARG B 168 -21.36 -7.13 2.88
C ARG B 168 -22.63 -6.40 3.29
N THR B 169 -23.15 -6.76 4.46
CA THR B 169 -24.33 -6.11 4.97
C THR B 169 -23.91 -5.06 5.98
N VAL B 170 -24.40 -3.84 5.79
CA VAL B 170 -24.14 -2.75 6.72
C VAL B 170 -25.24 -2.64 7.76
N ARG B 171 -24.86 -2.57 9.03
CA ARG B 171 -25.85 -2.39 10.09
C ARG B 171 -25.35 -1.39 11.12
N LEU B 172 -26.28 -0.62 11.66
CA LEU B 172 -25.95 0.34 12.71
C LEU B 172 -26.05 -0.40 14.03
N VAL B 173 -24.93 -0.58 14.71
CA VAL B 173 -24.96 -1.24 15.99
C VAL B 173 -24.57 -0.27 17.09
N THR B 174 -25.10 -0.50 18.29
CA THR B 174 -24.73 0.30 19.45
C THR B 174 -24.03 -0.59 20.47
N ALA B 175 -22.79 -0.26 20.79
CA ALA B 175 -22.03 -1.06 21.73
C ALA B 175 -21.84 -0.24 23.00
N ARG B 176 -22.08 -0.86 24.16
CA ARG B 176 -22.10 -0.12 25.40
C ARG B 176 -21.05 -0.59 26.38
N ALA B 177 -20.74 0.25 27.35
CA ALA B 177 -19.67 -0.02 28.28
C ALA B 177 -20.00 -1.24 29.13
N ASP B 178 -21.27 -1.58 29.23
CA ASP B 178 -21.65 -2.76 30.02
C ASP B 178 -21.87 -4.03 29.18
N ASP B 179 -21.65 -3.93 27.87
CA ASP B 179 -21.82 -5.11 27.00
C ASP B 179 -20.73 -6.14 27.20
N THR B 180 -21.07 -7.39 26.92
CA THR B 180 -20.09 -8.45 26.91
C THR B 180 -20.05 -9.04 25.49
N GLY B 181 -19.23 -10.09 25.32
CA GLY B 181 -19.12 -10.76 24.05
C GLY B 181 -18.47 -9.87 23.00
N ASP B 182 -18.92 -10.02 21.76
CA ASP B 182 -18.37 -9.24 20.65
C ASP B 182 -18.72 -7.76 20.77
N LEU B 183 -19.92 -7.47 21.25
CA LEU B 183 -20.36 -6.09 21.43
C LEU B 183 -19.45 -5.37 22.42
N GLY B 184 -19.14 -6.04 23.52
CA GLY B 184 -18.18 -5.54 24.47
C GLY B 184 -16.83 -5.26 23.83
N GLU B 185 -16.43 -6.10 22.89
CA GLU B 185 -15.16 -5.91 22.18
C GLU B 185 -15.22 -4.70 21.28
N LEU B 186 -16.35 -4.50 20.61
CA LEU B 186 -16.51 -3.36 19.72
C LEU B 186 -16.45 -2.07 20.54
N PHE B 187 -17.11 -2.06 21.71
CA PHE B 187 -17.06 -0.87 22.55
C PHE B 187 -15.63 -0.59 22.97
N TRP B 188 -14.97 -1.60 23.51
CA TRP B 188 -13.60 -1.42 23.99
C TRP B 188 -12.67 -0.94 22.89
N ALA B 189 -12.86 -1.45 21.67
CA ALA B 189 -11.97 -1.08 20.57
C ALA B 189 -12.05 0.42 20.26
N HIS B 190 -13.19 1.05 20.54
CA HIS B 190 -13.36 2.48 20.30
C HIS B 190 -12.83 3.35 21.43
N THR B 191 -12.28 2.72 22.46
CA THR B 191 -11.71 3.51 23.54
C THR B 191 -10.21 3.68 23.34
N GLY B 192 -9.80 3.98 22.11
CA GLY B 192 -8.40 4.21 21.81
C GLY B 192 -7.87 3.52 20.55
N GLY B 193 -8.71 2.72 19.90
CA GLY B 193 -8.24 1.98 18.74
C GLY B 193 -7.94 2.90 17.57
N GLY B 194 -8.55 4.08 17.60
CA GLY B 194 -8.32 5.06 16.53
C GLY B 194 -9.35 5.01 15.39
N GLY B 195 -9.50 6.13 14.71
CA GLY B 195 -10.51 6.25 13.65
C GLY B 195 -10.13 5.50 12.40
N GLY B 196 -11.11 5.26 11.54
CA GLY B 196 -10.85 4.68 10.24
C GLY B 196 -10.62 3.16 10.25
N ASN B 197 -10.93 2.50 11.37
CA ASN B 197 -10.60 1.08 11.53
C ASN B 197 -11.80 0.13 11.55
N PHE B 198 -12.87 0.50 12.24
CA PHE B 198 -13.91 -0.49 12.56
C PHE B 198 -15.22 -0.27 11.84
N GLY B 199 -15.47 0.96 11.43
CA GLY B 199 -16.77 1.33 10.92
C GLY B 199 -16.94 2.82 11.02
N VAL B 200 -18.06 3.33 10.56
CA VAL B 200 -18.33 4.76 10.63
C VAL B 200 -19.15 5.08 11.88
N VAL B 201 -18.50 5.67 12.88
CA VAL B 201 -19.22 6.06 14.09
C VAL B 201 -20.18 7.21 13.75
N THR B 202 -21.43 7.07 14.17
CA THR B 202 -22.43 8.11 13.96
C THR B 202 -22.69 8.93 15.22
N ALA B 203 -22.42 8.36 16.38
CA ALA B 203 -22.58 9.12 17.62
C ALA B 203 -21.88 8.42 18.76
N TYR B 204 -21.48 9.21 19.74
CA TYR B 204 -20.94 8.67 20.98
C TYR B 204 -21.88 9.11 22.09
N GLU B 205 -22.00 8.28 23.12
CA GLU B 205 -22.70 8.70 24.34
C GLU B 205 -21.73 8.74 25.48
N PHE B 206 -21.84 9.77 26.30
CA PHE B 206 -20.93 9.96 27.41
C PHE B 206 -21.65 9.92 28.75
N ARG B 207 -21.04 9.23 29.71
CA ARG B 207 -21.51 9.18 31.08
C ARG B 207 -20.29 8.97 31.96
N SER B 208 -19.99 9.93 32.83
CA SER B 208 -18.74 9.88 33.57
C SER B 208 -18.71 8.79 34.65
N PRO B 209 -17.50 8.39 35.05
CA PRO B 209 -17.28 7.53 36.22
C PRO B 209 -18.00 8.16 37.42
N GLU B 210 -18.46 7.34 38.35
CA GLU B 210 -19.25 7.85 39.45
C GLU B 210 -18.58 8.98 40.23
N HIS B 211 -17.27 8.88 40.44
CA HIS B 211 -16.60 9.89 41.27
C HIS B 211 -16.44 11.23 40.56
N LEU B 212 -16.69 11.25 39.25
CA LEU B 212 -16.56 12.50 38.48
C LEU B 212 -17.94 13.05 38.06
N ALA B 213 -18.96 12.21 38.07
CA ALA B 213 -20.29 12.58 37.58
C ALA B 213 -21.05 13.52 38.52
N THR B 214 -21.81 14.45 37.95
CA THR B 214 -22.69 15.35 38.71
C THR B 214 -24.06 15.48 38.03
N GLU B 215 -25.02 16.06 38.72
CA GLU B 215 -26.32 16.35 38.11
C GLU B 215 -26.12 17.50 37.15
N PRO B 216 -26.98 17.62 36.13
CA PRO B 216 -28.18 16.79 35.90
C PRO B 216 -28.00 15.66 34.89
N VAL B 217 -26.88 15.63 34.17
CA VAL B 217 -26.74 14.66 33.08
C VAL B 217 -25.62 13.65 33.26
N GLY B 218 -25.08 13.56 34.47
CA GLY B 218 -24.09 12.55 34.79
C GLY B 218 -22.71 12.84 34.21
N LEU B 219 -22.41 14.11 33.97
CA LEU B 219 -21.09 14.55 33.49
C LEU B 219 -20.42 15.42 34.55
N PRO B 220 -19.14 15.77 34.34
CA PRO B 220 -18.44 16.58 35.35
C PRO B 220 -18.89 18.02 35.30
N ARG B 221 -18.68 18.74 36.39
CA ARG B 221 -19.01 20.15 36.43
C ARG B 221 -17.84 20.98 35.90
N ALA B 222 -18.13 21.95 35.04
CA ALA B 222 -17.13 22.93 34.60
C ALA B 222 -16.74 23.83 35.77
N ALA B 223 -15.44 24.12 35.91
CA ALA B 223 -14.96 25.02 36.97
C ALA B 223 -15.62 26.38 36.86
N GLY B 224 -15.88 27.03 37.98
CA GLY B 224 -16.48 28.34 37.92
C GLY B 224 -15.54 29.37 37.32
N ARG B 225 -14.26 29.29 37.68
CA ARG B 225 -13.28 30.22 37.10
C ARG B 225 -11.98 29.47 36.87
N LEU B 226 -11.17 29.99 35.94
CA LEU B 226 -9.87 29.44 35.63
C LEU B 226 -8.82 30.51 35.73
N HIS B 227 -7.71 30.20 36.40
CA HIS B 227 -6.53 31.05 36.23
C HIS B 227 -5.90 30.71 34.89
N VAL B 228 -5.59 31.71 34.12
CA VAL B 228 -4.97 31.48 32.82
C VAL B 228 -3.79 32.41 32.72
N GLN B 229 -2.67 31.87 32.27
CA GLN B 229 -1.47 32.68 32.18
C GLN B 229 -0.67 32.27 30.97
N LYS B 230 -0.10 33.25 30.28
CA LYS B 230 0.81 33.02 29.20
C LYS B 230 2.09 33.77 29.49
N VAL B 231 3.22 33.08 29.40
CA VAL B 231 4.50 33.72 29.75
C VAL B 231 5.46 33.58 28.60
N VAL B 232 6.01 34.71 28.16
CA VAL B 232 6.92 34.74 27.02
C VAL B 232 8.37 34.88 27.51
N PHE B 233 9.26 34.01 27.01
CA PHE B 233 10.67 34.05 27.40
C PHE B 233 11.47 34.28 26.14
N PRO B 234 12.17 35.40 26.07
CA PRO B 234 12.95 35.70 24.86
C PRO B 234 14.17 34.78 24.73
N TRP B 235 14.36 34.22 23.54
CA TRP B 235 15.48 33.32 23.29
C TRP B 235 16.80 34.03 23.59
N ALA B 236 16.83 35.33 23.35
CA ALA B 236 18.03 36.13 23.58
C ALA B 236 18.55 36.05 25.03
N MET B 237 17.66 35.72 25.97
CA MET B 237 18.03 35.65 27.38
C MET B 237 18.38 34.24 27.82
N ILE B 238 18.36 33.30 26.88
CA ILE B 238 18.51 31.90 27.23
C ILE B 238 19.72 31.29 26.53
N ASP B 239 20.61 30.68 27.32
CA ASP B 239 21.75 29.96 26.77
C ASP B 239 21.48 28.47 26.88
N GLU B 240 22.40 27.64 26.41
CA GLU B 240 22.13 26.22 26.40
C GLU B 240 21.92 25.70 27.81
N THR B 241 22.77 26.13 28.74
CA THR B 241 22.71 25.61 30.10
C THR B 241 21.40 25.99 30.79
N SER B 242 20.94 27.22 30.63
CA SER B 242 19.71 27.64 31.28
C SER B 242 18.51 26.99 30.58
N PHE B 243 18.60 26.82 29.26
CA PHE B 243 17.58 26.02 28.56
C PHE B 243 17.42 24.62 29.15
N VAL B 244 18.53 23.89 29.27
CA VAL B 244 18.47 22.59 29.89
C VAL B 244 17.89 22.62 31.28
N THR B 245 18.24 23.63 32.07
CA THR B 245 17.74 23.74 33.44
C THR B 245 16.23 23.92 33.48
N VAL B 246 15.74 24.80 32.61
CA VAL B 246 14.31 25.12 32.59
C VAL B 246 13.53 23.89 32.15
N MET B 247 13.99 23.22 31.09
CA MET B 247 13.32 22.00 30.64
C MET B 247 13.37 20.89 31.67
N ARG B 248 14.53 20.69 32.30
CA ARG B 248 14.63 19.67 33.31
C ARG B 248 13.64 19.93 34.43
N ARG B 249 13.61 21.17 34.90
CA ARG B 249 12.68 21.53 35.97
C ARG B 249 11.22 21.32 35.57
N PHE B 250 10.89 21.63 34.32
CA PHE B 250 9.53 21.40 33.82
C PHE B 250 9.18 19.92 33.96
N PHE B 251 10.06 19.05 33.48
CA PHE B 251 9.81 17.62 33.60
C PHE B 251 9.82 17.11 35.04
N GLU B 252 10.75 17.58 35.85
CA GLU B 252 10.83 17.08 37.23
C GLU B 252 9.62 17.47 38.06
N TRP B 253 9.08 18.65 37.79
CA TRP B 253 7.85 19.06 38.46
C TRP B 253 6.76 18.05 38.15
N HIS B 254 6.64 17.65 36.89
CA HIS B 254 5.65 16.64 36.51
C HIS B 254 5.90 15.24 37.07
N GLU B 255 7.16 14.87 37.23
CA GLU B 255 7.49 13.61 37.89
C GLU B 255 6.95 13.59 39.30
N ARG B 256 7.01 14.73 39.99
CA ARG B 256 6.56 14.79 41.38
C ARG B 256 5.07 15.00 41.54
N HIS B 257 4.45 15.70 40.59
CA HIS B 257 3.12 16.22 40.83
C HIS B 257 2.07 15.78 39.81
N SER B 258 2.09 14.51 39.44
CA SER B 258 1.12 14.01 38.48
C SER B 258 0.33 12.81 38.98
N GLU B 259 0.24 12.62 40.30
CA GLU B 259 -0.59 11.55 40.84
C GLU B 259 -2.07 11.92 40.75
N PRO B 260 -2.93 10.93 40.49
CA PRO B 260 -4.37 11.14 40.49
C PRO B 260 -4.81 11.76 41.81
N GLY B 261 -5.64 12.80 41.77
CA GLY B 261 -6.25 13.38 42.96
C GLY B 261 -5.42 14.42 43.72
N SER B 262 -4.15 14.59 43.33
CA SER B 262 -3.32 15.59 44.02
C SER B 262 -3.79 17.00 43.72
N PRO B 263 -3.48 17.97 44.60
CA PRO B 263 -3.87 19.36 44.35
C PRO B 263 -3.30 19.86 43.02
N GLU B 264 -2.11 19.35 42.65
CA GLU B 264 -1.44 19.85 41.44
C GLU B 264 -2.12 19.34 40.18
N SER B 265 -3.01 18.37 40.33
CA SER B 265 -3.75 17.85 39.17
C SER B 265 -4.73 18.91 38.65
N SER B 266 -4.88 20.00 39.39
CA SER B 266 -5.74 21.10 38.93
C SER B 266 -5.04 22.01 37.94
N LEU B 267 -3.75 21.77 37.73
CA LEU B 267 -2.94 22.64 36.86
C LEU B 267 -2.61 21.93 35.55
N PHE B 268 -2.62 22.67 34.43
CA PHE B 268 -2.19 22.11 33.15
C PHE B 268 -1.31 23.11 32.43
N ALA B 269 -0.09 22.69 32.06
CA ALA B 269 0.82 23.58 31.35
C ALA B 269 1.07 23.10 29.91
N THR B 270 1.27 24.05 29.01
CA THR B 270 1.65 23.77 27.63
C THR B 270 2.87 24.63 27.35
N PHE B 271 3.99 24.00 27.07
CA PHE B 271 5.22 24.75 26.86
C PHE B 271 5.57 24.69 25.37
N PHE B 272 5.42 25.81 24.66
CA PHE B 272 5.81 25.87 23.24
C PHE B 272 7.28 26.19 23.17
N VAL B 273 8.07 25.17 22.86
CA VAL B 273 9.51 25.34 22.82
C VAL B 273 9.83 25.56 21.34
N ASN B 274 9.79 26.82 20.94
CA ASN B 274 9.88 27.21 19.55
C ASN B 274 11.29 27.22 18.99
N HIS B 275 11.40 26.97 17.69
CA HIS B 275 12.66 27.21 17.01
C HIS B 275 13.05 28.67 17.22
N VAL B 276 14.36 28.95 17.23
CA VAL B 276 14.86 30.27 17.58
C VAL B 276 14.36 31.37 16.64
N SER B 277 13.98 31.00 15.43
CA SER B 277 13.52 32.02 14.49
C SER B 277 12.22 32.68 14.93
N SER B 278 11.50 32.06 15.87
CA SER B 278 10.31 32.69 16.45
C SER B 278 10.67 33.74 17.48
N GLY B 279 11.91 33.71 17.96
CA GLY B 279 12.36 34.69 18.94
C GLY B 279 12.05 34.39 20.40
N VAL B 280 11.07 33.55 20.68
CA VAL B 280 10.61 33.34 22.05
C VAL B 280 10.22 31.89 22.31
N LEU B 281 10.26 31.49 23.58
CA LEU B 281 9.53 30.31 24.04
C LEU B 281 8.24 30.83 24.69
N GLN B 282 7.18 30.04 24.67
CA GLN B 282 5.95 30.50 25.31
C GLN B 282 5.35 29.41 26.19
N LEU B 283 5.15 29.72 27.47
CA LEU B 283 4.58 28.79 28.42
C LEU B 283 3.14 29.25 28.67
N MET B 284 2.19 28.35 28.48
CA MET B 284 0.81 28.64 28.90
C MET B 284 0.51 27.76 30.08
N VAL B 285 -0.20 28.31 31.08
CA VAL B 285 -0.60 27.48 32.20
C VAL B 285 -2.01 27.85 32.58
N GLN B 286 -2.81 26.86 32.93
CA GLN B 286 -4.11 27.18 33.49
C GLN B 286 -4.29 26.38 34.77
N GLN B 287 -5.11 26.90 35.68
CA GLN B 287 -5.39 26.20 36.92
C GLN B 287 -6.82 26.47 37.35
N ASP B 288 -7.51 25.42 37.79
CA ASP B 288 -8.87 25.49 38.31
C ASP B 288 -8.89 26.44 39.50
N ALA B 289 -9.65 27.53 39.41
CA ALA B 289 -9.67 28.51 40.49
C ALA B 289 -10.64 28.15 41.63
N ASP B 290 -11.52 27.17 41.41
CA ASP B 290 -12.36 26.64 42.50
C ASP B 290 -11.49 25.88 43.49
N VAL B 291 -10.57 25.08 42.94
CA VAL B 291 -9.65 24.31 43.74
C VAL B 291 -8.64 25.21 44.47
N ASP B 292 -8.16 26.23 43.78
CA ASP B 292 -7.07 27.09 44.28
C ASP B 292 -7.38 28.55 43.97
N PRO B 293 -8.19 29.17 44.82
CA PRO B 293 -8.68 30.52 44.57
C PRO B 293 -7.58 31.54 44.28
N GLU B 294 -6.47 31.45 44.99
CA GLU B 294 -5.38 32.41 44.81
C GLU B 294 -4.40 32.00 43.72
N GLY B 295 -4.58 30.78 43.20
CA GLY B 295 -3.70 30.28 42.15
C GLY B 295 -2.26 30.18 42.62
N GLU B 296 -2.08 29.72 43.85
CA GLU B 296 -0.74 29.61 44.44
C GLU B 296 0.09 28.55 43.74
N ILE B 297 -0.53 27.42 43.40
CA ILE B 297 0.22 26.36 42.73
C ILE B 297 0.73 26.84 41.37
N LEU B 298 -0.13 27.53 40.62
CA LEU B 298 0.31 28.07 39.33
C LEU B 298 1.49 29.02 39.52
N ALA B 299 1.38 29.96 40.46
CA ALA B 299 2.43 30.93 40.67
C ALA B 299 3.75 30.27 41.07
N ARG B 300 3.68 29.29 41.96
CA ARG B 300 4.87 28.58 42.41
C ARG B 300 5.52 27.82 41.26
N PHE B 301 4.68 27.12 40.49
CA PHE B 301 5.17 26.36 39.33
C PHE B 301 5.93 27.27 38.37
N VAL B 302 5.32 28.38 38.00
CA VAL B 302 5.95 29.26 37.05
C VAL B 302 7.26 29.83 37.59
N ALA B 303 7.24 30.27 38.84
CA ALA B 303 8.44 30.88 39.43
C ALA B 303 9.58 29.87 39.49
N SER B 304 9.24 28.64 39.83
CA SER B 304 10.24 27.61 40.03
C SER B 304 11.01 27.31 38.75
N LEU B 305 10.39 27.46 37.59
CA LEU B 305 11.08 27.06 36.36
C LEU B 305 12.36 27.87 36.10
N THR B 306 12.35 29.14 36.45
CA THR B 306 13.43 30.04 36.05
C THR B 306 14.22 30.64 37.22
N GLU B 307 13.80 30.30 38.44
CA GLU B 307 14.38 30.85 39.65
C GLU B 307 15.90 30.92 39.62
N GLY B 308 16.55 29.80 39.30
CA GLY B 308 18.01 29.78 39.36
C GLY B 308 18.72 30.74 38.40
N THR B 309 18.00 31.15 37.37
CA THR B 309 18.62 31.53 36.10
C THR B 309 18.56 33.03 35.84
N GLY B 310 19.10 33.44 34.71
CA GLY B 310 19.01 34.84 34.33
C GLY B 310 17.78 35.11 33.49
N VAL B 311 16.94 34.10 33.32
CA VAL B 311 15.81 34.19 32.42
C VAL B 311 14.60 34.85 33.06
N VAL B 312 14.09 35.89 32.42
CA VAL B 312 12.91 36.61 32.91
C VAL B 312 11.78 36.52 31.89
N GLY B 313 10.63 36.03 32.35
CA GLY B 313 9.48 35.88 31.49
C GLY B 313 8.54 37.07 31.59
N ILE B 314 7.81 37.32 30.51
CA ILE B 314 6.81 38.38 30.50
C ILE B 314 5.43 37.74 30.50
N PRO B 315 4.72 37.87 31.61
CA PRO B 315 3.43 37.19 31.77
C PRO B 315 2.23 38.06 31.43
N ARG B 316 1.16 37.41 30.96
CA ARG B 316 -0.11 38.07 30.74
C ARG B 316 -1.15 37.05 31.12
N GLY B 317 -2.38 37.48 31.37
CA GLY B 317 -3.44 36.55 31.71
C GLY B 317 -4.26 37.10 32.84
N GLY B 318 -4.91 36.22 33.59
CA GLY B 318 -5.81 36.67 34.65
C GLY B 318 -6.68 35.53 35.14
N VAL B 319 -7.86 35.86 35.64
CA VAL B 319 -8.80 34.85 36.06
C VAL B 319 -10.05 35.05 35.21
N MET B 320 -10.49 34.00 34.55
CA MET B 320 -11.60 34.13 33.60
C MET B 320 -12.67 33.13 33.91
N SER B 321 -13.89 33.37 33.43
CA SER B 321 -14.92 32.38 33.54
C SER B 321 -14.57 31.20 32.61
N TRP B 322 -15.29 30.09 32.75
CA TRP B 322 -14.85 28.85 32.09
C TRP B 322 -14.78 28.92 30.56
N LEU B 323 -15.85 29.37 29.92
CA LEU B 323 -15.89 29.30 28.45
C LEU B 323 -14.91 30.31 27.84
N THR B 324 -14.87 31.50 28.43
CA THR B 324 -13.95 32.51 27.96
C THR B 324 -12.50 32.12 28.20
N GLY B 325 -12.20 31.58 29.37
CA GLY B 325 -10.84 31.17 29.68
C GLY B 325 -10.38 29.99 28.82
N THR B 326 -11.26 29.04 28.59
CA THR B 326 -10.94 27.90 27.72
C THR B 326 -10.61 28.41 26.32
N ARG B 327 -11.42 29.32 25.80
CA ARG B 327 -11.12 29.87 24.48
C ARG B 327 -9.83 30.66 24.43
N TYR B 328 -9.57 31.42 25.48
CA TYR B 328 -8.32 32.16 25.57
C TYR B 328 -7.09 31.24 25.44
N MET B 329 -7.21 30.04 25.96
CA MET B 329 -6.10 29.08 25.95
C MET B 329 -6.11 28.16 24.72
N SER B 330 -7.09 28.31 23.82
CA SER B 330 -7.33 27.36 22.72
C SER B 330 -6.96 27.89 21.34
N GLN B 331 -6.88 26.99 20.37
CA GLN B 331 -6.60 27.36 18.99
C GLN B 331 -7.82 27.04 18.13
N ALA B 332 -8.37 28.06 17.46
CA ALA B 332 -9.52 27.82 16.59
C ALA B 332 -9.13 27.68 15.11
N ASP B 333 -10.13 27.44 14.26
CA ASP B 333 -9.89 27.34 12.81
C ASP B 333 -9.86 28.72 12.16
N CYS B 334 -8.80 29.48 12.44
CA CYS B 334 -8.64 30.81 11.85
C CYS B 334 -7.18 31.20 11.80
N GLY B 335 -6.85 32.14 10.91
CA GLY B 335 -5.49 32.66 10.85
C GLY B 335 -4.47 31.69 10.27
N ASP B 336 -3.22 31.81 10.71
CA ASP B 336 -2.09 31.16 10.06
C ASP B 336 -2.04 29.63 10.15
N VAL B 337 -2.87 29.04 11.00
CA VAL B 337 -2.94 27.58 11.05
C VAL B 337 -3.75 27.00 9.89
N MET B 338 -4.45 27.87 9.16
CA MET B 338 -5.34 27.44 8.07
C MET B 338 -4.60 27.34 6.76
N GLY B 339 -4.91 26.29 6.00
CA GLY B 339 -4.28 26.06 4.70
C GLY B 339 -2.81 25.67 4.72
N ALA B 340 -2.29 25.24 5.86
CA ALA B 340 -0.85 24.96 5.95
C ALA B 340 -0.56 23.47 5.73
N ARG B 341 0.67 23.21 5.30
CA ARG B 341 1.18 21.86 5.22
C ARG B 341 1.87 21.62 6.56
N SER B 342 1.74 20.42 7.11
CA SER B 342 2.36 20.21 8.42
C SER B 342 2.76 18.76 8.63
N ALA B 343 3.61 18.56 9.63
CA ALA B 343 3.99 17.22 10.05
C ALA B 343 4.11 17.27 11.55
N SER B 344 3.66 16.21 12.23
CA SER B 344 3.76 16.16 13.68
C SER B 344 4.12 14.75 14.14
N LYS B 345 4.89 14.68 15.22
CA LYS B 345 5.29 13.40 15.79
C LYS B 345 4.94 13.49 17.27
N SER B 346 4.97 12.37 17.98
CA SER B 346 4.54 12.41 19.38
C SER B 346 5.39 11.54 20.29
N ALA B 347 5.38 11.82 21.58
CA ALA B 347 6.04 10.94 22.55
C ALA B 347 5.36 11.05 23.91
N TYR B 348 5.23 9.93 24.59
CA TYR B 348 4.83 9.92 25.98
C TYR B 348 6.06 9.84 26.85
N HIS B 349 6.10 10.65 27.90
CA HIS B 349 7.26 10.69 28.79
C HIS B 349 6.86 10.21 30.16
N ARG B 350 7.48 9.12 30.61
CA ARG B 350 7.31 8.62 31.97
C ARG B 350 8.21 9.30 32.97
N ALA B 351 9.30 9.87 32.48
CA ALA B 351 10.29 10.50 33.33
C ALA B 351 10.98 11.58 32.50
N ALA B 352 11.77 12.44 33.15
CA ALA B 352 12.51 13.49 32.44
C ALA B 352 13.47 12.86 31.44
N PRO B 353 13.66 13.54 30.28
CA PRO B 353 14.72 13.16 29.35
C PRO B 353 16.06 13.46 30.01
N THR B 354 17.16 12.87 29.52
CA THR B 354 18.47 13.18 30.07
C THR B 354 18.88 14.58 29.66
N ASP B 355 19.82 15.19 30.41
CA ASP B 355 20.32 16.50 30.00
C ASP B 355 20.89 16.46 28.59
N GLU B 356 21.52 15.35 28.23
CA GLU B 356 22.12 15.22 26.91
C GLU B 356 21.04 15.30 25.81
N GLN B 357 19.89 14.67 26.05
CA GLN B 357 18.75 14.84 25.13
C GLN B 357 18.28 16.28 25.05
N LEU B 358 18.17 16.94 26.20
CA LEU B 358 17.76 18.34 26.19
C LEU B 358 18.77 19.20 25.43
N SER B 359 20.06 18.88 25.50
CA SER B 359 21.06 19.62 24.70
C SER B 359 20.89 19.39 23.20
N VAL B 360 20.54 18.18 22.82
CA VAL B 360 20.22 17.89 21.42
C VAL B 360 19.04 18.76 20.94
N LEU B 361 17.97 18.78 21.72
CA LEU B 361 16.84 19.65 21.40
C LEU B 361 17.29 21.10 21.22
N HIS B 362 18.06 21.62 22.17
CA HIS B 362 18.55 22.99 22.04
C HIS B 362 19.26 23.23 20.72
N ARG B 363 20.15 22.31 20.35
CA ARG B 363 20.93 22.48 19.12
C ARG B 363 20.03 22.52 17.88
N HIS B 364 19.05 21.63 17.79
CA HIS B 364 18.16 21.67 16.61
C HIS B 364 17.25 22.89 16.56
N LEU B 365 16.88 23.43 17.73
CA LEU B 365 16.08 24.65 17.78
C LEU B 365 16.89 25.87 17.32
N HIS B 366 18.21 25.70 17.19
CA HIS B 366 19.05 26.81 16.71
C HIS B 366 19.60 26.59 15.31
N ALA B 367 19.20 25.49 14.66
CA ALA B 367 19.62 25.21 13.30
C ALA B 367 19.23 26.33 12.35
N ASP B 368 20.03 26.53 11.31
CA ASP B 368 19.66 27.45 10.23
C ASP B 368 18.47 26.82 9.50
N HIS B 369 17.28 27.33 9.76
CA HIS B 369 16.05 26.67 9.34
C HIS B 369 14.93 27.70 9.40
N PRO B 370 14.04 27.68 8.41
CA PRO B 370 12.87 28.58 8.46
C PRO B 370 11.83 28.07 9.46
N GLY B 371 12.02 28.36 10.74
CA GLY B 371 11.25 27.70 11.79
C GLY B 371 10.19 28.51 12.49
N GLN B 372 9.60 29.46 11.79
CA GLN B 372 8.62 30.33 12.44
C GLN B 372 7.35 29.59 12.88
N ALA B 373 7.15 28.38 12.36
CA ALA B 373 6.08 27.51 12.85
C ALA B 373 6.61 26.10 13.11
N SER B 374 7.80 26.02 13.69
CA SER B 374 8.43 24.77 14.06
C SER B 374 8.67 24.82 15.57
N TYR B 375 8.20 23.81 16.30
CA TYR B 375 8.35 23.81 17.74
C TYR B 375 8.12 22.44 18.30
N VAL B 376 8.53 22.23 19.55
CA VAL B 376 8.11 21.05 20.28
C VAL B 376 7.20 21.56 21.40
N MET B 377 6.04 20.95 21.55
CA MET B 377 5.11 21.40 22.58
C MET B 377 5.13 20.33 23.65
N PHE B 378 5.38 20.72 24.90
CA PHE B 378 5.31 19.78 26.03
C PHE B 378 4.07 20.08 26.86
N ASN B 379 3.22 19.07 27.06
CA ASN B 379 1.97 19.24 27.83
C ASN B 379 2.00 18.44 29.11
N SER B 380 1.50 19.03 30.21
CA SER B 380 1.24 18.23 31.42
C SER B 380 0.39 17.03 31.10
N TYR B 381 0.63 15.90 31.75
CA TYR B 381 -0.13 14.69 31.50
C TYR B 381 -0.34 13.97 32.82
N GLY B 382 -0.88 12.76 32.78
CA GLY B 382 -1.03 12.01 34.01
C GLY B 382 -2.23 12.47 34.83
N GLY B 383 -2.05 12.60 36.13
CA GLY B 383 -3.18 12.90 37.01
C GLY B 383 -4.24 11.82 36.86
N GLU B 384 -5.48 12.24 36.71
CA GLU B 384 -6.62 11.33 36.60
C GLU B 384 -6.48 10.31 35.47
N ILE B 385 -5.79 10.67 34.40
CA ILE B 385 -5.53 9.69 33.32
C ILE B 385 -4.94 8.40 33.90
N ASN B 386 -4.09 8.55 34.91
CA ASN B 386 -3.28 7.43 35.38
C ASN B 386 -3.98 6.60 36.44
N ARG B 387 -5.25 6.90 36.68
CA ARG B 387 -6.01 6.09 37.64
C ARG B 387 -6.35 4.70 37.09
N ARG B 388 -6.57 4.61 35.78
CA ARG B 388 -6.96 3.36 35.14
C ARG B 388 -5.77 2.50 34.75
N GLY B 389 -6.03 1.21 34.53
CA GLY B 389 -5.01 0.28 34.10
C GLY B 389 -4.84 0.27 32.59
N PRO B 390 -3.65 -0.14 32.11
CA PRO B 390 -3.35 -0.17 30.67
C PRO B 390 -4.34 -0.96 29.82
N SER B 391 -4.96 -2.02 30.36
CA SER B 391 -5.86 -2.80 29.53
C SER B 391 -7.34 -2.39 29.65
N ASP B 392 -7.63 -1.43 30.53
CA ASP B 392 -9.02 -1.02 30.77
C ASP B 392 -9.64 -0.35 29.55
N ALA B 393 -8.82 0.33 28.77
CA ALA B 393 -9.25 0.91 27.50
C ALA B 393 -8.20 0.52 26.48
N ALA B 394 -8.45 0.83 25.21
CA ALA B 394 -7.49 0.46 24.20
C ALA B 394 -6.22 1.30 24.29
N VAL B 395 -6.32 2.50 24.87
CA VAL B 395 -5.15 3.35 25.14
C VAL B 395 -4.30 2.73 26.23
N PRO B 396 -3.02 2.46 25.95
CA PRO B 396 -2.28 1.72 26.99
C PRO B 396 -1.44 2.57 27.95
N GLN B 397 -1.14 3.83 27.63
CA GLN B 397 -0.23 4.62 28.45
C GLN B 397 -0.93 5.22 29.66
N ARG B 398 -0.70 4.63 30.84
CA ARG B 398 -1.38 5.04 32.06
C ARG B 398 -0.42 5.39 33.20
N ASP B 399 0.83 5.67 32.87
CA ASP B 399 1.74 6.16 33.90
C ASP B 399 2.71 7.23 33.39
N SER B 400 2.32 7.92 32.33
CA SER B 400 3.15 9.01 31.82
C SER B 400 2.78 10.34 32.49
N VAL B 401 3.70 11.29 32.47
CA VAL B 401 3.51 12.55 33.18
C VAL B 401 3.65 13.79 32.29
N VAL B 402 4.23 13.63 31.11
CA VAL B 402 4.30 14.72 30.12
C VAL B 402 4.07 14.09 28.76
N LYS B 403 3.37 14.82 27.89
CA LYS B 403 3.14 14.37 26.52
C LYS B 403 3.69 15.41 25.56
N SER B 404 4.51 14.99 24.61
CA SER B 404 5.12 15.97 23.69
C SER B 404 4.64 15.79 22.27
N SER B 405 4.54 16.91 21.56
N SER B 405 4.54 16.96 21.47
CA SER B 405 4.18 16.93 20.15
CA SER B 405 4.18 16.98 20.07
C SER B 405 5.29 17.68 19.43
C SER B 405 5.29 17.74 19.35
N TRP B 406 5.81 17.12 18.33
CA TRP B 406 6.97 17.66 17.66
C TRP B 406 6.46 18.10 16.29
N PHE B 407 6.51 19.40 16.00
CA PHE B 407 5.67 19.97 14.95
C PHE B 407 6.40 20.89 14.00
N SER B 408 6.09 20.77 12.71
CA SER B 408 6.49 21.83 11.80
C SER B 408 5.37 22.13 10.82
N ALA B 409 5.13 23.39 10.50
CA ALA B 409 4.13 23.78 9.50
C ALA B 409 4.79 24.72 8.52
N TRP B 410 4.33 24.69 7.28
CA TRP B 410 4.92 25.50 6.23
C TRP B 410 3.92 25.66 5.10
N GLN B 411 4.26 26.43 4.08
CA GLN B 411 3.30 26.73 3.02
C GLN B 411 3.53 26.05 1.67
N ASP B 412 4.80 25.90 1.28
CA ASP B 412 5.13 25.47 -0.09
C ASP B 412 5.51 24.01 -0.19
N ALA B 413 4.86 23.28 -1.10
CA ALA B 413 5.18 21.88 -1.33
C ALA B 413 6.66 21.66 -1.63
N GLU B 414 7.30 22.66 -2.25
CA GLU B 414 8.71 22.51 -2.60
C GLU B 414 9.59 22.46 -1.37
N LEU B 415 9.07 22.86 -0.21
CA LEU B 415 9.84 22.78 1.03
C LEU B 415 9.46 21.59 1.92
N ASP B 416 8.64 20.66 1.42
CA ASP B 416 8.30 19.46 2.18
C ASP B 416 9.57 18.76 2.67
N GLU B 417 10.51 18.52 1.77
CA GLU B 417 11.71 17.75 2.12
C GLU B 417 12.53 18.45 3.19
N LEU B 418 12.61 19.77 3.10
CA LEU B 418 13.33 20.58 4.08
C LEU B 418 12.73 20.45 5.47
N HIS B 419 11.41 20.62 5.58
CA HIS B 419 10.74 20.58 6.88
C HIS B 419 10.68 19.18 7.45
N LEU B 420 10.37 18.19 6.61
CA LEU B 420 10.40 16.81 7.10
C LEU B 420 11.80 16.45 7.57
N GLY B 421 12.81 16.90 6.84
CA GLY B 421 14.19 16.67 7.25
C GLY B 421 14.54 17.25 8.62
N TRP B 422 14.12 18.48 8.88
CA TRP B 422 14.40 19.11 10.17
C TRP B 422 13.73 18.34 11.30
N LEU B 423 12.45 18.04 11.12
CA LEU B 423 11.67 17.35 12.14
C LEU B 423 12.23 15.96 12.43
N ARG B 424 12.53 15.21 11.38
CA ARG B 424 13.06 13.86 11.52
C ARG B 424 14.42 13.88 12.20
N GLY B 425 15.27 14.80 11.76
CA GLY B 425 16.60 14.97 12.34
C GLY B 425 16.54 15.19 13.82
N LEU B 426 15.66 16.10 14.26
CA LEU B 426 15.51 16.39 15.68
C LEU B 426 14.95 15.19 16.46
N TYR B 427 13.85 14.62 16.00
CA TYR B 427 13.19 13.56 16.75
C TYR B 427 14.11 12.36 16.85
N GLU B 428 14.73 12.01 15.74
CA GLU B 428 15.58 10.82 15.71
C GLU B 428 16.85 10.98 16.54
N GLU B 429 17.42 12.17 16.57
CA GLU B 429 18.62 12.36 17.41
C GLU B 429 18.25 12.44 18.87
N PHE B 430 17.13 13.11 19.18
CA PHE B 430 16.68 13.18 20.57
C PHE B 430 16.47 11.78 21.14
N PHE B 431 15.90 10.88 20.33
CA PHE B 431 15.66 9.51 20.79
C PHE B 431 16.68 8.51 20.24
N ALA B 432 17.88 8.98 19.94
CA ALA B 432 18.89 8.14 19.27
C ALA B 432 19.31 6.94 20.13
N GLY B 433 19.30 7.11 21.44
CA GLY B 433 19.68 6.04 22.33
C GLY B 433 18.72 4.87 22.27
N THR B 434 17.51 5.09 21.76
CA THR B 434 16.53 4.03 21.67
C THR B 434 16.01 3.88 20.25
N GLY B 435 16.93 3.88 19.28
CA GLY B 435 16.55 3.59 17.91
C GLY B 435 15.82 4.71 17.19
N GLY B 436 15.86 5.92 17.73
CA GLY B 436 15.24 7.07 17.08
C GLY B 436 13.76 7.22 17.38
N VAL B 437 13.23 6.44 18.31
CA VAL B 437 11.82 6.51 18.67
C VAL B 437 11.65 6.45 20.20
N PRO B 438 10.55 7.01 20.73
CA PRO B 438 10.28 6.91 22.17
C PRO B 438 9.76 5.52 22.54
N VAL B 439 10.66 4.55 22.66
CA VAL B 439 10.26 3.18 22.92
C VAL B 439 9.43 3.09 24.19
N THR B 440 8.69 2.00 24.32
CA THR B 440 7.82 1.85 25.48
C THR B 440 8.59 1.32 26.68
N GLY B 441 8.07 1.60 27.87
CA GLY B 441 8.57 0.96 29.08
C GLY B 441 9.89 1.48 29.64
N GLY B 442 10.35 2.64 29.20
CA GLY B 442 11.57 3.22 29.74
C GLY B 442 11.32 4.62 30.28
N ARG B 443 12.15 5.57 29.86
CA ARG B 443 11.88 6.97 30.15
C ARG B 443 10.65 7.42 29.35
N THR B 444 10.34 6.71 28.28
CA THR B 444 9.19 7.04 27.43
C THR B 444 8.20 5.91 27.42
N ASP B 445 7.04 6.13 26.79
CA ASP B 445 6.05 5.07 26.68
C ASP B 445 5.35 5.11 25.33
N GLY B 446 6.10 5.32 24.26
CA GLY B 446 5.49 5.22 22.95
C GLY B 446 4.84 6.52 22.45
N CYS B 447 3.78 6.34 21.67
CA CYS B 447 3.22 7.40 20.85
C CYS B 447 1.71 7.37 20.91
N TYR B 448 1.09 8.46 20.48
CA TYR B 448 -0.36 8.64 20.57
C TYR B 448 -0.98 8.56 19.18
N ILE B 449 -1.94 7.65 19.00
CA ILE B 449 -2.47 7.35 17.67
C ILE B 449 -3.16 8.56 17.00
N ASN B 450 -3.59 9.54 17.80
CA ASN B 450 -4.18 10.77 17.21
C ASN B 450 -3.15 11.74 16.66
N TYR B 451 -1.87 11.40 16.83
CA TYR B 451 -0.79 12.12 16.15
C TYR B 451 0.01 11.08 15.38
N PRO B 452 -0.64 10.42 14.41
CA PRO B 452 -0.08 9.25 13.73
C PRO B 452 1.13 9.65 12.90
N ASP B 453 2.15 8.80 12.89
CA ASP B 453 3.41 9.15 12.26
C ASP B 453 3.87 8.00 11.39
N ALA B 454 3.67 8.12 10.08
CA ALA B 454 3.99 7.02 9.16
C ALA B 454 5.47 6.72 9.06
N ASP B 455 6.33 7.63 9.52
CA ASP B 455 7.76 7.32 9.55
C ASP B 455 8.04 6.12 10.45
N LEU B 456 7.14 5.82 11.39
CA LEU B 456 7.40 4.71 12.30
C LEU B 456 7.37 3.37 11.57
N LEU B 457 6.85 3.39 10.35
CA LEU B 457 6.80 2.18 9.52
C LEU B 457 8.08 1.94 8.74
N ASP B 458 9.02 2.87 8.79
N ASP B 458 9.02 2.87 8.77
CA ASP B 458 10.21 2.81 7.92
CA ASP B 458 10.21 2.77 7.93
C ASP B 458 11.49 2.53 8.71
C ASP B 458 11.48 2.51 8.72
N PRO B 459 12.20 1.44 8.39
CA PRO B 459 13.43 1.12 9.11
C PRO B 459 14.51 2.23 9.12
N ALA B 460 14.58 3.07 8.08
CA ALA B 460 15.56 4.16 8.09
C ALA B 460 15.25 5.15 9.22
N ARG B 461 13.99 5.20 9.65
CA ARG B 461 13.58 6.16 10.68
C ARG B 461 13.45 5.53 12.06
N ASN B 462 13.02 4.27 12.08
CA ASN B 462 12.75 3.55 13.32
C ASN B 462 13.70 2.35 13.38
N ARG B 463 14.73 2.45 14.21
CA ARG B 463 15.69 1.37 14.37
C ARG B 463 15.56 0.67 15.71
N SER B 464 14.41 0.83 16.35
CA SER B 464 14.20 0.30 17.70
C SER B 464 13.80 -1.17 17.72
N GLY B 465 13.22 -1.65 16.62
CA GLY B 465 12.72 -3.01 16.58
C GLY B 465 11.30 -3.08 17.11
N GLU B 466 10.81 -1.97 17.62
CA GLU B 466 9.44 -1.87 18.10
C GLU B 466 8.55 -1.34 16.99
N PRO B 467 7.58 -2.15 16.55
CA PRO B 467 6.71 -1.78 15.43
C PRO B 467 5.71 -0.70 15.86
N TRP B 468 5.18 0.01 14.88
CA TRP B 468 4.25 1.10 15.14
C TRP B 468 3.14 0.65 16.07
N HIS B 469 2.58 -0.54 15.83
CA HIS B 469 1.40 -0.94 16.59
C HIS B 469 1.75 -1.16 18.05
N HIS B 470 3.00 -1.50 18.36
CA HIS B 470 3.36 -1.62 19.77
C HIS B 470 3.61 -0.23 20.41
N LEU B 471 4.19 0.68 19.65
CA LEU B 471 4.38 2.04 20.16
C LEU B 471 3.03 2.71 20.48
N TYR B 472 2.01 2.43 19.69
CA TYR B 472 0.70 3.08 19.89
C TYR B 472 -0.23 2.34 20.84
N TYR B 473 -0.17 1.01 20.84
CA TYR B 473 -1.21 0.23 21.50
C TYR B 473 -0.61 -0.75 22.52
N LYS B 474 0.70 -0.86 22.54
CA LYS B 474 1.42 -1.83 23.37
C LYS B 474 0.71 -3.19 23.38
N ASP B 475 0.46 -3.75 24.56
CA ASP B 475 -0.13 -5.10 24.60
C ASP B 475 -1.62 -5.15 24.32
N ASN B 476 -2.25 -4.02 24.01
CA ASN B 476 -3.63 -4.03 23.59
C ASN B 476 -3.85 -4.37 22.12
N TYR B 477 -2.77 -4.50 21.35
CA TYR B 477 -2.93 -4.66 19.91
C TYR B 477 -3.60 -5.99 19.58
N ALA B 478 -3.25 -7.05 20.31
CA ALA B 478 -3.86 -8.35 20.00
C ALA B 478 -5.38 -8.30 20.09
N ARG B 479 -5.88 -7.66 21.15
CA ARG B 479 -7.31 -7.57 21.37
C ARG B 479 -7.97 -6.68 20.31
N LEU B 480 -7.27 -5.64 19.86
CA LEU B 480 -7.76 -4.80 18.79
C LEU B 480 -7.86 -5.60 17.49
N ARG B 481 -6.86 -6.42 17.19
CA ARG B 481 -6.91 -7.25 15.97
C ARG B 481 -8.10 -8.21 16.00
N SER B 482 -8.36 -8.80 17.16
CA SER B 482 -9.52 -9.68 17.26
C SER B 482 -10.81 -8.94 16.99
N ALA B 483 -10.92 -7.72 17.53
CA ALA B 483 -12.13 -6.93 17.32
C ALA B 483 -12.29 -6.56 15.85
N LYS B 484 -11.15 -6.28 15.22
CA LYS B 484 -11.12 -5.97 13.80
C LYS B 484 -11.63 -7.16 12.95
N ARG B 485 -11.12 -8.35 13.25
CA ARG B 485 -11.55 -9.56 12.53
C ARG B 485 -13.05 -9.80 12.72
N ALA B 486 -13.53 -9.55 13.93
CA ALA B 486 -14.94 -9.77 14.23
C ALA B 486 -15.87 -8.78 13.57
N TRP B 487 -15.46 -7.52 13.50
CA TRP B 487 -16.38 -6.45 13.13
C TRP B 487 -16.14 -5.83 11.76
N ASP B 488 -14.93 -5.99 11.22
CA ASP B 488 -14.64 -5.52 9.88
C ASP B 488 -13.90 -6.60 9.11
N PRO B 489 -14.55 -7.78 8.97
CA PRO B 489 -13.84 -8.94 8.41
C PRO B 489 -13.36 -8.74 6.99
N LEU B 490 -14.00 -7.86 6.25
CA LEU B 490 -13.59 -7.62 4.85
C LEU B 490 -12.53 -6.52 4.74
N ASN B 491 -12.11 -5.97 5.87
CA ASN B 491 -11.18 -4.84 5.86
C ASN B 491 -11.71 -3.72 5.00
N THR B 492 -12.98 -3.39 5.17
CA THR B 492 -13.59 -2.30 4.45
C THR B 492 -12.96 -0.97 4.84
N PHE B 493 -12.57 -0.88 6.10
CA PHE B 493 -12.04 0.38 6.63
C PHE B 493 -10.56 0.23 6.88
N HIS B 494 -9.75 0.94 6.11
CA HIS B 494 -8.32 0.73 6.14
C HIS B 494 -7.60 1.97 5.67
N HIS B 495 -6.34 2.09 6.10
CA HIS B 495 -5.48 3.20 5.71
C HIS B 495 -4.04 2.79 6.01
N SER B 496 -3.09 3.72 5.89
CA SER B 496 -1.69 3.33 6.02
C SER B 496 -1.30 2.83 7.39
N MET B 497 -2.10 3.14 8.41
CA MET B 497 -1.78 2.72 9.76
C MET B 497 -2.99 2.09 10.46
N SER B 498 -3.77 1.32 9.70
CA SER B 498 -4.95 0.70 10.27
C SER B 498 -4.63 -0.64 10.92
N ILE B 499 -5.43 -0.98 11.92
CA ILE B 499 -5.26 -2.22 12.64
C ILE B 499 -5.36 -3.42 11.67
N GLY B 500 -4.40 -4.34 11.75
CA GLY B 500 -4.38 -5.48 10.83
C GLY B 500 -5.36 -6.60 11.17
N LEU B 501 -5.92 -7.22 10.14
CA LEU B 501 -6.85 -8.32 10.34
C LEU B 501 -6.25 -9.42 11.20
N PRO C 9 -34.56 23.16 24.83
CA PRO C 9 -35.60 23.86 25.58
C PRO C 9 -35.11 25.17 26.17
N PRO C 10 -36.02 26.11 26.41
CA PRO C 10 -35.67 27.41 26.97
C PRO C 10 -35.49 27.32 28.48
N PHE C 11 -34.57 28.12 29.02
CA PHE C 11 -34.33 28.12 30.46
C PHE C 11 -33.80 29.45 30.97
N THR C 12 -33.73 29.58 32.28
CA THR C 12 -33.35 30.81 32.93
C THR C 12 -32.11 30.60 33.78
N VAL C 13 -31.21 31.59 33.78
CA VAL C 13 -30.00 31.54 34.59
C VAL C 13 -30.01 32.72 35.56
N GLY C 14 -30.24 32.43 36.84
CA GLY C 14 -30.27 33.47 37.84
C GLY C 14 -28.93 33.65 38.54
N ARG C 15 -28.88 34.59 39.47
CA ARG C 15 -27.62 35.00 40.07
C ARG C 15 -26.92 33.89 40.85
N GLU C 16 -27.67 32.88 41.27
CA GLU C 16 -27.12 31.79 42.07
C GLU C 16 -26.62 30.62 41.21
N ASP C 17 -26.94 30.67 39.93
CA ASP C 17 -26.57 29.62 38.97
C ASP C 17 -25.10 29.81 38.56
N PRO C 18 -24.32 28.73 38.57
CA PRO C 18 -22.90 28.87 38.25
C PRO C 18 -22.64 29.41 36.82
N ARG C 19 -23.59 29.24 35.92
CA ARG C 19 -23.41 29.74 34.55
C ARG C 19 -23.52 31.26 34.47
N TYR C 20 -24.04 31.87 35.52
CA TYR C 20 -24.22 33.31 35.53
C TYR C 20 -22.89 34.04 35.34
N ILE C 21 -21.84 33.48 35.93
CA ILE C 21 -20.51 34.10 35.86
C ILE C 21 -20.09 34.33 34.42
N GLU C 22 -20.16 33.29 33.60
CA GLU C 22 -19.77 33.38 32.21
C GLU C 22 -20.72 34.34 31.49
N LEU C 23 -22.01 34.23 31.77
CA LEU C 23 -22.95 35.08 31.03
C LEU C 23 -22.81 36.56 31.39
N SER C 24 -22.23 36.86 32.55
CA SER C 24 -22.13 38.26 33.00
C SER C 24 -21.07 39.04 32.22
N HIS C 25 -20.33 38.35 31.34
CA HIS C 25 -19.30 38.98 30.51
C HIS C 25 -19.74 38.87 29.07
N SER C 26 -19.66 39.98 28.33
CA SER C 26 -19.69 39.92 26.86
C SER C 26 -18.23 39.91 26.39
N ASP C 27 -18.00 40.11 25.10
CA ASP C 27 -16.62 39.99 24.63
C ASP C 27 -15.69 41.05 25.25
N ASN C 28 -16.18 42.28 25.39
CA ASN C 28 -15.37 43.36 25.94
C ASN C 28 -15.46 43.32 27.46
N HIS C 29 -14.38 42.92 28.12
CA HIS C 29 -14.41 42.74 29.57
C HIS C 29 -14.34 44.05 30.38
N ARG C 30 -14.38 45.18 29.68
CA ARG C 30 -14.49 46.47 30.34
C ARG C 30 -15.88 46.66 30.97
N PHE C 31 -16.84 45.84 30.56
CA PHE C 31 -18.22 46.05 30.95
C PHE C 31 -18.75 44.75 31.50
N VAL C 32 -19.73 44.85 32.38
CA VAL C 32 -20.30 43.65 32.96
C VAL C 32 -21.82 43.69 32.73
N VAL C 33 -22.42 42.51 32.66
CA VAL C 33 -23.85 42.41 32.42
C VAL C 33 -24.44 41.65 33.60
N GLU C 34 -25.10 42.38 34.50
CA GLU C 34 -25.55 41.77 35.75
C GLU C 34 -27.04 41.97 35.99
N PRO C 35 -27.87 41.24 35.25
CA PRO C 35 -29.33 41.34 35.44
C PRO C 35 -29.77 40.48 36.62
N GLU C 36 -31.04 40.53 36.98
CA GLU C 36 -31.55 39.57 37.94
C GLU C 36 -31.51 38.18 37.33
N GLU C 37 -31.73 38.09 36.02
CA GLU C 37 -31.58 36.80 35.36
C GLU C 37 -31.39 36.92 33.86
N PHE C 38 -30.82 35.88 33.29
CA PHE C 38 -30.69 35.74 31.86
C PHE C 38 -31.72 34.73 31.43
N PHE C 39 -32.40 35.02 30.33
CA PHE C 39 -33.31 34.04 29.74
C PHE C 39 -32.73 33.58 28.42
N LEU C 40 -32.74 32.26 28.19
CA LEU C 40 -32.18 31.69 26.97
C LEU C 40 -33.30 31.06 26.12
N PRO C 41 -33.95 31.86 25.28
CA PRO C 41 -35.09 31.39 24.48
C PRO C 41 -34.64 30.36 23.46
N ALA C 42 -35.53 29.44 23.09
CA ALA C 42 -35.25 28.48 22.03
C ALA C 42 -35.96 28.86 20.72
N THR C 43 -37.05 29.62 20.81
CA THR C 43 -37.82 29.98 19.64
C THR C 43 -38.23 31.43 19.70
N PRO C 44 -38.66 31.98 18.57
CA PRO C 44 -39.21 33.34 18.59
C PRO C 44 -40.39 33.48 19.55
N ASP C 45 -41.21 32.44 19.67
CA ASP C 45 -42.35 32.51 20.60
C ASP C 45 -41.88 32.65 22.05
N ASP C 46 -40.79 31.96 22.39
CA ASP C 46 -40.17 32.11 23.72
C ASP C 46 -39.75 33.55 23.97
N VAL C 47 -39.19 34.19 22.94
CA VAL C 47 -38.82 35.60 23.07
C VAL C 47 -40.03 36.48 23.37
N VAL C 48 -41.09 36.30 22.60
CA VAL C 48 -42.31 37.09 22.81
C VAL C 48 -42.88 36.92 24.21
N ALA C 49 -42.97 35.67 24.67
CA ALA C 49 -43.57 35.38 25.96
C ALA C 49 -42.72 35.92 27.10
N SER C 50 -41.41 35.86 26.95
CA SER C 50 -40.50 36.37 27.96
C SER C 50 -40.58 37.88 28.05
N LEU C 51 -40.60 38.54 26.91
CA LEU C 51 -40.69 40.00 26.85
C LEU C 51 -42.02 40.48 27.42
N GLN C 52 -43.09 39.77 27.09
CA GLN C 52 -44.44 40.15 27.55
C GLN C 52 -44.52 40.13 29.07
N LYS C 53 -44.08 39.03 29.67
CA LYS C 53 -44.02 38.91 31.13
C LYS C 53 -43.29 40.09 31.75
N ALA C 54 -42.10 40.37 31.23
CA ALA C 54 -41.25 41.43 31.75
C ALA C 54 -41.91 42.80 31.64
N VAL C 55 -42.42 43.14 30.46
CA VAL C 55 -42.93 44.49 30.29
C VAL C 55 -44.23 44.69 31.10
N THR C 56 -44.99 43.61 31.24
CA THR C 56 -46.22 43.70 32.02
C THR C 56 -45.89 44.02 33.48
N GLU C 57 -44.79 43.45 33.96
CA GLU C 57 -44.36 43.66 35.35
C GLU C 57 -43.45 44.87 35.52
N GLY C 58 -43.28 45.65 34.46
CA GLY C 58 -42.46 46.85 34.54
C GLY C 58 -40.96 46.60 34.68
N ARG C 59 -40.51 45.40 34.31
CA ARG C 59 -39.10 45.06 34.40
C ARG C 59 -38.31 45.57 33.20
N GLY C 60 -37.05 45.94 33.42
CA GLY C 60 -36.20 46.45 32.36
C GLY C 60 -35.56 45.30 31.61
N VAL C 61 -35.50 45.40 30.28
CA VAL C 61 -35.01 44.30 29.47
C VAL C 61 -33.98 44.76 28.45
N ALA C 62 -33.14 43.83 28.02
CA ALA C 62 -32.25 44.02 26.88
C ALA C 62 -31.96 42.66 26.28
N CYS C 63 -31.41 42.62 25.08
CA CYS C 63 -31.03 41.33 24.52
C CYS C 63 -29.56 41.33 24.11
N ARG C 64 -29.06 40.14 23.82
CA ARG C 64 -27.69 39.99 23.38
C ARG C 64 -27.63 38.83 22.39
N SER C 65 -26.88 39.01 21.32
N SER C 65 -26.87 39.00 21.33
CA SER C 65 -26.63 37.92 20.41
CA SER C 65 -26.66 37.92 20.36
C SER C 65 -25.19 37.45 20.57
C SER C 65 -25.25 37.36 20.43
N GLY C 66 -24.29 38.02 19.77
CA GLY C 66 -22.90 37.56 19.83
C GLY C 66 -22.04 38.18 20.93
N GLY C 67 -22.54 39.22 21.59
CA GLY C 67 -21.79 39.85 22.66
C GLY C 67 -20.60 40.69 22.20
N HIS C 68 -20.58 41.08 20.93
CA HIS C 68 -19.46 41.89 20.43
C HIS C 68 -19.54 43.41 20.59
N CYS C 69 -20.58 43.90 21.28
CA CYS C 69 -20.75 45.34 21.45
C CYS C 69 -19.46 46.02 21.87
N GLY C 70 -19.13 47.12 21.21
CA GLY C 70 -17.99 47.93 21.63
C GLY C 70 -18.25 48.72 22.90
N GLN C 71 -19.52 48.86 23.29
CA GLN C 71 -19.87 49.63 24.48
C GLN C 71 -20.70 48.78 25.44
N ASP C 72 -21.23 49.43 26.47
CA ASP C 72 -21.94 48.73 27.54
C ASP C 72 -23.45 48.67 27.30
N PHE C 73 -23.86 48.61 26.06
CA PHE C 73 -25.30 48.74 25.76
C PHE C 73 -26.14 47.64 26.38
N VAL C 74 -25.62 46.42 26.49
CA VAL C 74 -26.46 45.33 26.96
C VAL C 74 -26.76 45.45 28.46
N GLY C 75 -25.72 45.73 29.24
CA GLY C 75 -25.85 45.67 30.69
C GLY C 75 -26.03 47.02 31.40
N THR C 76 -26.00 48.10 30.65
CA THR C 76 -26.15 49.45 31.18
C THR C 76 -27.16 50.27 30.37
N PRO C 77 -28.16 50.86 31.04
CA PRO C 77 -28.46 50.89 32.49
C PRO C 77 -28.81 49.50 33.01
N ARG C 78 -28.77 49.31 34.32
CA ARG C 78 -29.06 48.01 34.90
C ARG C 78 -30.36 47.40 34.34
N ARG C 79 -30.34 46.11 34.07
CA ARG C 79 -31.50 45.43 33.53
C ARG C 79 -32.01 44.43 34.55
N ASP C 80 -33.31 44.16 34.52
CA ASP C 80 -33.83 43.07 35.31
C ASP C 80 -33.65 41.77 34.55
N LEU C 81 -33.79 41.84 33.23
CA LEU C 81 -33.78 40.62 32.42
C LEU C 81 -32.96 40.82 31.15
N VAL C 82 -32.04 39.90 30.88
CA VAL C 82 -31.36 39.93 29.60
C VAL C 82 -31.69 38.66 28.84
N LEU C 83 -32.17 38.81 27.59
CA LEU C 83 -32.42 37.67 26.72
C LEU C 83 -31.17 37.37 25.92
N ASP C 84 -30.59 36.20 26.13
CA ASP C 84 -29.39 35.79 25.42
C ASP C 84 -29.86 34.91 24.26
N LEU C 85 -29.61 35.34 23.03
CA LEU C 85 -30.25 34.75 21.86
C LEU C 85 -29.48 33.64 21.13
N HIS C 86 -28.37 33.18 21.67
CA HIS C 86 -27.50 32.29 20.89
C HIS C 86 -28.15 30.99 20.42
N ASN C 87 -29.24 30.57 21.06
CA ASN C 87 -29.91 29.34 20.61
C ASN C 87 -30.74 29.56 19.34
N LEU C 88 -31.02 30.81 19.02
CA LEU C 88 -31.83 31.13 17.84
C LEU C 88 -30.91 31.24 16.64
N HIS C 89 -30.37 30.11 16.18
CA HIS C 89 -29.34 30.17 15.15
C HIS C 89 -29.66 29.29 13.93
N ALA C 90 -30.93 28.95 13.76
CA ALA C 90 -31.33 28.16 12.60
C ALA C 90 -31.11 28.93 11.31
N ILE C 91 -30.64 28.23 10.29
CA ILE C 91 -30.48 28.79 8.95
C ILE C 91 -31.20 27.87 7.98
N GLY C 92 -32.01 28.44 7.10
CA GLY C 92 -32.68 27.61 6.11
C GLY C 92 -33.35 28.42 5.04
N PRO C 93 -33.87 27.76 4.00
CA PRO C 93 -34.54 28.51 2.95
C PRO C 93 -35.73 29.27 3.49
N ALA C 94 -35.96 30.47 2.98
CA ALA C 94 -37.06 31.31 3.45
C ALA C 94 -38.40 30.64 3.16
N ALA C 95 -39.40 30.96 3.99
CA ALA C 95 -40.75 30.44 3.84
C ALA C 95 -41.28 30.54 2.40
N ASP C 96 -41.14 31.72 1.81
CA ASP C 96 -41.57 31.94 0.41
C ASP C 96 -40.64 31.30 -0.61
N GLY C 97 -39.84 30.33 -0.17
CA GLY C 97 -38.90 29.65 -1.03
C GLY C 97 -38.16 30.55 -2.03
N ALA C 98 -37.65 31.68 -1.55
CA ALA C 98 -36.97 32.63 -2.42
C ALA C 98 -35.57 33.07 -1.95
N GLY C 99 -35.39 33.30 -0.65
CA GLY C 99 -34.09 33.63 -0.07
C GLY C 99 -33.70 32.73 1.09
N VAL C 100 -33.01 33.26 2.10
CA VAL C 100 -32.60 32.45 3.23
C VAL C 100 -32.92 33.13 4.57
N ARG C 101 -33.47 32.36 5.51
CA ARG C 101 -33.76 32.88 6.84
C ARG C 101 -32.62 32.51 7.81
N VAL C 102 -32.21 33.48 8.62
CA VAL C 102 -31.13 33.29 9.58
C VAL C 102 -31.56 33.79 10.96
N GLY C 103 -31.54 32.92 11.95
CA GLY C 103 -31.87 33.33 13.31
C GLY C 103 -30.88 34.39 13.80
N SER C 104 -31.33 35.30 14.64
CA SER C 104 -30.50 36.44 15.03
C SER C 104 -29.37 36.03 15.97
N GLY C 105 -29.48 34.83 16.55
CA GLY C 105 -28.44 34.29 17.42
C GLY C 105 -27.31 33.57 16.68
N ALA C 106 -27.44 33.40 15.36
CA ALA C 106 -26.35 32.79 14.62
C ALA C 106 -25.11 33.68 14.61
N THR C 107 -23.93 33.08 14.65
CA THR C 107 -22.69 33.85 14.50
C THR C 107 -22.28 33.90 13.05
N VAL C 108 -21.41 34.85 12.73
CA VAL C 108 -20.81 34.91 11.41
C VAL C 108 -20.26 33.56 10.96
N ASP C 109 -19.52 32.88 11.83
CA ASP C 109 -18.98 31.56 11.50
C ASP C 109 -20.07 30.58 11.07
N GLN C 110 -21.15 30.51 11.84
CA GLN C 110 -22.23 29.57 11.50
C GLN C 110 -22.85 29.89 10.16
N VAL C 111 -23.04 31.18 9.92
CA VAL C 111 -23.67 31.61 8.67
C VAL C 111 -22.74 31.36 7.49
N GLN C 112 -21.46 31.69 7.63
CA GLN C 112 -20.53 31.45 6.51
C GLN C 112 -20.46 29.99 6.12
N LYS C 113 -20.38 29.12 7.12
CA LYS C 113 -20.30 27.69 6.87
C LYS C 113 -21.57 27.16 6.22
N ALA C 114 -22.73 27.58 6.74
CA ALA C 114 -24.00 27.09 6.22
C ALA C 114 -24.23 27.56 4.80
N LEU C 115 -24.00 28.84 4.53
CA LEU C 115 -24.23 29.36 3.19
C LEU C 115 -23.34 28.69 2.17
N PHE C 116 -22.07 28.54 2.51
CA PHE C 116 -21.12 27.89 1.61
C PHE C 116 -21.42 26.40 1.42
N ARG C 117 -21.56 25.68 2.52
CA ARG C 117 -21.75 24.23 2.44
C ARG C 117 -23.05 23.80 1.77
N ARG C 118 -24.12 24.58 1.94
CA ARG C 118 -25.42 24.20 1.40
C ARG C 118 -25.67 24.75 0.01
N TRP C 119 -25.20 25.94 -0.25
CA TRP C 119 -25.57 26.62 -1.48
C TRP C 119 -24.41 27.24 -2.27
N ASN C 120 -23.18 26.99 -1.83
CA ASN C 120 -22.03 27.68 -2.41
C ASN C 120 -22.27 29.19 -2.47
N ALA C 121 -22.88 29.73 -1.41
CA ALA C 121 -23.27 31.13 -1.38
C ALA C 121 -22.39 31.88 -0.39
N ALA C 122 -22.43 33.20 -0.45
CA ALA C 122 -21.68 34.04 0.48
C ALA C 122 -22.38 35.39 0.64
N LEU C 123 -22.32 35.95 1.85
CA LEU C 123 -22.79 37.31 2.10
C LEU C 123 -21.60 38.11 2.61
N PRO C 124 -21.64 39.43 2.54
CA PRO C 124 -20.49 40.24 2.96
C PRO C 124 -20.38 40.41 4.48
N LEU C 125 -20.25 39.29 5.19
CA LEU C 125 -20.19 39.29 6.64
C LEU C 125 -18.79 39.73 7.05
N GLY C 126 -18.61 40.13 8.31
CA GLY C 126 -17.33 40.68 8.72
C GLY C 126 -16.22 39.68 8.86
N ALA C 127 -15.07 40.17 9.34
CA ALA C 127 -13.85 39.40 9.43
C ALA C 127 -13.70 38.73 10.80
N CYS C 128 -14.69 38.89 11.68
CA CYS C 128 -14.64 38.27 13.01
C CYS C 128 -15.74 37.23 13.10
N SER C 129 -15.36 35.98 13.25
CA SER C 129 -16.34 34.90 13.08
C SER C 129 -17.26 34.69 14.27
N ALA C 130 -16.95 35.30 15.41
CA ALA C 130 -17.79 35.17 16.60
C ALA C 130 -18.88 36.23 16.75
N VAL C 131 -18.86 37.22 15.86
CA VAL C 131 -19.88 38.29 15.89
C VAL C 131 -21.27 37.73 15.64
N GLY C 132 -22.27 38.25 16.34
CA GLY C 132 -23.62 37.71 16.19
C GLY C 132 -24.34 38.46 15.08
N MET C 133 -25.26 37.78 14.41
CA MET C 133 -26.01 38.45 13.36
C MET C 133 -26.89 39.56 13.90
N GLY C 134 -27.41 39.37 15.11
CA GLY C 134 -28.28 40.35 15.75
C GLY C 134 -27.77 41.76 15.63
N GLY C 135 -26.62 42.07 16.25
CA GLY C 135 -26.10 43.41 16.20
C GLY C 135 -25.46 43.75 14.87
N LEU C 136 -24.82 42.77 14.21
CA LEU C 136 -24.05 43.07 13.01
C LEU C 136 -24.97 43.61 11.93
N VAL C 137 -26.05 42.88 11.70
CA VAL C 137 -26.96 43.25 10.60
C VAL C 137 -27.64 44.58 10.88
N ALA C 138 -28.18 44.74 12.10
CA ALA C 138 -28.94 45.96 12.40
C ALA C 138 -28.10 47.22 12.19
N GLY C 139 -26.79 47.12 12.35
CA GLY C 139 -25.90 48.26 12.23
C GLY C 139 -25.35 48.51 10.84
N GLY C 140 -25.57 47.58 9.91
CA GLY C 140 -25.04 47.75 8.56
C GLY C 140 -24.34 46.50 8.07
N GLY C 141 -23.14 46.27 8.59
CA GLY C 141 -22.39 45.07 8.30
C GLY C 141 -21.52 45.18 7.07
N TYR C 142 -20.20 45.26 7.26
CA TYR C 142 -19.30 45.20 6.11
C TYR C 142 -18.26 44.12 6.32
N GLY C 143 -17.64 43.70 5.22
CA GLY C 143 -16.57 42.71 5.33
C GLY C 143 -15.73 42.66 4.10
N PRO C 144 -14.85 41.65 4.03
CA PRO C 144 -13.93 41.50 2.91
C PRO C 144 -14.63 41.42 1.55
N LEU C 145 -15.87 40.97 1.50
CA LEU C 145 -16.56 40.88 0.21
C LEU C 145 -17.39 42.10 -0.14
N SER C 146 -17.39 43.12 0.72
CA SER C 146 -18.28 44.28 0.50
C SER C 146 -18.01 45.06 -0.77
N ARG C 147 -16.77 45.12 -1.23
CA ARG C 147 -16.51 45.84 -2.48
C ARG C 147 -17.16 45.13 -3.67
N GLN C 148 -17.45 43.84 -3.53
CA GLN C 148 -18.22 43.13 -4.55
C GLN C 148 -19.71 43.05 -4.26
N LEU C 149 -20.07 42.92 -2.98
CA LEU C 149 -21.44 42.61 -2.61
C LEU C 149 -22.21 43.70 -1.85
N GLY C 150 -21.54 44.74 -1.39
CA GLY C 150 -22.18 45.79 -0.64
C GLY C 150 -22.22 45.48 0.84
N LEU C 151 -23.10 46.15 1.59
CA LEU C 151 -23.23 45.88 3.03
C LEU C 151 -24.17 44.73 3.22
N VAL C 152 -24.14 44.09 4.39
CA VAL C 152 -25.06 42.99 4.65
C VAL C 152 -26.51 43.47 4.53
N VAL C 153 -26.78 44.70 4.96
CA VAL C 153 -28.17 45.23 4.90
C VAL C 153 -28.63 45.40 3.46
N ASP C 154 -27.68 45.45 2.52
CA ASP C 154 -28.05 45.57 1.10
C ASP C 154 -28.68 44.28 0.56
N HIS C 155 -28.65 43.22 1.36
CA HIS C 155 -29.21 41.92 0.99
C HIS C 155 -30.40 41.57 1.87
N LEU C 156 -30.78 42.48 2.77
CA LEU C 156 -31.85 42.19 3.70
C LEU C 156 -33.20 42.23 3.00
N HIS C 157 -33.98 41.19 3.18
CA HIS C 157 -35.31 41.14 2.61
C HIS C 157 -36.41 41.26 3.66
N ALA C 158 -36.16 40.76 4.87
CA ALA C 158 -37.18 40.88 5.92
C ALA C 158 -36.54 40.83 7.29
N VAL C 159 -37.22 41.41 8.26
CA VAL C 159 -36.81 41.30 9.65
C VAL C 159 -37.99 40.86 10.48
N GLU C 160 -37.83 39.79 11.23
CA GLU C 160 -38.84 39.35 12.17
C GLU C 160 -38.44 39.85 13.55
N VAL C 161 -39.30 40.63 14.20
CA VAL C 161 -38.86 41.35 15.40
C VAL C 161 -39.98 41.45 16.43
N ALA C 162 -39.62 41.22 17.70
CA ALA C 162 -40.56 41.38 18.81
C ALA C 162 -40.59 42.84 19.27
N VAL C 163 -41.74 43.50 19.09
CA VAL C 163 -41.89 44.92 19.43
C VAL C 163 -42.94 45.14 20.52
N VAL C 164 -42.83 46.28 21.20
CA VAL C 164 -43.68 46.60 22.36
C VAL C 164 -44.46 47.89 22.08
N ASP C 165 -45.78 47.82 22.06
CA ASP C 165 -46.56 49.02 21.73
C ASP C 165 -46.97 49.82 22.98
N GLU C 166 -47.66 50.93 22.78
CA GLU C 166 -47.99 51.88 23.86
C GLU C 166 -48.82 51.24 24.98
N SER C 167 -49.48 50.14 24.68
CA SER C 167 -50.30 49.43 25.67
C SER C 167 -49.52 48.31 26.35
N ARG C 168 -48.21 48.28 26.13
CA ARG C 168 -47.35 47.26 26.73
C ARG C 168 -47.65 45.86 26.20
N THR C 169 -48.13 45.78 24.95
CA THR C 169 -48.37 44.49 24.33
C THR C 169 -47.22 44.17 23.37
N VAL C 170 -46.68 42.97 23.51
CA VAL C 170 -45.58 42.51 22.67
C VAL C 170 -46.14 41.71 21.51
N ARG C 171 -45.73 42.06 20.30
CA ARG C 171 -46.11 41.30 19.11
C ARG C 171 -44.87 40.97 18.29
N LEU C 172 -44.90 39.81 17.62
CA LEU C 172 -43.84 39.45 16.68
C LEU C 172 -44.29 39.92 15.32
N VAL C 173 -43.63 40.92 14.78
CA VAL C 173 -44.00 41.41 13.46
C VAL C 173 -42.90 41.09 12.45
N THR C 174 -43.29 40.99 11.18
CA THR C 174 -42.34 40.78 10.10
C THR C 174 -42.43 41.94 9.12
N ALA C 175 -41.34 42.69 9.00
CA ALA C 175 -41.32 43.83 8.11
C ALA C 175 -40.46 43.49 6.92
N ARG C 176 -40.96 43.77 5.73
CA ARG C 176 -40.29 43.35 4.50
C ARG C 176 -39.85 44.51 3.65
N ALA C 177 -38.93 44.24 2.73
CA ALA C 177 -38.33 45.28 1.90
C ALA C 177 -39.36 45.94 1.00
N ASP C 178 -40.47 45.24 0.75
CA ASP C 178 -41.52 45.79 -0.11
C ASP C 178 -42.68 46.41 0.67
N ASP C 179 -42.58 46.41 2.00
CA ASP C 179 -43.64 47.00 2.81
C ASP C 179 -43.65 48.53 2.72
N THR C 180 -44.84 49.11 2.95
CA THR C 180 -44.94 50.55 3.02
C THR C 180 -45.52 50.90 4.38
N GLY C 181 -45.78 52.17 4.61
CA GLY C 181 -46.43 52.57 5.84
C GLY C 181 -45.51 52.26 7.01
N ASP C 182 -46.10 51.93 8.16
CA ASP C 182 -45.31 51.73 9.37
C ASP C 182 -44.34 50.57 9.21
N LEU C 183 -44.80 49.47 8.62
CA LEU C 183 -43.94 48.30 8.44
C LEU C 183 -42.74 48.62 7.58
N GLY C 184 -42.94 49.45 6.57
CA GLY C 184 -41.86 49.89 5.70
C GLY C 184 -40.82 50.65 6.49
N GLU C 185 -41.28 51.43 7.47
CA GLU C 185 -40.38 52.21 8.31
C GLU C 185 -39.60 51.29 9.25
N LEU C 186 -40.28 50.28 9.79
CA LEU C 186 -39.60 49.32 10.67
C LEU C 186 -38.54 48.55 9.90
N PHE C 187 -38.85 48.15 8.66
CA PHE C 187 -37.84 47.47 7.87
C PHE C 187 -36.64 48.36 7.63
N TRP C 188 -36.91 49.59 7.18
CA TRP C 188 -35.82 50.49 6.82
C TRP C 188 -34.94 50.81 8.04
N ALA C 189 -35.56 50.93 9.21
CA ALA C 189 -34.80 51.25 10.43
C ALA C 189 -33.79 50.17 10.77
N HIS C 190 -34.07 48.92 10.40
CA HIS C 190 -33.13 47.81 10.64
C HIS C 190 -32.03 47.71 9.60
N THR C 191 -32.02 48.61 8.63
CA THR C 191 -30.95 48.57 7.65
C THR C 191 -29.87 49.57 8.04
N GLY C 192 -29.50 49.58 9.31
CA GLY C 192 -28.45 50.49 9.73
C GLY C 192 -28.73 51.25 11.03
N GLY C 193 -29.93 51.10 11.58
CA GLY C 193 -30.31 51.87 12.76
C GLY C 193 -29.52 51.41 13.99
N GLY C 194 -29.02 50.19 13.96
CA GLY C 194 -28.23 49.67 15.09
C GLY C 194 -29.07 48.86 16.05
N GLY C 195 -28.44 47.91 16.73
CA GLY C 195 -29.14 47.08 17.67
C GLY C 195 -29.57 47.79 18.95
N GLY C 196 -30.48 47.16 19.69
CA GLY C 196 -30.89 47.65 20.99
C GLY C 196 -31.87 48.82 20.96
N ASN C 197 -32.45 49.09 19.78
CA ASN C 197 -33.29 50.29 19.58
C ASN C 197 -34.79 50.03 19.40
N PHE C 198 -35.15 49.04 18.61
CA PHE C 198 -36.54 48.94 18.13
C PHE C 198 -37.33 47.79 18.69
N GLY C 199 -36.62 46.76 19.13
CA GLY C 199 -37.25 45.51 19.54
C GLY C 199 -36.23 44.39 19.45
N VAL C 200 -36.63 43.18 19.83
CA VAL C 200 -35.72 42.04 19.76
C VAL C 200 -35.91 41.29 18.45
N VAL C 201 -34.95 41.43 17.55
CA VAL C 201 -34.98 40.69 16.29
C VAL C 201 -34.81 39.23 16.56
N THR C 202 -35.69 38.41 15.98
CA THR C 202 -35.58 36.96 16.12
C THR C 202 -34.99 36.29 14.88
N ALA C 203 -35.12 36.95 13.73
CA ALA C 203 -34.55 36.40 12.51
C ALA C 203 -34.49 37.45 11.42
N TYR C 204 -33.55 37.28 10.52
CA TYR C 204 -33.46 38.12 9.33
C TYR C 204 -33.63 37.20 8.13
N GLU C 205 -34.23 37.71 7.07
CA GLU C 205 -34.25 36.98 5.79
C GLU C 205 -33.47 37.76 4.76
N PHE C 206 -32.68 37.05 3.98
CA PHE C 206 -31.81 37.66 3.01
C PHE C 206 -32.18 37.21 1.59
N ARG C 207 -32.20 38.17 0.67
CA ARG C 207 -32.42 37.95 -0.75
C ARG C 207 -31.65 39.02 -1.48
N SER C 208 -30.68 38.64 -2.30
CA SER C 208 -29.79 39.65 -2.91
C SER C 208 -30.46 40.46 -4.02
N PRO C 209 -29.93 41.67 -4.29
CA PRO C 209 -30.31 42.45 -5.46
C PRO C 209 -30.18 41.57 -6.70
N GLU C 210 -31.00 41.85 -7.71
CA GLU C 210 -31.04 40.99 -8.89
C GLU C 210 -29.69 40.81 -9.55
N HIS C 211 -28.88 41.87 -9.60
CA HIS C 211 -27.60 41.74 -10.29
C HIS C 211 -26.55 40.94 -9.51
N LEU C 212 -26.81 40.64 -8.25
CA LEU C 212 -25.89 39.85 -7.44
C LEU C 212 -26.42 38.45 -7.15
N ALA C 213 -27.72 38.23 -7.30
CA ALA C 213 -28.36 36.95 -6.96
C ALA C 213 -28.07 35.83 -7.96
N THR C 214 -27.95 34.61 -7.44
CA THR C 214 -27.74 33.42 -8.26
C THR C 214 -28.55 32.26 -7.71
N GLU C 215 -28.62 31.17 -8.47
CA GLU C 215 -29.31 29.98 -7.99
C GLU C 215 -28.51 29.34 -6.86
N PRO C 216 -29.20 28.62 -5.99
CA PRO C 216 -30.64 28.39 -6.15
C PRO C 216 -31.48 29.13 -5.11
N VAL C 217 -30.84 29.83 -4.18
CA VAL C 217 -31.57 30.51 -3.11
C VAL C 217 -31.57 32.02 -3.23
N GLY C 218 -31.09 32.54 -4.34
CA GLY C 218 -31.17 33.97 -4.58
C GLY C 218 -30.13 34.78 -3.83
N LEU C 219 -29.00 34.14 -3.53
CA LEU C 219 -27.87 34.80 -2.90
C LEU C 219 -26.66 34.80 -3.85
N PRO C 220 -25.60 35.54 -3.50
CA PRO C 220 -24.42 35.56 -4.36
C PRO C 220 -23.65 34.26 -4.31
N ARG C 221 -22.86 34.00 -5.34
CA ARG C 221 -22.01 32.81 -5.36
C ARG C 221 -20.67 33.06 -4.66
N ALA C 222 -20.26 32.15 -3.79
CA ALA C 222 -18.91 32.21 -3.21
C ALA C 222 -17.85 31.96 -4.28
N ALA C 223 -16.79 32.78 -4.29
CA ALA C 223 -15.71 32.60 -5.24
C ALA C 223 -15.14 31.19 -5.16
N GLY C 224 -14.71 30.65 -6.30
CA GLY C 224 -14.15 29.32 -6.28
C GLY C 224 -12.82 29.28 -5.55
N ARG C 225 -12.01 30.30 -5.74
CA ARG C 225 -10.73 30.37 -5.04
C ARG C 225 -10.42 31.81 -4.69
N LEU C 226 -9.62 32.00 -3.64
CA LEU C 226 -9.19 33.32 -3.19
C LEU C 226 -7.69 33.39 -3.13
N HIS C 227 -7.11 34.45 -3.71
CA HIS C 227 -5.73 34.78 -3.40
C HIS C 227 -5.71 35.40 -2.01
N VAL C 228 -4.84 34.89 -1.15
CA VAL C 228 -4.76 35.46 0.19
C VAL C 228 -3.28 35.71 0.45
N GLN C 229 -2.96 36.88 0.99
CA GLN C 229 -1.58 37.20 1.27
C GLN C 229 -1.47 38.01 2.55
N LYS C 230 -0.45 37.72 3.35
CA LYS C 230 -0.16 38.53 4.52
C LYS C 230 1.27 38.98 4.39
N VAL C 231 1.50 40.29 4.53
CA VAL C 231 2.86 40.80 4.38
C VAL C 231 3.29 41.54 5.64
N VAL C 232 4.46 41.17 6.17
CA VAL C 232 4.95 41.76 7.41
C VAL C 232 6.06 42.75 7.08
N PHE C 233 5.95 43.97 7.61
CA PHE C 233 6.96 45.01 7.40
C PHE C 233 7.55 45.38 8.74
N PRO C 234 8.85 45.13 8.93
CA PRO C 234 9.46 45.44 10.23
C PRO C 234 9.55 46.94 10.46
N TRP C 235 9.14 47.39 11.64
CA TRP C 235 9.21 48.82 11.97
C TRP C 235 10.66 49.32 11.86
N ALA C 236 11.61 48.45 12.16
CA ALA C 236 13.02 48.84 12.10
C ALA C 236 13.46 49.35 10.70
N MET C 237 12.75 48.96 9.65
CA MET C 237 13.09 49.40 8.30
C MET C 237 12.30 50.62 7.84
N ILE C 238 11.48 51.16 8.73
CA ILE C 238 10.56 52.23 8.35
C ILE C 238 10.85 53.49 9.14
N ASP C 239 11.14 54.58 8.46
CA ASP C 239 11.25 55.88 9.12
C ASP C 239 9.99 56.69 8.85
N GLU C 240 9.90 57.88 9.44
CA GLU C 240 8.67 58.67 9.32
C GLU C 240 8.31 58.92 7.85
N THR C 241 9.31 59.28 7.05
CA THR C 241 9.03 59.64 5.67
C THR C 241 8.50 58.46 4.85
N SER C 242 9.10 57.29 5.03
CA SER C 242 8.62 56.14 4.27
C SER C 242 7.28 55.66 4.84
N PHE C 243 7.07 55.78 6.14
CA PHE C 243 5.75 55.51 6.72
C PHE C 243 4.67 56.34 6.04
N VAL C 244 4.89 57.65 5.98
CA VAL C 244 3.92 58.55 5.38
C VAL C 244 3.67 58.20 3.92
N THR C 245 4.74 57.90 3.20
CA THR C 245 4.61 57.49 1.80
C THR C 245 3.75 56.22 1.62
N VAL C 246 4.03 55.21 2.42
CA VAL C 246 3.28 53.97 2.33
C VAL C 246 1.79 54.20 2.62
N MET C 247 1.51 54.94 3.69
CA MET C 247 0.11 55.20 4.05
C MET C 247 -0.56 56.06 2.99
N ARG C 248 0.12 57.09 2.50
CA ARG C 248 -0.47 57.92 1.46
C ARG C 248 -0.84 57.06 0.24
N ARG C 249 0.10 56.23 -0.21
CA ARG C 249 -0.13 55.36 -1.36
C ARG C 249 -1.29 54.40 -1.14
N PHE C 250 -1.41 53.86 0.07
CA PHE C 250 -2.54 52.99 0.41
C PHE C 250 -3.85 53.74 0.18
N PHE C 251 -3.95 54.97 0.71
CA PHE C 251 -5.17 55.74 0.54
C PHE C 251 -5.37 56.16 -0.92
N GLU C 252 -4.31 56.57 -1.60
CA GLU C 252 -4.51 57.03 -2.98
C GLU C 252 -4.97 55.90 -3.90
N TRP C 253 -4.48 54.70 -3.67
CA TRP C 253 -4.94 53.55 -4.43
C TRP C 253 -6.45 53.41 -4.28
N HIS C 254 -6.95 53.55 -3.05
CA HIS C 254 -8.37 53.45 -2.83
C HIS C 254 -9.20 54.59 -3.41
N GLU C 255 -8.63 55.78 -3.45
CA GLU C 255 -9.31 56.91 -4.08
C GLU C 255 -9.56 56.59 -5.55
N ARG C 256 -8.58 55.94 -6.18
CA ARG C 256 -8.66 55.64 -7.61
C ARG C 256 -9.47 54.41 -7.93
N HIS C 257 -9.44 53.41 -7.05
CA HIS C 257 -9.92 52.09 -7.42
C HIS C 257 -11.04 51.58 -6.52
N SER C 258 -12.02 52.43 -6.24
CA SER C 258 -13.14 52.00 -5.40
C SER C 258 -14.52 52.24 -6.05
N GLU C 259 -14.56 52.31 -7.37
CA GLU C 259 -15.85 52.42 -8.05
C GLU C 259 -16.55 51.06 -8.12
N PRO C 260 -17.87 51.08 -8.00
CA PRO C 260 -18.67 49.86 -8.14
C PRO C 260 -18.35 49.18 -9.48
N GLY C 261 -18.16 47.87 -9.48
CA GLY C 261 -17.99 47.14 -10.72
C GLY C 261 -16.61 47.13 -11.36
N SER C 262 -15.65 47.88 -10.82
CA SER C 262 -14.31 47.86 -11.38
C SER C 262 -13.60 46.53 -11.10
N PRO C 263 -12.57 46.20 -11.91
CA PRO C 263 -11.79 44.98 -11.61
C PRO C 263 -11.18 44.99 -10.21
N GLU C 264 -10.78 46.17 -9.75
CA GLU C 264 -10.14 46.32 -8.45
C GLU C 264 -11.10 46.10 -7.28
N SER C 265 -12.40 46.08 -7.56
CA SER C 265 -13.37 45.84 -6.49
C SER C 265 -13.32 44.37 -6.05
N SER C 266 -12.55 43.55 -6.77
CA SER C 266 -12.33 42.16 -6.36
C SER C 266 -11.27 42.02 -5.27
N LEU C 267 -10.60 43.11 -4.94
CA LEU C 267 -9.55 43.10 -3.93
C LEU C 267 -10.01 43.74 -2.61
N PHE C 268 -9.54 43.21 -1.49
CA PHE C 268 -9.81 43.81 -0.17
C PHE C 268 -8.56 43.74 0.69
N ALA C 269 -8.10 44.89 1.18
CA ALA C 269 -6.89 44.94 1.99
C ALA C 269 -7.25 45.36 3.43
N THR C 270 -6.50 44.82 4.39
CA THR C 270 -6.61 45.19 5.80
C THR C 270 -5.19 45.52 6.26
N PHE C 271 -4.94 46.78 6.63
CA PHE C 271 -3.59 47.16 7.01
C PHE C 271 -3.58 47.36 8.52
N PHE C 272 -2.90 46.46 9.24
CA PHE C 272 -2.74 46.63 10.68
C PHE C 272 -1.52 47.50 10.95
N VAL C 273 -1.78 48.75 11.27
CA VAL C 273 -0.70 49.69 11.49
C VAL C 273 -0.49 49.73 13.00
N ASN C 274 0.39 48.84 13.47
CA ASN C 274 0.58 48.55 14.89
C ASN C 274 1.48 49.55 15.58
N HIS C 275 1.23 49.76 16.86
CA HIS C 275 2.17 50.49 17.69
C HIS C 275 3.55 49.80 17.59
N VAL C 276 4.62 50.59 17.71
CA VAL C 276 5.97 50.08 17.48
C VAL C 276 6.36 48.92 18.39
N SER C 277 5.73 48.82 19.56
CA SER C 277 6.07 47.74 20.48
C SER C 277 5.75 46.36 19.90
N SER C 278 4.91 46.31 18.87
CA SER C 278 4.61 45.05 18.19
C SER C 278 5.72 44.65 17.23
N GLY C 279 6.58 45.61 16.90
CA GLY C 279 7.71 45.35 16.03
C GLY C 279 7.43 45.39 14.54
N VAL C 280 6.17 45.27 14.13
CA VAL C 280 5.86 45.14 12.69
C VAL C 280 4.57 45.83 12.32
N LEU C 281 4.44 46.19 11.05
CA LEU C 281 3.15 46.47 10.43
C LEU C 281 2.74 45.21 9.68
N GLN C 282 1.45 44.94 9.56
CA GLN C 282 1.04 43.77 8.82
C GLN C 282 -0.07 44.12 7.85
N LEU C 283 0.16 43.80 6.58
CA LEU C 283 -0.82 44.06 5.54
C LEU C 283 -1.43 42.74 5.10
N MET C 284 -2.74 42.64 5.13
CA MET C 284 -3.41 41.45 4.63
C MET C 284 -4.17 41.84 3.38
N VAL C 285 -4.14 41.02 2.35
CA VAL C 285 -4.86 41.33 1.14
C VAL C 285 -5.47 40.07 0.59
N GLN C 286 -6.71 40.14 0.15
CA GLN C 286 -7.32 39.02 -0.54
C GLN C 286 -7.92 39.49 -1.83
N GLN C 287 -7.97 38.58 -2.81
CA GLN C 287 -8.55 38.91 -4.11
C GLN C 287 -9.25 37.69 -4.68
N ASP C 288 -10.43 37.92 -5.26
CA ASP C 288 -11.21 36.88 -5.92
C ASP C 288 -10.40 36.29 -7.08
N ALA C 289 -10.10 34.99 -7.00
CA ALA C 289 -9.27 34.38 -8.04
C ALA C 289 -10.06 33.99 -9.29
N ASP C 290 -11.39 33.98 -9.20
CA ASP C 290 -12.21 33.77 -10.40
C ASP C 290 -12.09 34.99 -11.32
N VAL C 291 -12.10 36.17 -10.70
CA VAL C 291 -12.01 37.41 -11.43
C VAL C 291 -10.61 37.59 -12.02
N ASP C 292 -9.60 37.23 -11.23
CA ASP C 292 -8.19 37.48 -11.58
C ASP C 292 -7.35 36.24 -11.25
N PRO C 293 -7.33 35.26 -12.17
CA PRO C 293 -6.69 33.98 -11.86
C PRO C 293 -5.24 34.08 -11.43
N GLU C 294 -4.48 34.97 -12.03
CA GLU C 294 -3.07 35.12 -11.67
C GLU C 294 -2.85 36.06 -10.48
N GLY C 295 -3.91 36.75 -10.06
CA GLY C 295 -3.79 37.68 -8.95
C GLY C 295 -2.87 38.85 -9.28
N GLU C 296 -2.94 39.34 -10.51
CA GLU C 296 -2.10 40.47 -10.92
C GLU C 296 -2.43 41.76 -10.17
N ILE C 297 -3.71 42.04 -9.96
CA ILE C 297 -4.10 43.26 -9.27
C ILE C 297 -3.54 43.26 -7.85
N LEU C 298 -3.65 42.12 -7.18
CA LEU C 298 -3.10 42.01 -5.82
C LEU C 298 -1.60 42.26 -5.82
N ALA C 299 -0.88 41.59 -6.74
CA ALA C 299 0.56 41.73 -6.79
C ALA C 299 0.98 43.18 -7.05
N ARG C 300 0.30 43.83 -7.99
CA ARG C 300 0.61 45.23 -8.31
C ARG C 300 0.33 46.17 -7.14
N PHE C 301 -0.78 45.93 -6.47
CA PHE C 301 -1.18 46.75 -5.31
C PHE C 301 -0.11 46.67 -4.24
N VAL C 302 0.29 45.45 -3.89
CA VAL C 302 1.29 45.28 -2.85
C VAL C 302 2.62 45.92 -3.23
N ALA C 303 3.08 45.68 -4.45
CA ALA C 303 4.38 46.19 -4.87
C ALA C 303 4.38 47.72 -4.87
N SER C 304 3.28 48.30 -5.33
CA SER C 304 3.19 49.75 -5.44
C SER C 304 3.35 50.48 -4.11
N LEU C 305 2.91 49.86 -3.01
CA LEU C 305 2.97 50.55 -1.72
C LEU C 305 4.39 50.93 -1.32
N THR C 306 5.35 50.06 -1.60
CA THR C 306 6.71 50.26 -1.10
C THR C 306 7.76 50.50 -2.18
N GLU C 307 7.31 50.57 -3.43
CA GLU C 307 8.21 50.85 -4.53
C GLU C 307 8.92 52.19 -4.32
N GLY C 308 10.25 52.15 -4.33
CA GLY C 308 11.06 53.34 -4.18
C GLY C 308 11.22 53.85 -2.76
N THR C 309 10.94 52.99 -1.78
CA THR C 309 11.02 53.39 -0.38
C THR C 309 12.19 52.75 0.37
N GLY C 310 12.51 51.51 0.00
CA GLY C 310 13.56 50.77 0.67
C GLY C 310 13.01 49.80 1.70
N VAL C 311 11.70 49.92 1.97
CA VAL C 311 11.04 49.01 2.90
C VAL C 311 10.74 47.69 2.21
N VAL C 312 11.12 46.58 2.84
CA VAL C 312 10.92 45.27 2.25
C VAL C 312 10.01 44.42 3.12
N GLY C 313 8.93 43.92 2.53
CA GLY C 313 7.97 43.12 3.26
C GLY C 313 8.27 41.65 3.12
N ILE C 314 7.86 40.86 4.11
CA ILE C 314 7.98 39.42 4.04
C ILE C 314 6.58 38.81 3.84
N PRO C 315 6.32 38.26 2.67
CA PRO C 315 4.98 37.78 2.34
C PRO C 315 4.78 36.30 2.66
N ARG C 316 3.53 35.94 2.94
CA ARG C 316 3.15 34.54 3.07
C ARG C 316 1.73 34.45 2.56
N GLY C 317 1.28 33.25 2.24
CA GLY C 317 -0.06 33.07 1.71
C GLY C 317 -0.10 32.17 0.51
N GLY C 318 -1.11 32.35 -0.35
CA GLY C 318 -1.25 31.50 -1.52
C GLY C 318 -2.63 31.63 -2.12
N VAL C 319 -3.11 30.56 -2.74
CA VAL C 319 -4.44 30.54 -3.32
C VAL C 319 -5.18 29.43 -2.61
N MET C 320 -6.34 29.74 -2.03
CA MET C 320 -7.08 28.78 -1.22
C MET C 320 -8.50 28.68 -1.67
N SER C 321 -9.17 27.58 -1.32
CA SER C 321 -10.59 27.47 -1.56
C SER C 321 -11.31 28.47 -0.65
N TRP C 322 -12.59 28.68 -0.87
CA TRP C 322 -13.28 29.82 -0.25
C TRP C 322 -13.34 29.74 1.29
N LEU C 323 -13.77 28.61 1.81
CA LEU C 323 -14.00 28.53 3.26
C LEU C 323 -12.66 28.53 4.01
N THR C 324 -11.68 27.82 3.47
CA THR C 324 -10.37 27.80 4.06
C THR C 324 -9.67 29.17 3.96
N GLY C 325 -9.78 29.82 2.81
CA GLY C 325 -9.21 31.14 2.63
C GLY C 325 -9.84 32.19 3.53
N THR C 326 -11.16 32.16 3.62
CA THR C 326 -11.88 33.07 4.49
C THR C 326 -11.41 32.93 5.94
N ARG C 327 -11.28 31.69 6.41
CA ARG C 327 -10.83 31.48 7.78
C ARG C 327 -9.40 31.92 7.98
N TYR C 328 -8.55 31.68 6.99
CA TYR C 328 -7.15 32.10 7.08
C TYR C 328 -7.04 33.62 7.31
N MET C 329 -7.96 34.38 6.73
CA MET C 329 -7.93 35.82 6.83
C MET C 329 -8.74 36.36 8.00
N SER C 330 -9.39 35.47 8.78
CA SER C 330 -10.37 35.86 9.82
C SER C 330 -9.87 35.73 11.25
N GLN C 331 -10.62 36.35 12.17
CA GLN C 331 -10.31 36.27 13.61
C GLN C 331 -11.42 35.49 14.31
N ALA C 332 -11.09 34.37 14.97
CA ALA C 332 -12.12 33.60 15.68
C ALA C 332 -12.13 33.90 17.19
N ASP C 333 -13.05 33.29 17.93
CA ASP C 333 -13.10 33.45 19.39
C ASP C 333 -12.11 32.50 20.10
N CYS C 334 -10.83 32.80 19.97
CA CYS C 334 -9.80 32.01 20.64
C CYS C 334 -8.56 32.85 20.89
N GLY C 335 -7.70 32.39 21.79
CA GLY C 335 -6.42 33.03 22.01
C GLY C 335 -6.54 34.42 22.63
N ASP C 336 -5.58 35.28 22.34
CA ASP C 336 -5.39 36.52 23.10
C ASP C 336 -6.49 37.57 22.96
N VAL C 337 -7.37 37.41 21.98
CA VAL C 337 -8.51 38.34 21.89
C VAL C 337 -9.60 38.05 22.93
N MET C 338 -9.48 36.92 23.63
CA MET C 338 -10.50 36.50 24.59
C MET C 338 -10.21 37.06 25.98
N GLY C 339 -11.27 37.53 26.64
CA GLY C 339 -11.18 38.02 28.00
C GLY C 339 -10.50 39.37 28.14
N ALA C 340 -10.37 40.10 27.04
CA ALA C 340 -9.64 41.37 27.08
C ALA C 340 -10.56 42.57 27.28
N ARG C 341 -9.99 43.63 27.84
CA ARG C 341 -10.65 44.90 27.95
C ARG C 341 -10.25 45.66 26.69
N SER C 342 -11.19 46.36 26.05
CA SER C 342 -10.77 47.06 24.83
C SER C 342 -11.54 48.35 24.60
N ALA C 343 -11.03 49.14 23.66
CA ALA C 343 -11.72 50.34 23.23
C ALA C 343 -11.45 50.48 21.74
N SER C 344 -12.49 50.85 20.98
CA SER C 344 -12.30 51.04 19.55
C SER C 344 -13.05 52.30 19.10
N LYS C 345 -12.46 52.99 18.14
CA LYS C 345 -13.10 54.16 17.56
C LYS C 345 -13.09 53.92 16.05
N SER C 346 -13.85 54.72 15.31
CA SER C 346 -13.97 54.46 13.88
C SER C 346 -13.99 55.74 13.07
N ALA C 347 -13.67 55.62 11.79
CA ALA C 347 -13.79 56.74 10.87
C ALA C 347 -13.99 56.24 9.45
N TYR C 348 -14.82 56.94 8.70
CA TYR C 348 -14.95 56.71 7.28
C TYR C 348 -14.10 57.75 6.55
N HIS C 349 -13.34 57.31 5.56
CA HIS C 349 -12.49 58.21 4.81
C HIS C 349 -12.98 58.32 3.38
N ARG C 350 -13.25 59.55 2.96
CA ARG C 350 -13.67 59.81 1.58
C ARG C 350 -12.45 60.07 0.70
N ALA C 351 -11.37 60.46 1.34
CA ALA C 351 -10.14 60.82 0.65
C ALA C 351 -8.95 60.58 1.56
N ALA C 352 -7.74 60.61 1.02
CA ALA C 352 -6.53 60.45 1.82
C ALA C 352 -6.41 61.50 2.91
N PRO C 353 -5.90 61.10 4.08
CA PRO C 353 -5.59 62.09 5.13
C PRO C 353 -4.39 62.89 4.63
N THR C 354 -4.16 64.07 5.20
CA THR C 354 -3.00 64.85 4.82
C THR C 354 -1.73 64.20 5.34
N ASP C 355 -0.60 64.58 4.75
CA ASP C 355 0.66 64.05 5.25
C ASP C 355 0.90 64.44 6.69
N GLU C 356 0.43 65.62 7.08
CA GLU C 356 0.60 66.05 8.46
C GLU C 356 -0.14 65.10 9.40
N GLN C 357 -1.35 64.69 9.02
CA GLN C 357 -2.11 63.72 9.82
C GLN C 357 -1.34 62.41 9.93
N LEU C 358 -0.76 61.96 8.81
CA LEU C 358 -0.03 60.71 8.81
C LEU C 358 1.20 60.79 9.70
N SER C 359 1.83 61.96 9.78
CA SER C 359 2.92 62.17 10.73
C SER C 359 2.47 62.12 12.19
N VAL C 360 1.28 62.65 12.47
CA VAL C 360 0.72 62.56 13.82
C VAL C 360 0.57 61.08 14.19
N LEU C 361 -0.03 60.32 13.29
CA LEU C 361 -0.19 58.87 13.49
C LEU C 361 1.15 58.22 13.80
N HIS C 362 2.15 58.50 12.96
CA HIS C 362 3.48 57.94 13.19
C HIS C 362 4.00 58.23 14.59
N ARG C 363 3.85 59.48 15.02
CA ARG C 363 4.34 59.89 16.33
C ARG C 363 3.68 59.11 17.48
N HIS C 364 2.36 58.94 17.43
CA HIS C 364 1.67 58.22 18.50
C HIS C 364 1.98 56.72 18.48
N LEU C 365 2.29 56.17 17.30
CA LEU C 365 2.64 54.76 17.18
C LEU C 365 4.05 54.50 17.75
N HIS C 366 4.77 55.57 18.03
CA HIS C 366 6.07 55.45 18.67
C HIS C 366 6.11 55.92 20.12
N ALA C 367 4.97 56.31 20.68
CA ALA C 367 4.90 56.75 22.07
C ALA C 367 5.36 55.65 23.02
N ASP C 368 5.93 56.05 24.17
CA ASP C 368 6.26 55.10 25.21
C ASP C 368 4.94 54.60 25.80
N HIS C 369 4.56 53.39 25.40
CA HIS C 369 3.20 52.92 25.66
C HIS C 369 3.25 51.41 25.53
N PRO C 370 2.55 50.67 26.41
CA PRO C 370 2.43 49.21 26.26
C PRO C 370 1.45 48.86 25.14
N GLY C 371 1.93 48.81 23.91
CA GLY C 371 1.04 48.79 22.75
C GLY C 371 1.02 47.51 21.96
N GLN C 372 1.27 46.38 22.63
CA GLN C 372 1.33 45.12 21.90
C GLN C 372 -0.02 44.72 21.31
N ALA C 373 -1.10 45.34 21.76
CA ALA C 373 -2.40 45.15 21.09
C ALA C 373 -3.06 46.50 20.85
N SER C 374 -2.26 47.46 20.44
CA SER C 374 -2.73 48.79 20.08
C SER C 374 -2.39 49.00 18.61
N TYR C 375 -3.37 49.43 17.81
CA TYR C 375 -3.12 49.59 16.38
C TYR C 375 -4.23 50.39 15.77
N VAL C 376 -4.00 50.89 14.56
CA VAL C 376 -5.07 51.42 13.70
C VAL C 376 -5.19 50.48 12.49
N MET C 377 -6.40 50.02 12.21
CA MET C 377 -6.59 49.08 11.12
C MET C 377 -7.28 49.87 10.01
N PHE C 378 -6.68 49.89 8.82
CA PHE C 378 -7.30 50.52 7.66
C PHE C 378 -7.81 49.46 6.69
N ASN C 379 -9.10 49.50 6.37
CA ASN C 379 -9.75 48.51 5.50
C ASN C 379 -10.17 49.15 4.19
N SER C 380 -9.99 48.45 3.08
CA SER C 380 -10.62 48.84 1.80
C SER C 380 -12.11 49.00 1.99
N TYR C 381 -12.71 49.99 1.32
CA TYR C 381 -14.14 50.20 1.44
C TYR C 381 -14.66 50.61 0.07
N GLY C 382 -15.92 51.01 -0.01
CA GLY C 382 -16.45 51.47 -1.29
C GLY C 382 -16.81 50.32 -2.21
N GLY C 383 -16.48 50.43 -3.49
CA GLY C 383 -16.96 49.46 -4.45
C GLY C 383 -18.48 49.37 -4.44
N GLU C 384 -19.00 48.16 -4.46
CA GLU C 384 -20.42 47.93 -4.47
C GLU C 384 -21.20 48.65 -3.36
N ILE C 385 -20.56 48.86 -2.20
CA ILE C 385 -21.21 49.63 -1.14
C ILE C 385 -21.73 50.96 -1.68
N ASN C 386 -20.95 51.57 -2.55
CA ASN C 386 -21.22 52.93 -3.00
C ASN C 386 -22.21 53.00 -4.16
N ARG C 387 -22.81 51.88 -4.52
CA ARG C 387 -23.81 51.91 -5.59
C ARG C 387 -25.13 52.54 -5.12
N ARG C 388 -25.45 52.37 -3.85
CA ARG C 388 -26.73 52.87 -3.31
C ARG C 388 -26.67 54.32 -2.83
N GLY C 389 -27.83 54.94 -2.67
CA GLY C 389 -27.91 56.32 -2.20
C GLY C 389 -27.93 56.38 -0.68
N PRO C 390 -27.46 57.50 -0.11
CA PRO C 390 -27.42 57.65 1.36
C PRO C 390 -28.76 57.41 2.06
N SER C 391 -29.89 57.66 1.42
CA SER C 391 -31.15 57.48 2.10
C SER C 391 -31.83 56.14 1.85
N ASP C 392 -31.25 55.32 0.96
CA ASP C 392 -31.81 54.02 0.61
C ASP C 392 -31.85 53.06 1.80
N ALA C 393 -30.85 53.16 2.67
CA ALA C 393 -30.82 52.39 3.91
C ALA C 393 -30.55 53.38 5.02
N ALA C 394 -30.62 52.92 6.27
CA ALA C 394 -30.35 53.82 7.37
C ALA C 394 -28.86 54.18 7.46
N VAL C 395 -27.99 53.32 6.91
CA VAL C 395 -26.56 53.64 6.81
C VAL C 395 -26.37 54.76 5.79
N PRO C 396 -25.75 55.89 6.19
CA PRO C 396 -25.69 56.99 5.22
C PRO C 396 -24.40 57.12 4.39
N GLN C 397 -23.30 56.48 4.79
CA GLN C 397 -22.02 56.67 4.11
C GLN C 397 -21.92 55.82 2.82
N ARG C 398 -22.11 56.46 1.68
CA ARG C 398 -22.11 55.74 0.39
C ARG C 398 -21.13 56.31 -0.61
N ASP C 399 -20.11 57.02 -0.13
CA ASP C 399 -19.02 57.43 -1.01
C ASP C 399 -17.63 57.39 -0.38
N SER C 400 -17.47 56.59 0.67
CA SER C 400 -16.18 56.42 1.29
C SER C 400 -15.34 55.33 0.60
N VAL C 401 -14.02 55.40 0.76
CA VAL C 401 -13.12 54.46 0.10
C VAL C 401 -12.20 53.69 1.03
N VAL C 402 -12.06 54.16 2.27
CA VAL C 402 -11.30 53.42 3.29
C VAL C 402 -12.08 53.58 4.60
N LYS C 403 -12.13 52.52 5.41
CA LYS C 403 -12.75 52.59 6.72
C LYS C 403 -11.64 52.26 7.74
N SER C 404 -11.51 53.07 8.79
CA SER C 404 -10.49 52.79 9.80
C SER C 404 -11.09 52.47 11.16
N SER C 405 -10.40 51.60 11.87
CA SER C 405 -10.75 51.23 13.22
C SER C 405 -9.54 51.53 14.10
N TRP C 406 -9.73 52.23 15.22
CA TRP C 406 -8.62 52.67 16.07
C TRP C 406 -8.79 51.92 17.37
N PHE C 407 -7.82 51.10 17.72
CA PHE C 407 -8.08 50.04 18.69
C PHE C 407 -7.00 49.93 19.75
N SER C 408 -7.41 49.65 20.99
CA SER C 408 -6.43 49.18 21.95
C SER C 408 -7.07 48.11 22.83
N ALA C 409 -6.31 47.06 23.16
CA ALA C 409 -6.81 46.02 24.07
C ALA C 409 -5.77 45.81 25.17
N TRP C 410 -6.24 45.42 26.35
CA TRP C 410 -5.35 45.25 27.49
C TRP C 410 -6.03 44.38 28.52
N GLN C 411 -5.36 44.07 29.63
CA GLN C 411 -5.93 43.09 30.56
C GLN C 411 -6.40 43.67 31.88
N ASP C 412 -5.63 44.62 32.42
CA ASP C 412 -5.87 45.10 33.78
C ASP C 412 -6.73 46.34 33.85
N ALA C 413 -7.77 46.31 34.67
CA ALA C 413 -8.62 47.46 34.87
C ALA C 413 -7.83 48.68 35.34
N GLU C 414 -6.74 48.43 36.04
CA GLU C 414 -5.91 49.52 36.56
C GLU C 414 -5.28 50.33 35.45
N LEU C 415 -5.22 49.75 34.25
CA LEU C 415 -4.63 50.43 33.11
C LEU C 415 -5.68 51.01 32.13
N ASP C 416 -6.95 50.99 32.50
CA ASP C 416 -7.98 51.59 31.66
C ASP C 416 -7.61 53.02 31.28
N GLU C 417 -7.26 53.83 32.27
CA GLU C 417 -7.00 55.24 32.01
C GLU C 417 -5.83 55.43 31.05
N LEU C 418 -4.80 54.62 31.21
CA LEU C 418 -3.63 54.66 30.34
C LEU C 418 -3.98 54.37 28.89
N HIS C 419 -4.69 53.28 28.67
CA HIS C 419 -5.06 52.91 27.32
C HIS C 419 -6.06 53.84 26.66
N LEU C 420 -7.10 54.23 27.39
CA LEU C 420 -8.06 55.19 26.87
C LEU C 420 -7.33 56.48 26.54
N GLY C 421 -6.40 56.86 27.40
CA GLY C 421 -5.63 58.08 27.17
C GLY C 421 -4.83 58.04 25.88
N TRP C 422 -4.18 56.91 25.61
CA TRP C 422 -3.40 56.78 24.38
C TRP C 422 -4.29 56.87 23.14
N LEU C 423 -5.37 56.10 23.14
CA LEU C 423 -6.30 56.05 22.02
C LEU C 423 -6.91 57.42 21.74
N ARG C 424 -7.43 58.07 22.78
CA ARG C 424 -8.04 59.37 22.65
C ARG C 424 -7.04 60.39 22.13
N GLY C 425 -5.82 60.34 22.67
CA GLY C 425 -4.78 61.29 22.30
C GLY C 425 -4.47 61.19 20.82
N LEU C 426 -4.37 59.96 20.33
CA LEU C 426 -4.09 59.73 18.91
C LEU C 426 -5.24 60.18 18.02
N TYR C 427 -6.45 59.68 18.30
CA TYR C 427 -7.61 59.95 17.46
C TYR C 427 -7.89 61.44 17.41
N GLU C 428 -7.85 62.08 18.57
CA GLU C 428 -8.20 63.49 18.66
C GLU C 428 -7.15 64.38 17.98
N GLU C 429 -5.88 64.02 18.09
CA GLU C 429 -4.89 64.83 17.38
C GLU C 429 -4.91 64.58 15.89
N PHE C 430 -5.11 63.33 15.49
CA PHE C 430 -5.22 63.02 14.05
C PHE C 430 -6.32 63.83 13.41
N PHE C 431 -7.45 63.99 14.11
CA PHE C 431 -8.59 64.72 13.58
C PHE C 431 -8.73 66.13 14.17
N ALA C 432 -7.61 66.69 14.63
CA ALA C 432 -7.67 67.95 15.39
C ALA C 432 -8.20 69.11 14.57
N GLY C 433 -7.94 69.08 13.27
CA GLY C 433 -8.40 70.13 12.38
C GLY C 433 -9.91 70.19 12.27
N THR C 434 -10.58 69.11 12.65
CA THR C 434 -12.04 69.08 12.62
C THR C 434 -12.63 68.69 13.97
N GLY C 435 -12.13 69.30 15.04
CA GLY C 435 -12.76 69.15 16.35
C GLY C 435 -12.45 67.83 17.03
N GLY C 436 -11.47 67.11 16.52
CA GLY C 436 -11.08 65.84 17.12
C GLY C 436 -11.89 64.64 16.64
N VAL C 437 -12.77 64.85 15.66
CA VAL C 437 -13.61 63.76 15.15
C VAL C 437 -13.60 63.73 13.64
N PRO C 438 -13.90 62.57 13.03
CA PRO C 438 -13.98 62.52 11.56
C PRO C 438 -15.31 63.09 11.08
N VAL C 439 -15.41 64.41 11.01
CA VAL C 439 -16.68 65.06 10.68
C VAL C 439 -17.18 64.60 9.32
N THR C 440 -18.47 64.75 9.08
CA THR C 440 -19.05 64.30 7.82
C THR C 440 -18.81 65.30 6.71
N GLY C 441 -18.85 64.82 5.47
CA GLY C 441 -18.85 65.69 4.30
C GLY C 441 -17.54 66.37 3.90
N GLY C 442 -16.41 65.89 4.41
CA GLY C 442 -15.11 66.44 4.03
C GLY C 442 -14.16 65.34 3.53
N ARG C 443 -12.95 65.31 4.07
CA ARG C 443 -12.06 64.17 3.84
C ARG C 443 -12.61 62.92 4.51
N THR C 444 -13.46 63.11 5.51
CA THR C 444 -14.07 61.99 6.23
C THR C 444 -15.58 62.00 6.11
N ASP C 445 -16.24 60.96 6.60
CA ASP C 445 -17.69 60.91 6.56
C ASP C 445 -18.28 60.28 7.82
N GLY C 446 -17.71 60.60 8.97
CA GLY C 446 -18.35 60.16 10.18
C GLY C 446 -17.88 58.79 10.63
N CYS C 447 -18.77 58.08 11.30
CA CYS C 447 -18.43 56.91 12.11
C CYS C 447 -19.46 55.82 11.89
N TYR C 448 -19.11 54.60 12.30
CA TYR C 448 -19.93 53.42 12.04
C TYR C 448 -20.55 52.96 13.37
N ILE C 449 -21.87 52.85 13.43
CA ILE C 449 -22.60 52.55 14.67
C ILE C 449 -22.24 51.19 15.28
N ASN C 450 -21.67 50.29 14.47
CA ASN C 450 -21.22 49.00 14.99
C ASN C 450 -19.87 49.06 15.71
N TYR C 451 -19.22 50.23 15.63
CA TYR C 451 -18.07 50.54 16.49
C TYR C 451 -18.40 51.79 17.32
N PRO C 452 -19.40 51.68 18.21
CA PRO C 452 -19.96 52.85 18.89
C PRO C 452 -18.94 53.42 19.86
N ASP C 453 -18.88 54.73 19.95
CA ASP C 453 -17.85 55.40 20.76
C ASP C 453 -18.50 56.45 21.64
N ALA C 454 -18.65 56.14 22.93
CA ALA C 454 -19.38 57.04 23.80
C ALA C 454 -18.62 58.35 24.04
N ASP C 455 -17.34 58.40 23.71
CA ASP C 455 -16.61 59.66 23.82
C ASP C 455 -17.22 60.73 22.92
N LEU C 456 -17.94 60.32 21.90
CA LEU C 456 -18.49 61.32 20.98
C LEU C 456 -19.56 62.16 21.68
N LEU C 457 -20.02 61.69 22.83
CA LEU C 457 -21.04 62.39 23.62
C LEU C 457 -20.45 63.47 24.52
N ASP C 458 -19.12 63.57 24.57
CA ASP C 458 -18.47 64.42 25.57
C ASP C 458 -17.73 65.58 24.94
N PRO C 459 -18.05 66.83 25.36
CA PRO C 459 -17.44 67.99 24.72
C PRO C 459 -15.93 68.06 24.81
N ALA C 460 -15.35 67.48 25.85
CA ALA C 460 -13.90 67.48 25.94
C ALA C 460 -13.26 66.63 24.84
N ARG C 461 -14.02 65.68 24.30
CA ARG C 461 -13.50 64.76 23.29
C ARG C 461 -13.93 65.14 21.87
N ASN C 462 -15.10 65.73 21.76
CA ASN C 462 -15.71 66.10 20.48
C ASN C 462 -15.96 67.59 20.49
N ARG C 463 -15.12 68.35 19.79
CA ARG C 463 -15.26 69.79 19.73
C ARG C 463 -15.76 70.26 18.38
N SER C 464 -16.33 69.32 17.61
CA SER C 464 -16.75 69.61 16.23
C SER C 464 -18.14 70.23 16.14
N GLY C 465 -18.93 70.11 17.20
CA GLY C 465 -20.28 70.62 17.17
C GLY C 465 -21.23 69.65 16.49
N GLU C 466 -20.67 68.61 15.90
CA GLU C 466 -21.46 67.56 15.26
C GLU C 466 -21.79 66.48 16.28
N PRO C 467 -23.08 66.29 16.54
CA PRO C 467 -23.50 65.31 17.55
C PRO C 467 -23.33 63.88 17.06
N TRP C 468 -23.25 62.95 18.01
CA TRP C 468 -23.04 61.54 17.71
C TRP C 468 -24.02 61.05 16.64
N HIS C 469 -25.28 61.43 16.78
CA HIS C 469 -26.29 60.89 15.86
C HIS C 469 -26.06 61.36 14.43
N HIS C 470 -25.43 62.52 14.25
CA HIS C 470 -25.16 62.96 12.89
C HIS C 470 -23.90 62.27 12.32
N LEU C 471 -22.90 62.02 13.17
CA LEU C 471 -21.73 61.27 12.74
C LEU C 471 -22.07 59.86 12.31
N TYR C 472 -23.04 59.23 12.97
CA TYR C 472 -23.39 57.86 12.65
C TYR C 472 -24.46 57.71 11.57
N TYR C 473 -25.44 58.61 11.60
CA TYR C 473 -26.62 58.46 10.77
C TYR C 473 -26.88 59.61 9.78
N LYS C 474 -26.07 60.66 9.89
CA LYS C 474 -26.24 61.86 9.08
C LYS C 474 -27.72 62.24 8.96
N ASP C 475 -28.21 62.49 7.76
CA ASP C 475 -29.59 62.97 7.59
C ASP C 475 -30.64 61.89 7.73
N ASN C 476 -30.22 60.66 8.00
CA ASN C 476 -31.20 59.60 8.25
C ASN C 476 -31.75 59.59 9.66
N TYR C 477 -31.20 60.42 10.54
CA TYR C 477 -31.60 60.36 11.94
C TYR C 477 -33.07 60.71 12.16
N ALA C 478 -33.56 61.74 11.45
CA ALA C 478 -34.97 62.12 11.60
C ALA C 478 -35.90 60.95 11.34
N ARG C 479 -35.66 60.22 10.24
CA ARG C 479 -36.50 59.10 9.89
C ARG C 479 -36.39 57.96 10.91
N LEU C 480 -35.18 57.75 11.46
CA LEU C 480 -35.00 56.77 12.52
C LEU C 480 -35.82 57.15 13.77
N ARG C 481 -35.76 58.41 14.15
CA ARG C 481 -36.55 58.86 15.30
C ARG C 481 -38.05 58.63 15.10
N SER C 482 -38.54 58.87 13.89
CA SER C 482 -39.97 58.63 13.64
C SER C 482 -40.29 57.15 13.79
N ALA C 483 -39.39 56.28 13.31
CA ALA C 483 -39.62 54.86 13.39
C ALA C 483 -39.63 54.42 14.85
N LYS C 484 -38.73 55.03 15.62
CA LYS C 484 -38.61 54.73 17.05
C LYS C 484 -39.90 55.12 17.78
N ARG C 485 -40.40 56.32 17.51
CA ARG C 485 -41.66 56.76 18.11
C ARG C 485 -42.80 55.81 17.76
N ALA C 486 -42.84 55.37 16.50
CA ALA C 486 -43.91 54.49 16.05
C ALA C 486 -43.85 53.11 16.66
N TRP C 487 -42.64 52.55 16.81
CA TRP C 487 -42.49 51.14 17.08
C TRP C 487 -42.03 50.81 18.50
N ASP C 488 -41.39 51.77 19.15
CA ASP C 488 -41.00 51.58 20.54
C ASP C 488 -41.38 52.81 21.36
N PRO C 489 -42.69 53.12 21.39
CA PRO C 489 -43.13 54.39 21.98
C PRO C 489 -42.81 54.55 23.45
N LEU C 490 -42.72 53.45 24.18
CA LEU C 490 -42.39 53.50 25.60
C LEU C 490 -40.87 53.55 25.86
N ASN C 491 -40.06 53.52 24.80
CA ASN C 491 -38.59 53.48 24.96
C ASN C 491 -38.18 52.28 25.79
N THR C 492 -38.77 51.13 25.49
CA THR C 492 -38.45 49.89 26.19
C THR C 492 -37.01 49.49 25.90
N PHE C 493 -36.54 49.81 24.69
CA PHE C 493 -35.20 49.39 24.28
C PHE C 493 -34.34 50.63 24.19
N HIS C 494 -33.36 50.74 25.08
CA HIS C 494 -32.57 51.95 25.12
C HIS C 494 -31.21 51.63 25.74
N HIS C 495 -30.24 52.49 25.50
CA HIS C 495 -28.88 52.35 26.01
C HIS C 495 -28.22 53.71 25.86
N SER C 496 -26.91 53.81 26.11
CA SER C 496 -26.27 55.12 26.15
C SER C 496 -26.24 55.84 24.81
N MET C 497 -26.44 55.11 23.71
CA MET C 497 -26.40 55.71 22.38
C MET C 497 -27.57 55.24 21.55
N SER C 498 -28.72 55.15 22.19
CA SER C 498 -29.92 54.70 21.47
C SER C 498 -30.63 55.88 20.81
N ILE C 499 -31.32 55.56 19.72
CA ILE C 499 -32.08 56.55 18.96
C ILE C 499 -33.13 57.20 19.85
N GLY C 500 -33.17 58.53 19.86
CA GLY C 500 -34.07 59.24 20.75
C GLY C 500 -35.50 59.30 20.25
N LEU C 501 -36.47 59.24 21.17
CA LEU C 501 -37.85 59.52 20.79
C LEU C 501 -37.95 60.93 20.23
N PRO D 9 -1.58 -17.17 -32.20
CA PRO D 9 -2.21 -15.85 -32.08
C PRO D 9 -2.37 -15.43 -30.62
N PRO D 10 -2.63 -14.15 -30.41
CA PRO D 10 -2.81 -13.61 -29.04
C PRO D 10 -4.24 -13.80 -28.57
N PHE D 11 -4.43 -14.14 -27.30
CA PHE D 11 -5.76 -14.34 -26.76
C PHE D 11 -5.86 -13.93 -25.29
N THR D 12 -7.08 -13.90 -24.79
CA THR D 12 -7.38 -13.40 -23.45
C THR D 12 -8.03 -14.50 -22.62
N VAL D 13 -7.66 -14.57 -21.35
CA VAL D 13 -8.22 -15.56 -20.43
C VAL D 13 -8.89 -14.83 -19.29
N GLY D 14 -10.22 -14.85 -19.28
CA GLY D 14 -11.01 -14.16 -18.27
C GLY D 14 -11.31 -15.03 -17.07
N ARG D 15 -12.08 -14.46 -16.13
CA ARG D 15 -12.39 -15.15 -14.88
C ARG D 15 -13.24 -16.40 -15.06
N GLU D 16 -13.97 -16.50 -16.17
CA GLU D 16 -14.84 -17.65 -16.39
C GLU D 16 -14.18 -18.77 -17.20
N ASP D 17 -13.01 -18.47 -17.76
CA ASP D 17 -12.26 -19.45 -18.57
C ASP D 17 -11.60 -20.46 -17.65
N PRO D 18 -11.67 -21.75 -17.98
CA PRO D 18 -11.10 -22.78 -17.09
C PRO D 18 -9.59 -22.63 -16.92
N ARG D 19 -8.91 -21.93 -17.84
CA ARG D 19 -7.45 -21.80 -17.75
C ARG D 19 -7.06 -20.76 -16.70
N TYR D 20 -8.05 -20.00 -16.25
CA TYR D 20 -7.76 -18.93 -15.31
C TYR D 20 -7.19 -19.45 -14.01
N ILE D 21 -7.68 -20.60 -13.57
CA ILE D 21 -7.22 -21.20 -12.31
C ILE D 21 -5.71 -21.46 -12.32
N GLU D 22 -5.21 -22.12 -13.36
CA GLU D 22 -3.78 -22.33 -13.50
C GLU D 22 -3.01 -21.00 -13.56
N LEU D 23 -3.51 -20.06 -14.35
CA LEU D 23 -2.81 -18.79 -14.50
C LEU D 23 -2.78 -17.97 -13.21
N SER D 24 -3.71 -18.23 -12.31
CA SER D 24 -3.81 -17.42 -11.11
C SER D 24 -2.73 -17.77 -10.09
N HIS D 25 -1.92 -18.77 -10.42
CA HIS D 25 -0.81 -19.17 -9.56
C HIS D 25 0.48 -18.90 -10.30
N SER D 26 1.44 -18.27 -9.63
CA SER D 26 2.82 -18.28 -10.11
C SER D 26 3.55 -19.41 -9.38
N ASP D 27 4.87 -19.49 -9.48
CA ASP D 27 5.54 -20.59 -8.82
C ASP D 27 5.32 -20.65 -7.30
N ASN D 28 5.34 -19.50 -6.65
CA ASN D 28 5.20 -19.44 -5.18
C ASN D 28 3.72 -19.38 -4.84
N HIS D 29 3.19 -20.47 -4.30
CA HIS D 29 1.75 -20.54 -4.05
C HIS D 29 1.25 -19.77 -2.81
N ARG D 30 2.16 -19.06 -2.14
CA ARG D 30 1.74 -18.13 -1.07
C ARG D 30 0.93 -16.98 -1.63
N PHE D 31 1.10 -16.72 -2.91
CA PHE D 31 0.50 -15.55 -3.50
C PHE D 31 -0.42 -15.97 -4.63
N VAL D 32 -1.42 -15.16 -4.90
CA VAL D 32 -2.35 -15.47 -5.98
C VAL D 32 -2.38 -14.28 -6.93
N VAL D 33 -2.65 -14.55 -8.21
CA VAL D 33 -2.71 -13.51 -9.21
C VAL D 33 -4.10 -13.54 -9.79
N GLU D 34 -4.94 -12.58 -9.40
CA GLU D 34 -6.35 -12.59 -9.78
C GLU D 34 -6.78 -11.29 -10.44
N PRO D 35 -6.39 -11.10 -11.70
CA PRO D 35 -6.80 -9.91 -12.45
C PRO D 35 -8.20 -10.13 -13.04
N GLU D 36 -8.77 -9.12 -13.67
CA GLU D 36 -10.01 -9.31 -14.41
C GLU D 36 -9.73 -10.24 -15.59
N GLU D 37 -8.55 -10.10 -16.18
CA GLU D 37 -8.15 -11.00 -17.24
C GLU D 37 -6.65 -11.09 -17.45
N PHE D 38 -6.21 -12.21 -18.02
CA PHE D 38 -4.85 -12.38 -18.45
C PHE D 38 -4.85 -12.21 -19.97
N PHE D 39 -3.85 -11.51 -20.48
CA PHE D 39 -3.65 -11.42 -21.91
C PHE D 39 -2.36 -12.16 -22.26
N LEU D 40 -2.40 -12.95 -23.32
CA LEU D 40 -1.24 -13.72 -23.73
C LEU D 40 -0.79 -13.28 -25.10
N PRO D 41 0.07 -12.25 -25.16
CA PRO D 41 0.55 -11.68 -26.42
C PRO D 41 1.38 -12.67 -27.19
N ALA D 42 1.42 -12.53 -28.52
CA ALA D 42 2.28 -13.37 -29.35
C ALA D 42 3.48 -12.58 -29.86
N THR D 43 3.36 -11.26 -29.93
CA THR D 43 4.42 -10.42 -30.48
C THR D 43 4.60 -9.19 -29.62
N PRO D 44 5.74 -8.48 -29.79
CA PRO D 44 5.91 -7.20 -29.11
C PRO D 44 4.80 -6.21 -29.44
N ASP D 45 4.32 -6.22 -30.68
CA ASP D 45 3.22 -5.33 -31.05
C ASP D 45 1.94 -5.62 -30.27
N ASP D 46 1.67 -6.89 -30.02
CA ASP D 46 0.54 -7.29 -29.17
C ASP D 46 0.67 -6.69 -27.77
N VAL D 47 1.89 -6.69 -27.24
CA VAL D 47 2.14 -6.10 -25.92
C VAL D 47 1.80 -4.61 -25.92
N VAL D 48 2.31 -3.89 -26.92
CA VAL D 48 2.08 -2.45 -27.01
C VAL D 48 0.59 -2.13 -27.09
N ALA D 49 -0.12 -2.81 -27.98
CA ALA D 49 -1.54 -2.56 -28.17
C ALA D 49 -2.36 -2.88 -26.91
N SER D 50 -1.98 -3.95 -26.22
CA SER D 50 -2.68 -4.35 -25.01
C SER D 50 -2.47 -3.33 -23.89
N LEU D 51 -1.24 -2.90 -23.71
CA LEU D 51 -0.94 -1.90 -22.69
C LEU D 51 -1.63 -0.57 -22.99
N GLN D 52 -1.62 -0.19 -24.27
CA GLN D 52 -2.20 1.08 -24.67
C GLN D 52 -3.68 1.13 -24.32
N LYS D 53 -4.41 0.09 -24.67
CA LYS D 53 -5.83 -0.01 -24.34
C LYS D 53 -6.02 0.15 -22.86
N ALA D 54 -5.24 -0.59 -22.08
CA ALA D 54 -5.38 -0.58 -20.62
C ALA D 54 -5.08 0.80 -20.01
N VAL D 55 -3.98 1.42 -20.42
CA VAL D 55 -3.61 2.68 -19.79
C VAL D 55 -4.57 3.79 -20.22
N THR D 56 -5.07 3.72 -21.44
CA THR D 56 -6.05 4.70 -21.90
C THR D 56 -7.31 4.63 -21.05
N GLU D 57 -7.71 3.41 -20.68
CA GLU D 57 -8.92 3.22 -19.89
C GLU D 57 -8.67 3.28 -18.39
N GLY D 58 -7.45 3.65 -18.01
CA GLY D 58 -7.12 3.77 -16.59
C GLY D 58 -7.06 2.45 -15.84
N ARG D 59 -6.85 1.35 -16.55
CA ARG D 59 -6.77 0.03 -15.93
C ARG D 59 -5.37 -0.27 -15.41
N GLY D 60 -5.27 -0.95 -14.27
CA GLY D 60 -3.99 -1.32 -13.69
C GLY D 60 -3.40 -2.54 -14.36
N VAL D 61 -2.10 -2.51 -14.64
CA VAL D 61 -1.46 -3.61 -15.36
C VAL D 61 -0.19 -4.11 -14.67
N ALA D 62 0.17 -5.36 -14.98
CA ALA D 62 1.46 -5.91 -14.60
C ALA D 62 1.79 -6.99 -15.63
N CYS D 63 3.04 -7.43 -15.66
CA CYS D 63 3.37 -8.54 -16.54
C CYS D 63 4.02 -9.68 -15.77
N ARG D 64 4.15 -10.82 -16.45
CA ARG D 64 4.77 -11.98 -15.84
C ARG D 64 5.45 -12.74 -16.92
N SER D 65 6.66 -13.23 -16.64
N SER D 65 6.65 -13.24 -16.64
CA SER D 65 7.35 -14.10 -17.56
CA SER D 65 7.39 -14.07 -17.59
C SER D 65 7.36 -15.51 -17.00
C SER D 65 7.46 -15.52 -17.13
N GLY D 66 8.40 -15.85 -16.25
CA GLY D 66 8.51 -17.21 -15.74
C GLY D 66 7.74 -17.49 -14.46
N GLY D 67 7.28 -16.42 -13.79
CA GLY D 67 6.48 -16.59 -12.57
C GLY D 67 7.30 -16.98 -11.35
N HIS D 68 8.61 -16.78 -11.40
CA HIS D 68 9.45 -17.15 -10.25
C HIS D 68 9.61 -16.12 -9.13
N CYS D 69 8.88 -15.01 -9.23
CA CYS D 69 9.00 -13.97 -8.20
C CYS D 69 8.96 -14.53 -6.79
N GLY D 70 9.90 -14.11 -5.95
CA GLY D 70 9.88 -14.50 -4.53
C GLY D 70 8.79 -13.77 -3.73
N GLN D 71 8.21 -12.71 -4.31
CA GLN D 71 7.16 -11.94 -3.63
C GLN D 71 5.90 -11.85 -4.49
N ASP D 72 4.95 -11.04 -4.03
CA ASP D 72 3.65 -10.94 -4.70
C ASP D 72 3.59 -9.78 -5.71
N PHE D 73 4.71 -9.50 -6.37
CA PHE D 73 4.78 -8.32 -7.23
C PHE D 73 3.81 -8.35 -8.40
N VAL D 74 3.55 -9.53 -8.95
CA VAL D 74 2.70 -9.56 -10.13
C VAL D 74 1.25 -9.25 -9.78
N GLY D 75 0.72 -9.90 -8.74
CA GLY D 75 -0.70 -9.85 -8.45
C GLY D 75 -1.14 -8.86 -7.38
N THR D 76 -0.18 -8.18 -6.77
CA THR D 76 -0.46 -7.21 -5.71
C THR D 76 0.32 -5.93 -5.97
N PRO D 77 -0.36 -4.76 -5.92
CA PRO D 77 -1.78 -4.54 -5.66
C PRO D 77 -2.65 -5.12 -6.75
N ARG D 78 -3.96 -5.25 -6.51
CA ARG D 78 -4.84 -5.89 -7.49
C ARG D 78 -4.72 -5.26 -8.88
N ARG D 79 -4.67 -6.11 -9.90
CA ARG D 79 -4.50 -5.65 -11.27
C ARG D 79 -5.79 -5.88 -12.03
N ASP D 80 -6.06 -5.04 -13.01
CA ASP D 80 -7.15 -5.32 -13.95
C ASP D 80 -6.67 -6.28 -15.03
N LEU D 81 -5.43 -6.10 -15.46
CA LEU D 81 -4.88 -6.87 -16.56
C LEU D 81 -3.47 -7.40 -16.22
N VAL D 82 -3.23 -8.68 -16.45
CA VAL D 82 -1.87 -9.19 -16.37
C VAL D 82 -1.47 -9.74 -17.74
N LEU D 83 -0.35 -9.24 -18.25
CA LEU D 83 0.21 -9.76 -19.49
C LEU D 83 1.14 -10.91 -19.18
N ASP D 84 0.80 -12.10 -19.65
CA ASP D 84 1.60 -13.30 -19.42
C ASP D 84 2.45 -13.51 -20.66
N LEU D 85 3.77 -13.42 -20.53
CA LEU D 85 4.66 -13.28 -21.70
C LEU D 85 5.27 -14.57 -22.26
N HIS D 86 4.85 -15.73 -21.77
CA HIS D 86 5.55 -16.95 -22.15
C HIS D 86 5.57 -17.29 -23.65
N ASN D 87 4.67 -16.73 -24.44
CA ASN D 87 4.74 -16.95 -25.88
C ASN D 87 5.86 -16.15 -26.56
N LEU D 88 6.36 -15.12 -25.89
CA LEU D 88 7.45 -14.32 -26.49
C LEU D 88 8.79 -14.97 -26.19
N HIS D 89 9.06 -16.11 -26.82
CA HIS D 89 10.25 -16.85 -26.45
C HIS D 89 11.20 -17.12 -27.61
N ALA D 90 11.08 -16.34 -28.67
CA ALA D 90 11.93 -16.55 -29.82
C ALA D 90 13.39 -16.25 -29.49
N ILE D 91 14.31 -17.05 -30.02
CA ILE D 91 15.74 -16.82 -29.88
C ILE D 91 16.37 -16.83 -31.26
N GLY D 92 17.19 -15.84 -31.57
CA GLY D 92 17.83 -15.83 -32.88
C GLY D 92 18.93 -14.80 -32.95
N PRO D 93 19.70 -14.84 -34.04
CA PRO D 93 20.76 -13.82 -34.19
C PRO D 93 20.17 -12.41 -34.20
N ALA D 94 20.90 -11.46 -33.63
CA ALA D 94 20.46 -10.07 -33.59
C ALA D 94 20.36 -9.50 -35.00
N ALA D 95 19.34 -8.68 -35.22
CA ALA D 95 19.12 -8.08 -36.53
C ALA D 95 20.35 -7.35 -37.04
N ASP D 96 20.85 -6.41 -36.23
CA ASP D 96 22.01 -5.61 -36.63
C ASP D 96 23.28 -6.05 -35.89
N GLY D 97 24.30 -6.42 -36.66
CA GLY D 97 25.57 -6.84 -36.10
C GLY D 97 25.50 -8.20 -35.44
N ALA D 98 26.50 -8.50 -34.62
CA ALA D 98 26.56 -9.78 -33.92
C ALA D 98 25.61 -9.79 -32.74
N GLY D 99 25.70 -10.84 -31.92
CA GLY D 99 24.86 -10.96 -30.75
C GLY D 99 23.65 -11.85 -30.99
N VAL D 100 22.81 -11.96 -29.98
CA VAL D 100 21.64 -12.82 -30.02
C VAL D 100 20.45 -12.18 -29.32
N ARG D 101 19.29 -12.21 -29.98
CA ARG D 101 18.06 -11.69 -29.39
C ARG D 101 17.28 -12.80 -28.71
N VAL D 102 16.77 -12.51 -27.50
CA VAL D 102 15.99 -13.47 -26.71
C VAL D 102 14.69 -12.83 -26.22
N GLY D 103 13.56 -13.42 -26.58
CA GLY D 103 12.28 -12.93 -26.10
C GLY D 103 12.21 -13.02 -24.59
N SER D 104 11.53 -12.06 -23.96
CA SER D 104 11.53 -12.00 -22.50
C SER D 104 10.74 -13.13 -21.86
N GLY D 105 9.91 -13.81 -22.66
CA GLY D 105 9.15 -14.94 -22.16
C GLY D 105 9.88 -16.27 -22.23
N ALA D 106 11.09 -16.29 -22.77
CA ALA D 106 11.87 -17.53 -22.82
C ALA D 106 12.29 -17.92 -21.40
N THR D 107 12.32 -19.21 -21.12
CA THR D 107 12.85 -19.70 -19.84
C THR D 107 14.35 -19.99 -19.93
N VAL D 108 15.00 -20.13 -18.78
CA VAL D 108 16.40 -20.48 -18.78
C VAL D 108 16.66 -21.77 -19.57
N ASP D 109 15.80 -22.76 -19.40
CA ASP D 109 15.96 -24.02 -20.13
C ASP D 109 15.97 -23.80 -21.63
N GLN D 110 15.01 -23.03 -22.12
CA GLN D 110 14.93 -22.76 -23.56
C GLN D 110 16.17 -22.04 -24.04
N VAL D 111 16.63 -21.07 -23.28
CA VAL D 111 17.81 -20.33 -23.68
C VAL D 111 19.07 -21.21 -23.66
N GLN D 112 19.27 -21.95 -22.58
CA GLN D 112 20.44 -22.83 -22.51
C GLN D 112 20.51 -23.82 -23.67
N LYS D 113 19.38 -24.44 -24.00
CA LYS D 113 19.34 -25.41 -25.11
C LYS D 113 19.61 -24.73 -26.44
N ALA D 114 18.96 -23.59 -26.69
CA ALA D 114 19.16 -22.90 -27.97
C ALA D 114 20.60 -22.42 -28.14
N LEU D 115 21.14 -21.77 -27.13
CA LEU D 115 22.52 -21.24 -27.23
C LEU D 115 23.51 -22.38 -27.49
N PHE D 116 23.34 -23.49 -26.77
CA PHE D 116 24.28 -24.59 -26.91
C PHE D 116 24.11 -25.29 -28.24
N ARG D 117 22.87 -25.66 -28.56
CA ARG D 117 22.58 -26.41 -29.78
C ARG D 117 22.99 -25.65 -31.04
N ARG D 118 22.68 -24.36 -31.09
CA ARG D 118 22.93 -23.57 -32.29
C ARG D 118 24.35 -23.04 -32.43
N TRP D 119 24.96 -22.65 -31.32
CA TRP D 119 26.23 -21.92 -31.39
C TRP D 119 27.30 -22.41 -30.43
N ASN D 120 27.05 -23.53 -29.75
CA ASN D 120 27.98 -23.99 -28.71
C ASN D 120 28.28 -22.87 -27.74
N ALA D 121 27.25 -22.09 -27.40
CA ALA D 121 27.45 -20.89 -26.58
C ALA D 121 26.79 -21.08 -25.24
N ALA D 122 27.16 -20.23 -24.28
CA ALA D 122 26.57 -20.27 -22.94
C ALA D 122 26.59 -18.88 -22.31
N LEU D 123 25.56 -18.58 -21.53
CA LEU D 123 25.52 -17.35 -20.72
C LEU D 123 25.38 -17.79 -19.27
N PRO D 124 25.71 -16.90 -18.31
CA PRO D 124 25.70 -17.30 -16.90
C PRO D 124 24.30 -17.27 -16.28
N LEU D 125 23.42 -18.08 -16.84
CA LEU D 125 22.02 -18.12 -16.41
C LEU D 125 21.97 -18.97 -15.15
N GLY D 126 20.90 -18.86 -14.39
CA GLY D 126 20.87 -19.52 -13.11
C GLY D 126 20.71 -21.02 -13.12
N ALA D 127 20.56 -21.58 -11.93
CA ALA D 127 20.48 -23.04 -11.75
C ALA D 127 19.05 -23.58 -11.78
N CYS D 128 18.07 -22.72 -12.03
CA CYS D 128 16.67 -23.15 -12.08
C CYS D 128 16.17 -22.96 -13.50
N SER D 129 15.85 -24.03 -14.18
CA SER D 129 15.62 -23.93 -15.61
C SER D 129 14.25 -23.34 -15.99
N ALA D 130 13.34 -23.22 -15.03
CA ALA D 130 12.03 -22.65 -15.30
C ALA D 130 11.91 -21.14 -15.13
N VAL D 131 12.97 -20.51 -14.62
CA VAL D 131 12.99 -19.05 -14.44
C VAL D 131 12.85 -18.34 -15.78
N GLY D 132 12.07 -17.27 -15.82
CA GLY D 132 11.89 -16.53 -17.06
C GLY D 132 12.98 -15.49 -17.23
N MET D 133 13.36 -15.23 -18.47
CA MET D 133 14.35 -14.19 -18.74
C MET D 133 13.90 -12.83 -18.27
N GLY D 134 12.61 -12.54 -18.40
CA GLY D 134 12.09 -11.24 -18.02
C GLY D 134 12.60 -10.73 -16.68
N GLY D 135 12.26 -11.43 -15.60
CA GLY D 135 12.69 -11.00 -14.28
C GLY D 135 14.16 -11.28 -14.02
N LEU D 136 14.67 -12.39 -14.54
CA LEU D 136 16.03 -12.80 -14.21
C LEU D 136 17.01 -11.73 -14.67
N VAL D 137 16.89 -11.32 -15.92
CA VAL D 137 17.86 -10.39 -16.49
C VAL D 137 17.76 -9.03 -15.84
N ALA D 138 16.55 -8.50 -15.71
CA ALA D 138 16.36 -7.16 -15.15
C ALA D 138 16.97 -7.02 -13.77
N GLY D 139 16.98 -8.10 -12.99
CA GLY D 139 17.54 -8.07 -11.66
C GLY D 139 19.03 -8.39 -11.53
N GLY D 140 19.68 -8.80 -12.61
CA GLY D 140 21.11 -9.04 -12.60
C GLY D 140 21.47 -10.39 -13.19
N GLY D 141 21.13 -11.46 -12.47
CA GLY D 141 21.26 -12.80 -12.99
C GLY D 141 22.63 -13.40 -12.73
N TYR D 142 22.68 -14.38 -11.83
CA TYR D 142 23.95 -15.11 -11.64
C TYR D 142 23.71 -16.61 -11.74
N GLY D 143 24.77 -17.36 -11.92
CA GLY D 143 24.64 -18.80 -12.06
C GLY D 143 25.98 -19.49 -11.92
N PRO D 144 26.01 -20.81 -12.14
CA PRO D 144 27.22 -21.62 -12.01
C PRO D 144 28.39 -21.10 -12.86
N LEU D 145 28.11 -20.43 -13.96
CA LEU D 145 29.21 -19.94 -14.80
C LEU D 145 29.66 -18.52 -14.49
N SER D 146 29.06 -17.88 -13.49
CA SER D 146 29.35 -16.45 -13.25
C SER D 146 30.78 -16.16 -12.84
N ARG D 147 31.45 -17.10 -12.18
CA ARG D 147 32.85 -16.81 -11.82
C ARG D 147 33.76 -16.77 -13.06
N GLN D 148 33.31 -17.36 -14.18
CA GLN D 148 33.99 -17.21 -15.46
C GLN D 148 33.38 -16.10 -16.33
N LEU D 149 32.07 -15.92 -16.28
CA LEU D 149 31.40 -15.05 -17.26
C LEU D 149 30.76 -13.78 -16.71
N GLY D 150 30.70 -13.64 -15.38
CA GLY D 150 30.09 -12.47 -14.77
C GLY D 150 28.58 -12.67 -14.60
N LEU D 151 27.84 -11.57 -14.48
CA LEU D 151 26.38 -11.61 -14.35
C LEU D 151 25.77 -11.62 -15.73
N VAL D 152 24.52 -12.08 -15.86
CA VAL D 152 23.87 -12.03 -17.15
C VAL D 152 23.85 -10.60 -17.71
N VAL D 153 23.62 -9.62 -16.85
CA VAL D 153 23.56 -8.23 -17.31
C VAL D 153 24.90 -7.75 -17.86
N ASP D 154 25.99 -8.42 -17.48
CA ASP D 154 27.30 -8.05 -18.03
C ASP D 154 27.43 -8.41 -19.51
N HIS D 155 26.43 -9.10 -20.06
CA HIS D 155 26.41 -9.49 -21.47
C HIS D 155 25.27 -8.81 -22.20
N LEU D 156 24.57 -7.92 -21.52
CA LEU D 156 23.41 -7.26 -22.12
C LEU D 156 23.87 -6.19 -23.11
N HIS D 157 23.32 -6.22 -24.31
CA HIS D 157 23.62 -5.24 -25.34
C HIS D 157 22.45 -4.31 -25.61
N ALA D 158 21.24 -4.84 -25.53
CA ALA D 158 20.07 -3.99 -25.76
C ALA D 158 18.86 -4.52 -25.03
N VAL D 159 17.93 -3.63 -24.74
CA VAL D 159 16.64 -4.02 -24.19
C VAL D 159 15.54 -3.38 -25.02
N GLU D 160 14.57 -4.17 -25.43
CA GLU D 160 13.40 -3.67 -26.14
C GLU D 160 12.26 -3.70 -25.14
N VAL D 161 11.64 -2.55 -24.90
CA VAL D 161 10.72 -2.44 -23.77
C VAL D 161 9.57 -1.49 -24.09
N ALA D 162 8.37 -1.90 -23.71
CA ALA D 162 7.17 -1.08 -23.85
C ALA D 162 7.03 -0.14 -22.67
N VAL D 163 7.07 1.17 -22.93
CA VAL D 163 7.07 2.17 -21.87
C VAL D 163 5.90 3.13 -22.02
N VAL D 164 5.49 3.75 -20.92
CA VAL D 164 4.31 4.61 -20.88
C VAL D 164 4.71 6.02 -20.47
N ASP D 165 4.51 7.01 -21.35
CA ASP D 165 4.92 8.39 -21.02
C ASP D 165 3.82 9.19 -20.31
N GLU D 166 4.12 10.43 -19.96
CA GLU D 166 3.23 11.28 -19.16
C GLU D 166 1.86 11.53 -19.81
N SER D 167 1.81 11.37 -21.13
CA SER D 167 0.56 11.53 -21.87
C SER D 167 -0.19 10.21 -22.06
N ARG D 168 0.23 9.19 -21.32
CA ARG D 168 -0.39 7.87 -21.40
C ARG D 168 -0.26 7.22 -22.78
N THR D 169 0.84 7.52 -23.46
CA THR D 169 1.13 6.89 -24.73
C THR D 169 2.18 5.82 -24.56
N VAL D 170 1.88 4.63 -25.07
CA VAL D 170 2.79 3.48 -25.00
C VAL D 170 3.63 3.41 -26.25
N ARG D 171 4.94 3.34 -26.09
CA ARG D 171 5.88 3.17 -27.20
C ARG D 171 6.81 1.99 -26.92
N LEU D 172 7.18 1.27 -27.97
CA LEU D 172 8.22 0.25 -27.88
C LEU D 172 9.56 0.89 -28.20
N VAL D 173 10.42 1.01 -27.20
CA VAL D 173 11.72 1.62 -27.42
C VAL D 173 12.81 0.58 -27.27
N THR D 174 13.94 0.81 -27.92
CA THR D 174 15.10 -0.07 -27.79
C THR D 174 16.29 0.72 -27.26
N ALA D 175 16.75 0.38 -26.07
CA ALA D 175 17.84 1.10 -25.47
C ALA D 175 19.07 0.22 -25.53
N ARG D 176 20.19 0.78 -25.97
CA ARG D 176 21.39 -0.01 -26.23
C ARG D 176 22.53 0.35 -25.29
N ALA D 177 23.53 -0.53 -25.21
CA ALA D 177 24.64 -0.33 -24.28
C ALA D 177 25.48 0.88 -24.68
N ASP D 178 25.39 1.30 -25.93
CA ASP D 178 26.16 2.47 -26.39
C ASP D 178 25.34 3.77 -26.45
N ASP D 179 24.07 3.71 -26.04
CA ASP D 179 23.24 4.91 -26.00
C ASP D 179 23.66 5.88 -24.92
N THR D 180 23.39 7.16 -25.14
CA THR D 180 23.57 8.18 -24.11
C THR D 180 22.23 8.84 -23.85
N GLY D 181 22.22 9.90 -23.05
CA GLY D 181 20.98 10.60 -22.75
C GLY D 181 19.96 9.67 -22.11
N ASP D 182 18.69 9.92 -22.33
CA ASP D 182 17.62 9.17 -21.68
C ASP D 182 17.70 7.68 -22.00
N LEU D 183 18.00 7.35 -23.25
CA LEU D 183 18.03 5.94 -23.64
C LEU D 183 19.14 5.21 -22.91
N GLY D 184 20.28 5.86 -22.73
CA GLY D 184 21.36 5.30 -21.96
C GLY D 184 20.94 4.99 -20.53
N GLU D 185 20.11 5.84 -19.95
CA GLU D 185 19.62 5.63 -18.59
C GLU D 185 18.65 4.46 -18.54
N LEU D 186 17.80 4.34 -19.55
CA LEU D 186 16.87 3.22 -19.62
C LEU D 186 17.62 1.90 -19.75
N PHE D 187 18.66 1.90 -20.57
CA PHE D 187 19.45 0.70 -20.73
C PHE D 187 20.08 0.34 -19.38
N TRP D 188 20.78 1.30 -18.78
CA TRP D 188 21.47 1.04 -17.50
C TRP D 188 20.50 0.54 -16.42
N ALA D 189 19.31 1.13 -16.38
CA ALA D 189 18.34 0.76 -15.34
C ALA D 189 17.97 -0.73 -15.42
N HIS D 190 18.04 -1.31 -16.63
CA HIS D 190 17.70 -2.74 -16.81
C HIS D 190 18.85 -3.67 -16.48
N THR D 191 19.99 -3.10 -16.08
CA THR D 191 21.12 -3.94 -15.75
C THR D 191 21.16 -4.17 -14.24
N GLY D 192 20.01 -4.45 -13.66
CA GLY D 192 19.94 -4.72 -12.23
C GLY D 192 18.85 -4.01 -11.48
N GLY D 193 18.11 -3.13 -12.15
CA GLY D 193 17.02 -2.40 -11.51
C GLY D 193 15.88 -3.28 -11.03
N GLY D 194 15.73 -4.43 -11.66
CA GLY D 194 14.70 -5.38 -11.25
C GLY D 194 13.45 -5.24 -12.09
N GLY D 195 12.72 -6.33 -12.24
CA GLY D 195 11.50 -6.33 -13.03
C GLY D 195 10.37 -5.56 -12.38
N GLY D 196 9.37 -5.22 -13.19
CA GLY D 196 8.14 -4.65 -12.69
C GLY D 196 8.22 -3.15 -12.44
N ASN D 197 9.29 -2.51 -12.92
CA ASN D 197 9.60 -1.11 -12.59
C ASN D 197 9.46 -0.12 -13.74
N PHE D 198 9.95 -0.47 -14.93
CA PHE D 198 10.13 0.57 -15.96
C PHE D 198 9.20 0.42 -17.15
N GLY D 199 8.69 -0.77 -17.36
CA GLY D 199 7.95 -1.06 -18.58
C GLY D 199 7.97 -2.56 -18.81
N VAL D 200 7.29 -3.00 -19.87
CA VAL D 200 7.25 -4.43 -20.18
C VAL D 200 8.33 -4.76 -21.20
N VAL D 201 9.39 -5.43 -20.75
CA VAL D 201 10.45 -5.86 -21.67
C VAL D 201 9.90 -6.92 -22.60
N THR D 202 10.11 -6.73 -23.90
CA THR D 202 9.68 -7.73 -24.88
C THR D 202 10.84 -8.58 -25.35
N ALA D 203 12.05 -8.06 -25.29
CA ALA D 203 13.22 -8.84 -25.68
C ALA D 203 14.50 -8.22 -25.15
N TYR D 204 15.51 -9.07 -24.96
CA TYR D 204 16.84 -8.63 -24.59
C TYR D 204 17.78 -9.07 -25.71
N GLU D 205 18.79 -8.26 -26.02
CA GLU D 205 19.85 -8.71 -26.91
C GLU D 205 21.14 -8.83 -26.13
N PHE D 206 21.88 -9.91 -26.39
CA PHE D 206 23.11 -10.18 -25.66
C PHE D 206 24.35 -10.14 -26.56
N ARG D 207 25.37 -9.44 -26.09
CA ARG D 207 26.66 -9.37 -26.76
C ARG D 207 27.73 -9.28 -25.69
N SER D 208 28.57 -10.31 -25.62
CA SER D 208 29.57 -10.41 -24.57
C SER D 208 30.72 -9.42 -24.69
N PRO D 209 31.32 -9.08 -23.56
CA PRO D 209 32.55 -8.27 -23.54
C PRO D 209 33.57 -8.90 -24.44
N GLU D 210 34.42 -8.07 -25.05
CA GLU D 210 35.42 -8.53 -26.00
C GLU D 210 36.21 -9.74 -25.53
N HIS D 211 36.64 -9.73 -24.27
CA HIS D 211 37.51 -10.80 -23.78
C HIS D 211 36.78 -12.13 -23.52
N LEU D 212 35.44 -12.09 -23.55
CA LEU D 212 34.67 -13.31 -23.35
C LEU D 212 33.99 -13.81 -24.65
N ALA D 213 33.90 -12.93 -25.64
CA ALA D 213 33.16 -13.22 -26.88
C ALA D 213 33.93 -14.16 -27.81
N THR D 214 33.20 -15.04 -28.49
CA THR D 214 33.77 -15.91 -29.49
C THR D 214 32.82 -16.03 -30.68
N GLU D 215 33.29 -16.62 -31.77
CA GLU D 215 32.44 -16.82 -32.94
C GLU D 215 31.40 -17.88 -32.61
N PRO D 216 30.28 -17.86 -33.34
CA PRO D 216 30.10 -16.92 -34.45
C PRO D 216 29.06 -15.84 -34.14
N VAL D 217 28.56 -15.79 -32.91
CA VAL D 217 27.53 -14.80 -32.57
C VAL D 217 27.96 -13.87 -31.45
N GLY D 218 29.24 -13.88 -31.11
CA GLY D 218 29.77 -12.93 -30.15
C GLY D 218 29.40 -13.25 -28.72
N LEU D 219 29.17 -14.52 -28.43
CA LEU D 219 28.88 -14.98 -27.06
C LEU D 219 30.02 -15.88 -26.61
N PRO D 220 30.03 -16.26 -25.32
CA PRO D 220 31.08 -17.17 -24.82
C PRO D 220 30.90 -18.60 -25.30
N ARG D 221 31.97 -19.37 -25.26
CA ARG D 221 31.90 -20.77 -25.66
C ARG D 221 31.51 -21.64 -24.48
N ALA D 222 30.55 -22.55 -24.68
CA ALA D 222 30.24 -23.54 -23.65
C ALA D 222 31.41 -24.50 -23.49
N ALA D 223 31.78 -24.83 -22.25
CA ALA D 223 32.86 -25.78 -22.00
C ALA D 223 32.58 -27.11 -22.66
N GLY D 224 33.63 -27.78 -23.14
CA GLY D 224 33.42 -29.06 -23.78
C GLY D 224 32.94 -30.13 -22.81
N ARG D 225 33.50 -30.13 -21.61
CA ARG D 225 33.08 -31.05 -20.57
C ARG D 225 33.07 -30.36 -19.20
N LEU D 226 32.25 -30.89 -18.28
CA LEU D 226 32.18 -30.35 -16.92
C LEU D 226 32.42 -31.48 -15.96
N HIS D 227 33.28 -31.27 -14.97
CA HIS D 227 33.29 -32.13 -13.79
C HIS D 227 32.09 -31.77 -12.95
N VAL D 228 31.30 -32.77 -12.57
CA VAL D 228 30.15 -32.50 -11.71
C VAL D 228 30.19 -33.48 -10.57
N GLN D 229 30.01 -32.98 -9.37
CA GLN D 229 30.07 -33.84 -8.20
C GLN D 229 29.04 -33.42 -7.19
N LYS D 230 28.41 -34.39 -6.54
CA LYS D 230 27.48 -34.13 -5.45
C LYS D 230 27.94 -34.98 -4.29
N VAL D 231 28.16 -34.34 -3.14
CA VAL D 231 28.63 -35.06 -1.98
C VAL D 231 27.66 -34.93 -0.83
N VAL D 232 27.26 -36.06 -0.28
CA VAL D 232 26.29 -36.07 0.82
C VAL D 232 27.01 -36.31 2.14
N PHE D 233 26.74 -35.47 3.13
CA PHE D 233 27.33 -35.61 4.47
C PHE D 233 26.22 -35.83 5.48
N PRO D 234 26.22 -36.97 6.15
CA PRO D 234 25.15 -37.26 7.09
C PRO D 234 25.28 -36.37 8.33
N TRP D 235 24.18 -35.76 8.77
CA TRP D 235 24.17 -34.93 9.97
C TRP D 235 24.65 -35.74 11.19
N ALA D 236 24.37 -37.04 11.19
CA ALA D 236 24.74 -37.88 12.32
C ALA D 236 26.25 -37.91 12.58
N MET D 237 27.04 -37.58 11.56
CA MET D 237 28.50 -37.56 11.70
C MET D 237 29.06 -36.17 12.01
N ILE D 238 28.18 -35.19 12.16
CA ILE D 238 28.60 -33.79 12.32
C ILE D 238 28.16 -33.23 13.66
N ASP D 239 29.12 -32.76 14.45
CA ASP D 239 28.77 -32.05 15.68
C ASP D 239 28.95 -30.55 15.46
N GLU D 240 28.63 -29.73 16.45
CA GLU D 240 28.70 -28.28 16.27
C GLU D 240 30.08 -27.84 15.84
N THR D 241 31.10 -28.37 16.50
CA THR D 241 32.47 -27.93 16.19
C THR D 241 32.91 -28.27 14.76
N SER D 242 32.61 -29.48 14.31
CA SER D 242 33.02 -29.82 12.96
C SER D 242 32.17 -29.07 11.93
N PHE D 243 30.89 -28.82 12.25
CA PHE D 243 30.06 -27.98 11.39
C PHE D 243 30.69 -26.61 11.19
N VAL D 244 31.07 -25.98 12.29
CA VAL D 244 31.68 -24.64 12.22
C VAL D 244 32.98 -24.70 11.42
N THR D 245 33.78 -25.74 11.64
CA THR D 245 35.00 -25.90 10.88
C THR D 245 34.76 -26.00 9.38
N VAL D 246 33.79 -26.83 8.99
CA VAL D 246 33.52 -27.03 7.56
C VAL D 246 33.03 -25.73 6.92
N MET D 247 32.08 -25.08 7.59
CA MET D 247 31.53 -23.82 7.09
C MET D 247 32.60 -22.75 7.01
N ARG D 248 33.43 -22.63 8.04
CA ARG D 248 34.51 -21.65 8.00
C ARG D 248 35.46 -21.92 6.82
N ARG D 249 35.84 -23.17 6.63
CA ARG D 249 36.72 -23.52 5.52
C ARG D 249 36.10 -23.23 4.16
N PHE D 250 34.79 -23.47 4.03
CA PHE D 250 34.09 -23.13 2.79
C PHE D 250 34.26 -21.63 2.49
N PHE D 251 34.00 -20.79 3.48
CA PHE D 251 34.10 -19.37 3.27
C PHE D 251 35.53 -18.93 3.04
N GLU D 252 36.45 -19.46 3.83
CA GLU D 252 37.85 -19.04 3.66
C GLU D 252 38.43 -19.40 2.30
N TRP D 253 38.07 -20.57 1.77
CA TRP D 253 38.49 -20.91 0.42
C TRP D 253 38.05 -19.82 -0.55
N HIS D 254 36.82 -19.36 -0.41
CA HIS D 254 36.31 -18.32 -1.32
C HIS D 254 37.00 -16.97 -1.12
N GLU D 255 37.35 -16.66 0.11
CA GLU D 255 38.07 -15.41 0.38
C GLU D 255 39.38 -15.43 -0.39
N ARG D 256 40.02 -16.59 -0.46
CA ARG D 256 41.32 -16.71 -1.15
C ARG D 256 41.22 -16.86 -2.66
N HIS D 257 40.16 -17.49 -3.14
CA HIS D 257 40.14 -17.96 -4.52
C HIS D 257 38.96 -17.43 -5.34
N SER D 258 38.70 -16.14 -5.24
CA SER D 258 37.60 -15.56 -6.00
C SER D 258 38.01 -14.36 -6.83
N GLU D 259 39.31 -14.24 -7.13
CA GLU D 259 39.76 -13.18 -8.04
C GLU D 259 39.40 -13.46 -9.48
N PRO D 260 39.04 -12.42 -10.24
CA PRO D 260 38.77 -12.56 -11.68
C PRO D 260 39.97 -13.20 -12.38
N GLY D 261 39.74 -14.18 -13.25
CA GLY D 261 40.79 -14.79 -14.05
C GLY D 261 41.64 -15.88 -13.40
N SER D 262 41.47 -16.13 -12.12
CA SER D 262 42.23 -17.18 -11.45
C SER D 262 41.78 -18.56 -11.92
N PRO D 263 42.66 -19.57 -11.81
CA PRO D 263 42.27 -20.95 -12.16
C PRO D 263 41.05 -21.42 -11.37
N GLU D 264 40.94 -20.96 -10.14
CA GLU D 264 39.87 -21.37 -9.26
C GLU D 264 38.52 -20.79 -9.69
N SER D 265 38.55 -19.77 -10.56
CA SER D 265 37.29 -19.23 -11.05
C SER D 265 36.55 -20.21 -11.95
N SER D 266 37.19 -21.33 -12.30
CA SER D 266 36.53 -22.35 -13.11
C SER D 266 35.67 -23.27 -12.27
N LEU D 267 35.71 -23.09 -10.95
CA LEU D 267 34.94 -23.93 -10.04
C LEU D 267 33.73 -23.18 -9.44
N PHE D 268 32.62 -23.88 -9.25
CA PHE D 268 31.43 -23.26 -8.61
C PHE D 268 30.82 -24.29 -7.68
N ALA D 269 30.67 -23.92 -6.41
CA ALA D 269 30.11 -24.84 -5.42
C ALA D 269 28.75 -24.32 -4.92
N THR D 270 27.85 -25.25 -4.62
CA THR D 270 26.54 -24.93 -4.03
C THR D 270 26.43 -25.84 -2.82
N PHE D 271 26.40 -25.25 -1.63
CA PHE D 271 26.32 -26.03 -0.39
C PHE D 271 24.92 -25.90 0.19
N PHE D 272 24.15 -27.00 0.14
CA PHE D 272 22.84 -27.03 0.75
C PHE D 272 23.00 -27.42 2.19
N VAL D 273 22.94 -26.42 3.06
CA VAL D 273 23.08 -26.67 4.47
C VAL D 273 21.68 -26.84 5.03
N ASN D 274 21.22 -28.09 5.03
CA ASN D 274 19.82 -28.43 5.35
C ASN D 274 19.53 -28.51 6.83
N HIS D 275 18.28 -28.20 7.17
CA HIS D 275 17.79 -28.45 8.51
C HIS D 275 18.01 -29.94 8.80
N VAL D 276 18.21 -30.27 10.08
CA VAL D 276 18.58 -31.64 10.45
C VAL D 276 17.52 -32.67 10.08
N SER D 277 16.27 -32.26 9.95
CA SER D 277 15.22 -33.21 9.60
C SER D 277 15.42 -33.83 8.22
N SER D 278 16.27 -33.22 7.40
CA SER D 278 16.60 -33.78 6.09
C SER D 278 17.63 -34.88 6.20
N GLY D 279 18.30 -34.96 7.34
CA GLY D 279 19.29 -35.98 7.58
C GLY D 279 20.68 -35.73 7.04
N VAL D 280 20.81 -34.84 6.06
CA VAL D 280 22.10 -34.66 5.39
C VAL D 280 22.39 -33.22 5.01
N LEU D 281 23.67 -32.90 4.83
CA LEU D 281 24.08 -31.69 4.11
C LEU D 281 24.47 -32.18 2.72
N GLN D 282 24.32 -31.33 1.70
CA GLN D 282 24.70 -31.75 0.36
C GLN D 282 25.51 -30.68 -0.32
N LEU D 283 26.72 -31.04 -0.72
CA LEU D 283 27.61 -30.14 -1.42
C LEU D 283 27.64 -30.49 -2.91
N MET D 284 27.33 -29.53 -3.78
CA MET D 284 27.44 -29.76 -5.20
C MET D 284 28.60 -28.92 -5.69
N VAL D 285 29.41 -29.49 -6.57
CA VAL D 285 30.51 -28.72 -7.13
C VAL D 285 30.64 -29.03 -8.60
N GLN D 286 30.85 -28.00 -9.40
CA GLN D 286 31.18 -28.25 -10.79
C GLN D 286 32.42 -27.48 -11.17
N GLN D 287 33.15 -27.99 -12.15
CA GLN D 287 34.36 -27.34 -12.62
C GLN D 287 34.54 -27.56 -14.11
N ASP D 288 34.94 -26.50 -14.80
CA ASP D 288 35.20 -26.55 -16.23
C ASP D 288 36.33 -27.54 -16.51
N ALA D 289 36.05 -28.61 -17.26
CA ALA D 289 37.06 -29.63 -17.53
C ALA D 289 38.05 -29.25 -18.64
N ASP D 290 37.72 -28.23 -19.44
CA ASP D 290 38.67 -27.71 -20.42
C ASP D 290 39.82 -27.05 -19.70
N VAL D 291 39.48 -26.30 -18.66
CA VAL D 291 40.47 -25.59 -17.88
C VAL D 291 41.33 -26.55 -17.06
N ASP D 292 40.70 -27.58 -16.51
CA ASP D 292 41.33 -28.50 -15.55
C ASP D 292 40.89 -29.92 -15.85
N PRO D 293 41.55 -30.57 -16.82
CA PRO D 293 41.09 -31.87 -17.33
C PRO D 293 40.96 -32.93 -16.25
N GLU D 294 41.85 -32.91 -15.26
CA GLU D 294 41.82 -33.92 -14.20
C GLU D 294 40.90 -33.53 -13.03
N GLY D 295 40.43 -32.29 -13.05
CA GLY D 295 39.58 -31.81 -11.96
C GLY D 295 40.31 -31.76 -10.63
N GLU D 296 41.57 -31.34 -10.68
CA GLU D 296 42.41 -31.28 -9.48
C GLU D 296 41.92 -30.26 -8.47
N ILE D 297 41.56 -29.07 -8.94
CA ILE D 297 41.06 -28.01 -8.05
C ILE D 297 39.79 -28.46 -7.34
N LEU D 298 38.87 -29.09 -8.06
CA LEU D 298 37.64 -29.60 -7.45
C LEU D 298 37.98 -30.61 -6.36
N ALA D 299 38.82 -31.59 -6.69
CA ALA D 299 39.17 -32.62 -5.72
C ALA D 299 39.82 -32.04 -4.47
N ARG D 300 40.70 -31.05 -4.64
CA ARG D 300 41.40 -30.45 -3.51
C ARG D 300 40.45 -29.63 -2.65
N PHE D 301 39.58 -28.87 -3.31
CA PHE D 301 38.55 -28.10 -2.61
C PHE D 301 37.70 -29.00 -1.73
N VAL D 302 37.14 -30.05 -2.31
CA VAL D 302 36.27 -30.94 -1.56
C VAL D 302 36.99 -31.61 -0.38
N ALA D 303 38.19 -32.12 -0.65
CA ALA D 303 38.95 -32.78 0.40
C ALA D 303 39.27 -31.84 1.54
N SER D 304 39.64 -30.62 1.20
CA SER D 304 40.06 -29.64 2.21
C SER D 304 38.95 -29.33 3.21
N LEU D 305 37.69 -29.39 2.79
CA LEU D 305 36.60 -28.99 3.69
C LEU D 305 36.54 -29.84 4.95
N THR D 306 36.80 -31.14 4.82
CA THR D 306 36.53 -32.05 5.92
C THR D 306 37.77 -32.74 6.47
N GLU D 307 38.94 -32.38 5.95
CA GLU D 307 40.18 -32.97 6.42
C GLU D 307 40.39 -32.72 7.90
N GLY D 308 40.79 -33.75 8.63
CA GLY D 308 41.01 -33.64 10.06
C GLY D 308 39.76 -33.99 10.84
N THR D 309 38.63 -33.45 10.41
CA THR D 309 37.36 -33.74 11.06
C THR D 309 37.03 -35.21 10.85
N GLY D 310 36.02 -35.70 11.58
CA GLY D 310 35.60 -37.07 11.44
C GLY D 310 34.47 -37.20 10.44
N VAL D 311 34.26 -36.15 9.65
CA VAL D 311 33.15 -36.15 8.69
C VAL D 311 33.53 -36.79 7.36
N VAL D 312 32.77 -37.80 6.95
CA VAL D 312 33.03 -38.47 5.67
C VAL D 312 31.85 -38.31 4.72
N GLY D 313 32.13 -37.80 3.53
CA GLY D 313 31.10 -37.57 2.54
C GLY D 313 30.97 -38.73 1.58
N ILE D 314 29.77 -38.88 1.01
CA ILE D 314 29.54 -39.90 -0.01
C ILE D 314 29.34 -39.23 -1.36
N PRO D 315 30.32 -39.35 -2.25
CA PRO D 315 30.29 -38.62 -3.52
C PRO D 315 29.62 -39.39 -4.65
N ARG D 316 29.06 -38.64 -5.59
CA ARG D 316 28.59 -39.22 -6.83
C ARG D 316 28.81 -38.17 -7.90
N GLY D 317 28.76 -38.58 -9.16
CA GLY D 317 29.00 -37.65 -10.25
C GLY D 317 29.98 -38.19 -11.26
N GLY D 318 30.61 -37.30 -12.00
CA GLY D 318 31.53 -37.71 -13.06
C GLY D 318 31.93 -36.56 -13.94
N VAL D 319 32.21 -36.85 -15.20
CA VAL D 319 32.55 -35.83 -16.16
C VAL D 319 31.50 -35.95 -17.25
N MET D 320 30.82 -34.85 -17.54
CA MET D 320 29.70 -34.88 -18.49
C MET D 320 29.86 -33.84 -19.56
N SER D 321 29.17 -34.04 -20.68
CA SER D 321 29.14 -32.99 -21.70
C SER D 321 28.30 -31.83 -21.14
N TRP D 322 28.35 -30.69 -21.82
CA TRP D 322 27.87 -29.44 -21.24
C TRP D 322 26.37 -29.44 -20.89
N LEU D 323 25.54 -29.81 -21.85
CA LEU D 323 24.09 -29.68 -21.64
C LEU D 323 23.60 -30.72 -20.63
N THR D 324 24.14 -31.93 -20.73
CA THR D 324 23.80 -32.98 -19.79
C THR D 324 24.31 -32.68 -18.38
N GLY D 325 25.54 -32.17 -18.28
CA GLY D 325 26.09 -31.81 -16.97
C GLY D 325 25.33 -30.66 -16.33
N THR D 326 24.96 -29.68 -17.14
CA THR D 326 24.22 -28.52 -16.64
C THR D 326 22.87 -28.99 -16.08
N ARG D 327 22.18 -29.86 -16.80
CA ARG D 327 20.90 -30.35 -16.30
C ARG D 327 21.05 -31.22 -15.06
N TYR D 328 22.11 -32.00 -15.00
CA TYR D 328 22.39 -32.81 -13.82
C TYR D 328 22.50 -31.94 -12.57
N MET D 329 23.07 -30.75 -12.73
CA MET D 329 23.28 -29.85 -11.59
C MET D 329 22.11 -28.88 -11.36
N SER D 330 21.07 -28.95 -12.19
CA SER D 330 19.98 -27.95 -12.17
C SER D 330 18.67 -28.43 -11.57
N GLN D 331 17.77 -27.48 -11.31
CA GLN D 331 16.44 -27.75 -10.77
C GLN D 331 15.40 -27.41 -11.84
N ALA D 332 14.61 -28.38 -12.29
CA ALA D 332 13.56 -28.06 -13.28
C ALA D 332 12.17 -27.88 -12.65
N ASP D 333 11.18 -27.53 -13.48
CA ASP D 333 9.79 -27.41 -13.00
C ASP D 333 9.08 -28.77 -12.90
N CYS D 334 9.49 -29.57 -11.92
CA CYS D 334 8.87 -30.88 -11.70
C CYS D 334 9.00 -31.33 -10.26
N GLY D 335 8.15 -32.28 -9.86
CA GLY D 335 8.28 -32.87 -8.55
C GLY D 335 7.95 -31.93 -7.40
N ASP D 336 8.62 -32.13 -6.27
CA ASP D 336 8.22 -31.50 -5.02
C ASP D 336 8.37 -29.98 -4.94
N VAL D 337 9.09 -29.38 -5.88
CA VAL D 337 9.20 -27.92 -5.88
C VAL D 337 7.95 -27.26 -6.45
N MET D 338 7.06 -28.07 -7.05
CA MET D 338 5.86 -27.55 -7.70
C MET D 338 4.65 -27.41 -6.76
N GLY D 339 3.92 -26.32 -6.92
CA GLY D 339 2.78 -26.03 -6.06
C GLY D 339 3.09 -25.75 -4.59
N ALA D 340 4.32 -25.40 -4.28
CA ALA D 340 4.69 -25.16 -2.89
C ALA D 340 4.61 -23.67 -2.51
N ARG D 341 4.42 -23.45 -1.22
CA ARG D 341 4.50 -22.14 -0.62
C ARG D 341 5.94 -21.97 -0.16
N SER D 342 6.52 -20.80 -0.37
CA SER D 342 7.92 -20.66 0.05
C SER D 342 8.29 -19.25 0.47
N ALA D 343 9.43 -19.14 1.13
CA ALA D 343 9.96 -17.83 1.48
C ALA D 343 11.46 -17.92 1.36
N SER D 344 12.07 -16.88 0.81
CA SER D 344 13.51 -16.88 0.66
C SER D 344 14.09 -15.52 1.02
N LYS D 345 15.28 -15.56 1.63
CA LYS D 345 15.97 -14.34 1.96
C LYS D 345 17.37 -14.46 1.38
N SER D 346 18.08 -13.36 1.27
CA SER D 346 19.40 -13.42 0.63
C SER D 346 20.45 -12.59 1.37
N ALA D 347 21.72 -12.93 1.11
CA ALA D 347 22.82 -12.13 1.63
C ALA D 347 24.04 -12.28 0.74
N TYR D 348 24.75 -11.17 0.54
CA TYR D 348 26.05 -11.19 -0.09
C TYR D 348 27.13 -11.20 1.00
N HIS D 349 28.13 -12.06 0.86
CA HIS D 349 29.21 -12.15 1.85
C HIS D 349 30.52 -11.72 1.25
N ARG D 350 31.13 -10.71 1.86
CA ARG D 350 32.44 -10.22 1.42
C ARG D 350 33.54 -10.97 2.13
N ALA D 351 33.19 -11.59 3.26
CA ALA D 351 34.15 -12.29 4.07
C ALA D 351 33.43 -13.35 4.88
N ALA D 352 34.19 -14.24 5.51
CA ALA D 352 33.60 -15.32 6.30
C ALA D 352 32.78 -14.75 7.45
N PRO D 353 31.65 -15.38 7.80
CA PRO D 353 30.92 -15.03 9.01
C PRO D 353 31.76 -15.44 10.20
N THR D 354 31.47 -14.89 11.37
CA THR D 354 32.23 -15.27 12.56
C THR D 354 31.84 -16.68 12.98
N ASP D 355 32.70 -17.33 13.74
CA ASP D 355 32.35 -18.64 14.28
C ASP D 355 31.08 -18.58 15.12
N GLU D 356 30.87 -17.49 15.83
CA GLU D 356 29.65 -17.31 16.62
C GLU D 356 28.40 -17.33 15.73
N GLN D 357 28.47 -16.66 14.59
CA GLN D 357 27.37 -16.72 13.62
C GLN D 357 27.15 -18.15 13.14
N LEU D 358 28.23 -18.86 12.82
CA LEU D 358 28.09 -20.24 12.36
C LEU D 358 27.47 -21.12 13.44
N SER D 359 27.78 -20.86 14.71
CA SER D 359 27.08 -21.58 15.79
C SER D 359 25.60 -21.27 15.90
N VAL D 360 25.21 -20.02 15.64
CA VAL D 360 23.79 -19.67 15.59
C VAL D 360 23.10 -20.48 14.48
N LEU D 361 23.71 -20.52 13.30
CA LEU D 361 23.17 -21.28 12.20
C LEU D 361 22.97 -22.72 12.62
N HIS D 362 24.00 -23.32 13.21
CA HIS D 362 23.92 -24.72 13.64
C HIS D 362 22.73 -24.94 14.56
N ARG D 363 22.56 -24.04 15.52
CA ARG D 363 21.46 -24.17 16.48
C ARG D 363 20.09 -24.16 15.82
N HIS D 364 19.87 -23.26 14.87
CA HIS D 364 18.56 -23.18 14.21
C HIS D 364 18.31 -24.35 13.26
N LEU D 365 19.38 -24.89 12.69
CA LEU D 365 19.27 -26.10 11.86
C LEU D 365 18.93 -27.34 12.68
N HIS D 366 19.01 -27.24 14.00
CA HIS D 366 18.59 -28.33 14.88
C HIS D 366 17.31 -28.08 15.66
N ALA D 367 16.67 -26.95 15.43
CA ALA D 367 15.39 -26.64 16.09
C ALA D 367 14.33 -27.69 15.80
N ASP D 368 13.42 -27.89 16.76
CA ASP D 368 12.27 -28.75 16.54
C ASP D 368 11.38 -28.05 15.51
N HIS D 369 11.42 -28.50 14.27
CA HIS D 369 10.83 -27.76 13.16
C HIS D 369 10.65 -28.75 12.03
N PRO D 370 9.52 -28.67 11.29
CA PRO D 370 9.35 -29.49 10.09
C PRO D 370 10.18 -28.95 8.92
N GLY D 371 11.45 -29.33 8.87
CA GLY D 371 12.39 -28.66 7.98
C GLY D 371 12.89 -29.48 6.82
N GLN D 372 12.06 -30.40 6.33
CA GLN D 372 12.49 -31.22 5.20
C GLN D 372 12.75 -30.42 3.92
N ALA D 373 12.26 -29.19 3.86
CA ALA D 373 12.58 -28.33 2.71
C ALA D 373 13.03 -26.96 3.23
N SER D 374 13.78 -26.97 4.33
CA SER D 374 14.30 -25.76 4.93
C SER D 374 15.80 -25.86 4.90
N TYR D 375 16.48 -24.83 4.38
CA TYR D 375 17.92 -24.88 4.27
C TYR D 375 18.49 -23.51 4.01
N VAL D 376 19.82 -23.39 4.16
CA VAL D 376 20.54 -22.21 3.70
C VAL D 376 21.49 -22.71 2.63
N MET D 377 21.44 -22.07 1.46
CA MET D 377 22.25 -22.51 0.33
C MET D 377 23.38 -21.49 0.20
N PHE D 378 24.63 -21.96 0.21
CA PHE D 378 25.77 -21.06 0.01
C PHE D 378 26.39 -21.32 -1.34
N ASN D 379 26.46 -20.30 -2.19
CA ASN D 379 26.99 -20.44 -3.57
C ASN D 379 28.32 -19.66 -3.71
N SER D 380 29.28 -20.25 -4.41
CA SER D 380 30.48 -19.50 -4.82
C SER D 380 30.06 -18.25 -5.56
N TYR D 381 30.81 -17.15 -5.37
CA TYR D 381 30.46 -15.93 -6.06
C TYR D 381 31.76 -15.25 -6.46
N GLY D 382 31.68 -14.02 -6.93
CA GLY D 382 32.91 -13.30 -7.26
C GLY D 382 33.50 -13.74 -8.59
N GLY D 383 34.81 -13.93 -8.64
CA GLY D 383 35.44 -14.21 -9.92
C GLY D 383 35.14 -13.07 -10.88
N GLU D 384 34.80 -13.42 -12.10
CA GLU D 384 34.52 -12.46 -13.18
C GLU D 384 33.46 -11.42 -12.80
N ILE D 385 32.50 -11.78 -11.94
CA ILE D 385 31.53 -10.79 -11.49
C ILE D 385 32.24 -9.53 -10.96
N ASN D 386 33.36 -9.73 -10.29
CA ASN D 386 34.03 -8.67 -9.54
C ASN D 386 34.99 -7.86 -10.40
N ARG D 387 34.99 -8.11 -11.70
CA ARG D 387 35.83 -7.33 -12.61
C ARG D 387 35.28 -5.92 -12.81
N ARG D 388 33.95 -5.78 -12.75
CA ARG D 388 33.30 -4.47 -12.96
C ARG D 388 33.14 -3.64 -11.69
N GLY D 389 32.85 -2.36 -11.87
CA GLY D 389 32.71 -1.44 -10.75
C GLY D 389 31.27 -1.39 -10.33
N PRO D 390 31.03 -1.00 -9.07
CA PRO D 390 29.67 -0.92 -8.54
C PRO D 390 28.70 -0.06 -9.36
N SER D 391 29.17 1.01 -10.02
CA SER D 391 28.25 1.86 -10.77
C SER D 391 28.13 1.50 -12.25
N ASP D 392 28.89 0.51 -12.72
CA ASP D 392 28.89 0.16 -14.13
C ASP D 392 27.54 -0.44 -14.55
N ALA D 393 26.90 -1.13 -13.62
CA ALA D 393 25.54 -1.62 -13.85
C ALA D 393 24.75 -1.24 -12.64
N ALA D 394 23.44 -1.48 -12.66
CA ALA D 394 22.60 -1.12 -11.52
C ALA D 394 22.86 -2.03 -10.33
N VAL D 395 23.34 -3.25 -10.59
CA VAL D 395 23.77 -4.17 -9.52
C VAL D 395 25.03 -3.63 -8.86
N PRO D 396 25.01 -3.39 -7.53
CA PRO D 396 26.18 -2.72 -6.94
C PRO D 396 27.23 -3.63 -6.30
N GLN D 397 26.91 -4.89 -6.02
CA GLN D 397 27.83 -5.75 -5.28
C GLN D 397 28.90 -6.36 -6.19
N ARG D 398 30.11 -5.81 -6.13
CA ARG D 398 31.18 -6.25 -7.04
C ARG D 398 32.45 -6.65 -6.29
N ASP D 399 32.32 -6.98 -5.01
CA ASP D 399 33.46 -7.56 -4.31
C ASP D 399 33.08 -8.65 -3.31
N SER D 400 31.95 -9.32 -3.55
CA SER D 400 31.57 -10.43 -2.68
C SER D 400 32.12 -11.74 -3.20
N VAL D 401 32.26 -12.72 -2.30
CA VAL D 401 32.83 -14.01 -2.68
C VAL D 401 31.93 -15.23 -2.42
N VAL D 402 30.87 -15.05 -1.63
CA VAL D 402 29.85 -16.12 -1.45
C VAL D 402 28.50 -15.43 -1.42
N LYS D 403 27.48 -16.07 -2.00
CA LYS D 403 26.12 -15.53 -1.97
C LYS D 403 25.29 -16.58 -1.25
N SER D 404 24.46 -16.17 -0.28
CA SER D 404 23.61 -17.14 0.40
C SER D 404 22.14 -16.89 0.16
N SER D 405 21.37 -17.99 0.13
CA SER D 405 19.92 -17.94 0.01
C SER D 405 19.36 -18.71 1.20
N TRP D 406 18.39 -18.12 1.91
CA TRP D 406 17.89 -18.69 3.15
C TRP D 406 16.45 -19.07 2.87
N PHE D 407 16.12 -20.37 2.93
CA PHE D 407 14.92 -20.85 2.25
C PHE D 407 14.04 -21.77 3.09
N SER D 408 12.74 -21.60 2.97
CA SER D 408 11.85 -22.65 3.48
C SER D 408 10.70 -22.86 2.53
N ALA D 409 10.30 -24.11 2.29
CA ALA D 409 9.12 -24.37 1.49
C ALA D 409 8.22 -25.32 2.27
N TRP D 410 6.92 -25.20 2.04
CA TRP D 410 5.95 -26.02 2.75
C TRP D 410 4.65 -26.08 1.96
N GLN D 411 3.68 -26.85 2.42
CA GLN D 411 2.45 -27.00 1.64
C GLN D 411 1.20 -26.26 2.14
N ASP D 412 1.01 -26.20 3.46
CA ASP D 412 -0.26 -25.72 4.02
C ASP D 412 -0.20 -24.27 4.46
N ALA D 413 -1.16 -23.47 4.01
CA ALA D 413 -1.29 -22.08 4.42
C ALA D 413 -1.33 -21.93 5.95
N GLU D 414 -1.88 -22.92 6.64
CA GLU D 414 -1.98 -22.83 8.10
C GLU D 414 -0.61 -22.87 8.76
N LEU D 415 0.42 -23.29 8.02
CA LEU D 415 1.76 -23.31 8.59
C LEU D 415 2.63 -22.15 8.12
N ASP D 416 2.04 -21.16 7.45
CA ASP D 416 2.80 -19.98 7.02
C ASP D 416 3.54 -19.36 8.21
N GLU D 417 2.82 -19.10 9.30
CA GLU D 417 3.46 -18.41 10.44
C GLU D 417 4.62 -19.21 11.02
N LEU D 418 4.46 -20.52 11.05
CA LEU D 418 5.49 -21.41 11.60
C LEU D 418 6.77 -21.32 10.77
N HIS D 419 6.63 -21.41 9.45
CA HIS D 419 7.80 -21.39 8.59
C HIS D 419 8.42 -20.01 8.48
N LEU D 420 7.59 -18.98 8.35
CA LEU D 420 8.12 -17.62 8.33
C LEU D 420 8.83 -17.33 9.65
N GLY D 421 8.28 -17.83 10.76
CA GLY D 421 8.91 -17.67 12.05
C GLY D 421 10.27 -18.31 12.15
N TRP D 422 10.41 -19.51 11.61
CA TRP D 422 11.70 -20.21 11.67
C TRP D 422 12.75 -19.44 10.85
N LEU D 423 12.38 -19.06 9.64
CA LEU D 423 13.31 -18.39 8.73
C LEU D 423 13.74 -17.04 9.29
N ARG D 424 12.78 -16.26 9.77
CA ARG D 424 13.06 -14.95 10.34
C ARG D 424 13.93 -15.09 11.57
N GLY D 425 13.61 -16.06 12.42
CA GLY D 425 14.38 -16.27 13.63
C GLY D 425 15.85 -16.52 13.33
N LEU D 426 16.11 -17.41 12.38
CA LEU D 426 17.46 -17.74 11.95
C LEU D 426 18.21 -16.55 11.32
N TYR D 427 17.62 -15.93 10.31
CA TYR D 427 18.28 -14.87 9.57
C TYR D 427 18.57 -13.70 10.52
N GLU D 428 17.58 -13.34 11.31
CA GLU D 428 17.73 -12.19 12.21
C GLU D 428 18.75 -12.44 13.32
N GLU D 429 18.81 -13.64 13.85
CA GLU D 429 19.84 -13.90 14.85
C GLU D 429 21.23 -14.02 14.23
N PHE D 430 21.32 -14.64 13.07
CA PHE D 430 22.59 -14.77 12.39
C PHE D 430 23.19 -13.38 12.15
N PHE D 431 22.34 -12.42 11.78
CA PHE D 431 22.81 -11.06 11.49
C PHE D 431 22.48 -10.07 12.61
N ALA D 432 22.37 -10.58 13.83
CA ALA D 432 21.89 -9.77 14.96
C ALA D 432 22.83 -8.62 15.26
N GLY D 433 24.14 -8.83 15.04
CA GLY D 433 25.11 -7.79 15.32
C GLY D 433 24.96 -6.59 14.41
N THR D 434 24.22 -6.75 13.31
CA THR D 434 24.01 -5.65 12.39
C THR D 434 22.52 -5.46 12.11
N GLY D 435 21.72 -5.47 13.17
CA GLY D 435 20.33 -5.09 13.04
C GLY D 435 19.45 -6.17 12.42
N GLY D 436 19.96 -7.39 12.33
CA GLY D 436 19.19 -8.50 11.80
C GLY D 436 19.22 -8.59 10.28
N VAL D 437 20.04 -7.78 9.63
CA VAL D 437 20.17 -7.84 8.16
C VAL D 437 21.63 -7.83 7.75
N PRO D 438 21.94 -8.31 6.54
CA PRO D 438 23.33 -8.30 6.07
C PRO D 438 23.68 -6.92 5.52
N VAL D 439 23.99 -5.98 6.42
CA VAL D 439 24.26 -4.60 6.03
C VAL D 439 25.37 -4.50 5.01
N THR D 440 25.39 -3.40 4.28
CA THR D 440 26.40 -3.26 3.24
C THR D 440 27.73 -2.80 3.82
N GLY D 441 28.80 -3.07 3.09
CA GLY D 441 30.11 -2.51 3.41
C GLY D 441 30.87 -3.08 4.59
N GLY D 442 30.48 -4.27 5.05
CA GLY D 442 31.20 -4.92 6.15
C GLY D 442 31.59 -6.34 5.79
N ARG D 443 31.26 -7.30 6.64
CA ARG D 443 31.44 -8.70 6.26
C ARG D 443 30.44 -9.07 5.18
N THR D 444 29.36 -8.30 5.08
CA THR D 444 28.31 -8.56 4.10
C THR D 444 28.18 -7.36 3.16
N ASP D 445 27.36 -7.50 2.12
CA ASP D 445 27.13 -6.41 1.20
C ASP D 445 25.70 -6.39 0.72
N GLY D 446 24.76 -6.60 1.65
CA GLY D 446 23.36 -6.42 1.32
C GLY D 446 22.72 -7.64 0.65
N CYS D 447 21.79 -7.37 -0.26
CA CYS D 447 20.84 -8.38 -0.73
C CYS D 447 20.65 -8.30 -2.23
N TYR D 448 20.06 -9.35 -2.80
CA TYR D 448 19.89 -9.48 -4.24
C TYR D 448 18.42 -9.30 -4.61
N ILE D 449 18.12 -8.35 -5.49
CA ILE D 449 16.73 -7.96 -5.78
C ILE D 449 15.89 -9.10 -6.43
N ASN D 450 16.55 -10.09 -7.00
CA ASN D 450 15.85 -11.28 -7.52
C ASN D 450 15.45 -12.29 -6.45
N TYR D 451 15.88 -12.05 -5.21
CA TYR D 451 15.34 -12.73 -4.03
C TYR D 451 14.75 -11.69 -3.07
N PRO D 452 13.69 -11.00 -3.52
CA PRO D 452 13.19 -9.83 -2.80
C PRO D 452 12.53 -10.27 -1.50
N ASP D 453 12.70 -9.45 -0.45
CA ASP D 453 12.30 -9.83 0.90
C ASP D 453 11.58 -8.65 1.53
N ALA D 454 10.26 -8.72 1.55
CA ALA D 454 9.45 -7.61 2.03
C ALA D 454 9.64 -7.38 3.52
N ASP D 455 10.20 -8.35 4.24
CA ASP D 455 10.50 -8.12 5.66
C ASP D 455 11.48 -6.96 5.84
N LEU D 456 12.25 -6.67 4.82
CA LEU D 456 13.25 -5.59 4.94
C LEU D 456 12.58 -4.24 5.08
N LEU D 457 11.29 -4.18 4.78
CA LEU D 457 10.50 -2.95 4.94
C LEU D 457 9.97 -2.74 6.34
N ASP D 458 10.17 -3.70 7.22
CA ASP D 458 9.49 -3.68 8.53
C ASP D 458 10.48 -3.49 9.70
N PRO D 459 10.31 -2.42 10.49
CA PRO D 459 11.27 -2.16 11.58
C PRO D 459 11.41 -3.30 12.58
N ALA D 460 10.38 -4.13 12.76
CA ALA D 460 10.50 -5.23 13.70
C ALA D 460 11.51 -6.26 13.17
N ARG D 461 11.73 -6.27 11.85
CA ARG D 461 12.60 -7.28 11.20
C ARG D 461 13.97 -6.70 10.87
N ASN D 462 13.99 -5.40 10.57
CA ASN D 462 15.19 -4.72 10.12
C ASN D 462 15.45 -3.59 11.08
N ARG D 463 16.42 -3.78 11.98
CA ARG D 463 16.76 -2.74 12.94
C ARG D 463 18.12 -2.10 12.61
N SER D 464 18.54 -2.24 11.36
CA SER D 464 19.85 -1.77 10.93
C SER D 464 19.89 -0.29 10.59
N GLY D 465 18.73 0.27 10.24
CA GLY D 465 18.67 1.65 9.81
C GLY D 465 18.95 1.79 8.33
N GLU D 466 19.32 0.68 7.69
CA GLU D 466 19.56 0.67 6.26
C GLU D 466 18.30 0.22 5.51
N PRO D 467 17.77 1.10 4.67
CA PRO D 467 16.50 0.80 3.99
C PRO D 467 16.69 -0.24 2.89
N TRP D 468 15.60 -0.88 2.51
CA TRP D 468 15.63 -1.94 1.50
C TRP D 468 16.38 -1.49 0.25
N HIS D 469 16.12 -0.26 -0.20
CA HIS D 469 16.68 0.18 -1.47
C HIS D 469 18.19 0.33 -1.39
N HIS D 470 18.72 0.57 -0.21
CA HIS D 470 20.17 0.63 -0.10
C HIS D 470 20.78 -0.77 -0.02
N LEU D 471 20.09 -1.70 0.65
CA LEU D 471 20.57 -3.08 0.71
C LEU D 471 20.63 -3.71 -0.66
N TYR D 472 19.69 -3.37 -1.53
CA TYR D 472 19.63 -3.97 -2.88
C TYR D 472 20.44 -3.21 -3.93
N TYR D 473 20.45 -1.88 -3.81
CA TYR D 473 20.99 -1.06 -4.89
C TYR D 473 22.14 -0.15 -4.46
N LYS D 474 22.39 -0.07 -3.14
CA LYS D 474 23.41 0.81 -2.57
C LYS D 474 23.35 2.19 -3.21
N ASP D 475 24.47 2.73 -3.67
CA ASP D 475 24.48 4.10 -4.21
C ASP D 475 23.92 4.23 -5.61
N ASN D 476 23.44 3.13 -6.19
CA ASN D 476 22.83 3.22 -7.51
C ASN D 476 21.37 3.64 -7.47
N TYR D 477 20.80 3.71 -6.27
CA TYR D 477 19.38 3.98 -6.19
C TYR D 477 18.99 5.35 -6.75
N ALA D 478 19.81 6.37 -6.49
CA ALA D 478 19.49 7.70 -6.99
C ALA D 478 19.32 7.70 -8.52
N ARG D 479 20.25 7.06 -9.22
CA ARG D 479 20.21 7.04 -10.67
C ARG D 479 19.00 6.21 -11.15
N LEU D 480 18.67 5.17 -10.41
CA LEU D 480 17.48 4.37 -10.76
C LEU D 480 16.21 5.20 -10.62
N ARG D 481 16.12 6.00 -9.54
CA ARG D 481 14.95 6.85 -9.36
C ARG D 481 14.81 7.86 -10.50
N SER D 482 15.93 8.40 -10.95
CA SER D 482 15.90 9.36 -12.07
C SER D 482 15.38 8.68 -13.33
N ALA D 483 15.84 7.45 -13.57
CA ALA D 483 15.41 6.73 -14.76
C ALA D 483 13.91 6.43 -14.66
N LYS D 484 13.46 6.13 -13.45
CA LYS D 484 12.05 5.85 -13.20
C LYS D 484 11.19 7.09 -13.49
N ARG D 485 11.61 8.25 -12.98
CA ARG D 485 10.90 9.49 -13.25
C ARG D 485 10.83 9.78 -14.74
N ALA D 486 11.92 9.54 -15.44
CA ALA D 486 12.00 9.83 -16.86
C ALA D 486 11.14 8.88 -17.71
N TRP D 487 11.09 7.61 -17.34
CA TRP D 487 10.55 6.60 -18.24
C TRP D 487 9.22 6.00 -17.81
N ASP D 488 8.89 6.11 -16.53
CA ASP D 488 7.58 5.69 -16.05
C ASP D 488 7.01 6.77 -15.14
N PRO D 489 6.81 7.99 -15.68
CA PRO D 489 6.43 9.16 -14.85
C PRO D 489 5.08 8.98 -14.15
N LEU D 490 4.18 8.18 -14.70
CA LEU D 490 2.89 7.94 -14.07
C LEU D 490 2.91 6.80 -13.05
N ASN D 491 4.08 6.18 -12.85
CA ASN D 491 4.16 5.03 -11.95
C ASN D 491 3.18 3.96 -12.37
N THR D 492 3.11 3.71 -13.67
CA THR D 492 2.27 2.65 -14.20
C THR D 492 2.71 1.28 -13.68
N PHE D 493 4.01 1.11 -13.53
CA PHE D 493 4.57 -0.19 -13.13
C PHE D 493 5.08 -0.09 -11.70
N HIS D 494 4.41 -0.78 -10.79
CA HIS D 494 4.73 -0.63 -9.39
C HIS D 494 4.33 -1.88 -8.65
N HIS D 495 4.95 -2.09 -7.50
CA HIS D 495 4.65 -3.23 -6.63
C HIS D 495 5.20 -2.89 -5.25
N SER D 496 5.18 -3.85 -4.32
CA SER D 496 5.57 -3.53 -2.94
C SER D 496 7.02 -3.07 -2.78
N MET D 497 7.88 -3.36 -3.74
CA MET D 497 9.30 -3.01 -3.62
C MET D 497 9.78 -2.40 -4.92
N SER D 498 8.94 -1.56 -5.51
CA SER D 498 9.32 -0.93 -6.77
C SER D 498 10.06 0.37 -6.50
N ILE D 499 10.92 0.71 -7.45
CA ILE D 499 11.73 1.91 -7.37
C ILE D 499 10.82 3.13 -7.26
N GLY D 500 11.08 4.01 -6.30
CA GLY D 500 10.23 5.15 -6.07
C GLY D 500 10.48 6.31 -7.03
N LEU D 501 9.41 7.02 -7.40
CA LEU D 501 9.58 8.26 -8.15
C LEU D 501 10.40 9.24 -7.31
PA FAD E . 14.30 -41.78 -29.22
O1A FAD E . 15.41 -42.43 -28.46
O2A FAD E . 14.54 -40.52 -29.94
O5B FAD E . 13.71 -42.69 -30.37
C5B FAD E . 13.39 -44.09 -30.00
C4B FAD E . 13.19 -44.92 -31.28
O4B FAD E . 12.16 -44.30 -32.06
C3B FAD E . 14.49 -45.00 -32.09
O3B FAD E . 14.49 -46.22 -32.88
C2B FAD E . 14.31 -43.81 -33.01
O2B FAD E . 15.08 -43.90 -34.22
C1B FAD E . 12.76 -43.83 -33.26
N9A FAD E . 12.24 -42.51 -33.55
C8A FAD E . 12.29 -41.34 -32.86
N7A FAD E . 11.71 -40.35 -33.58
C5A FAD E . 11.16 -40.90 -34.65
C6A FAD E . 10.50 -40.34 -35.71
N6A FAD E . 10.20 -39.05 -35.81
N1A FAD E . 10.13 -41.22 -36.69
C2A FAD E . 10.40 -42.61 -36.64
N3A FAD E . 11.17 -43.07 -35.67
C4A FAD E . 11.50 -42.21 -34.68
N1 FAD E . 6.37 -44.21 -22.32
C2 FAD E . 5.01 -44.24 -22.01
O2 FAD E . 4.27 -44.66 -22.90
N3 FAD E . 4.54 -43.62 -20.86
C4 FAD E . 5.43 -43.06 -19.95
O4 FAD E . 5.04 -42.58 -18.86
C4X FAD E . 6.84 -43.12 -20.22
N5 FAD E . 7.74 -42.52 -19.31
C5X FAD E . 9.07 -42.48 -19.70
C6 FAD E . 10.04 -41.85 -18.89
C7 FAD E . 11.40 -41.76 -19.18
C7M FAD E . 12.38 -41.06 -18.20
C8 FAD E . 11.85 -42.35 -20.37
C8M FAD E . 13.31 -42.22 -20.80
C9 FAD E . 10.90 -42.95 -21.25
C9A FAD E . 9.56 -43.09 -20.88
N10 FAD E . 8.66 -43.71 -21.78
C10 FAD E . 7.28 -43.64 -21.45
C1' FAD E . 9.09 -44.44 -22.99
C2' FAD E . 9.12 -43.67 -24.25
O2' FAD E . 7.81 -43.69 -24.68
C3' FAD E . 10.04 -44.51 -25.17
O3' FAD E . 11.34 -44.42 -24.62
C4' FAD E . 10.00 -43.76 -26.49
O4' FAD E . 10.31 -44.61 -27.64
C5' FAD E . 10.95 -42.52 -26.50
O5' FAD E . 10.70 -41.72 -27.62
P FAD E . 11.84 -40.62 -28.01
O1P FAD E . 11.47 -39.91 -29.22
O2P FAD E . 12.26 -39.84 -26.78
O3P FAD E . 13.07 -41.57 -28.18
PA FAD F . -10.47 13.34 10.55
O1A FAD F . -11.80 13.66 10.13
O2A FAD F . -9.31 13.75 9.69
O5B FAD F . -10.41 11.86 10.81
C5B FAD F . -9.25 11.15 11.30
C4B FAD F . -9.24 9.65 11.12
O4B FAD F . -10.35 9.16 11.91
C3B FAD F . -9.43 9.16 9.64
O3B FAD F . -8.91 7.86 9.43
C2B FAD F . -10.94 9.17 9.63
O2B FAD F . -11.45 8.34 8.56
C1B FAD F . -11.31 8.60 10.99
N9A FAD F . -12.64 9.08 11.33
C8A FAD F . -13.17 10.36 11.34
N7A FAD F . -14.45 10.39 11.78
C5A FAD F . -14.75 9.07 12.04
C6A FAD F . -15.94 8.40 12.48
N6A FAD F . -17.07 9.00 12.70
N1A FAD F . -15.83 7.03 12.58
C2A FAD F . -14.74 6.28 12.40
N3A FAD F . -13.57 6.92 11.95
C4A FAD F . -13.64 8.27 11.81
N1 FAD F . -5.83 15.48 20.03
C2 FAD F . -5.94 15.48 21.39
O2 FAD F . -6.25 14.40 21.95
N3 FAD F . -5.89 16.63 22.18
C4 FAD F . -5.53 17.84 21.57
O4 FAD F . -5.46 18.86 22.26
C4X FAD F . -5.49 17.87 20.16
N5 FAD F . -5.28 19.09 19.53
C5X FAD F . -5.28 19.16 18.14
C6 FAD F . -5.14 20.38 17.51
C7 FAD F . -5.16 20.47 16.12
C7M FAD F . -4.92 21.83 15.37
C8 FAD F . -5.27 19.23 15.39
C8M FAD F . -5.27 19.30 13.82
C9 FAD F . -5.42 17.98 15.99
C9A FAD F . -5.35 17.96 17.42
N10 FAD F . -5.49 16.75 18.04
C10 FAD F . -5.61 16.70 19.45
C1' FAD F . -5.54 15.45 17.33
C2' FAD F . -6.88 14.98 16.92
O2' FAD F . -7.37 14.27 18.07
C3' FAD F . -6.70 13.91 15.82
O3' FAD F . -6.21 14.61 14.68
C4' FAD F . -8.16 13.39 15.56
O4' FAD F . -8.00 12.03 15.01
C5' FAD F . -8.87 14.29 14.52
O5' FAD F . -10.22 13.80 14.41
P FAD F . -11.06 14.48 13.23
O1P FAD F . -12.40 13.80 13.26
O2P FAD F . -11.00 15.97 13.24
O3P FAD F . -10.17 13.99 12.04
PA FAD G . -24.20 42.14 21.01
O1A FAD G . -23.22 42.74 21.99
O2A FAD G . -24.90 40.90 21.34
O5B FAD G . -25.21 43.35 20.69
C5B FAD G . -24.91 44.69 20.31
C4B FAD G . -26.11 45.66 20.41
O4B FAD G . -27.14 45.12 19.53
C3B FAD G . -26.69 45.58 21.82
O3B FAD G . -27.34 46.82 22.04
C2B FAD G . -27.68 44.47 21.74
O2B FAD G . -28.73 44.60 22.72
C1B FAD G . -28.21 44.62 20.25
N9A FAD G . -28.69 43.36 19.75
C8A FAD G . -28.08 42.13 19.71
N7A FAD G . -28.91 41.27 19.16
C5A FAD G . -30.09 41.92 18.88
C6A FAD G . -31.32 41.42 18.32
N6A FAD G . -31.48 40.17 18.03
N1A FAD G . -32.30 42.37 18.18
C2A FAD G . -32.13 43.66 18.51
N3A FAD G . -30.93 44.17 19.09
C4A FAD G . -29.95 43.21 19.21
N1 FAD G . -18.51 44.81 12.22
C2 FAD G . -18.44 44.82 10.81
O2 FAD G . -19.35 45.40 10.18
N3 FAD G . -17.49 44.13 10.12
C4 FAD G . -16.45 43.51 10.80
O4 FAD G . -15.51 42.89 10.19
C4X FAD G . -16.51 43.48 12.23
N5 FAD G . -15.52 42.78 12.91
C5X FAD G . -15.64 42.66 14.31
C6 FAD G . -14.74 41.87 15.06
C7 FAD G . -14.85 41.78 16.41
C7M FAD G . -13.75 40.93 17.12
C8 FAD G . -15.84 42.44 17.11
C8M FAD G . -15.95 42.24 18.63
C9 FAD G . -16.84 43.20 16.42
C9A FAD G . -16.66 43.34 15.03
N10 FAD G . -17.56 44.16 14.31
C10 FAD G . -17.53 44.13 12.89
C1' FAD G . -18.65 44.92 14.97
C2' FAD G . -19.88 44.12 15.14
O2' FAD G . -20.64 44.33 13.91
C3' FAD G . -20.76 44.85 16.21
O3' FAD G . -19.97 44.71 17.46
C4' FAD G . -22.13 44.20 16.41
O4' FAD G . -23.05 45.15 16.97
C5' FAD G . -22.02 43.02 17.34
O5' FAD G . -23.22 42.31 17.26
P FAD G . -23.42 41.17 18.33
O1P FAD G . -24.77 40.57 18.17
O2P FAD G . -22.28 40.24 18.39
O3P FAD G . -23.34 42.12 19.63
PA FAD H . 8.10 -13.30 -12.70
O1A FAD H . 7.40 -13.80 -11.43
O2A FAD H . 7.37 -13.45 -14.03
O5B FAD H . 8.49 -11.72 -12.55
C5B FAD H . 9.29 -11.25 -11.47
C4B FAD H . 9.06 -9.71 -11.51
O4B FAD H . 9.64 -9.21 -12.75
C3B FAD H . 7.64 -9.20 -11.38
O3B FAD H . 7.59 -7.85 -10.92
C2B FAD H . 7.32 -9.06 -12.87
O2B FAD H . 6.23 -8.20 -13.17
C1B FAD H . 8.64 -8.61 -13.46
N9A FAD H . 8.79 -9.00 -14.91
C8A FAD H . 8.74 -10.27 -15.50
N7A FAD H . 8.95 -10.20 -16.86
C5A FAD H . 9.15 -8.87 -17.11
C6A FAD H . 9.37 -8.22 -18.33
N6A FAD H . 9.31 -8.91 -19.45
N1A FAD H . 9.49 -6.85 -18.31
C2A FAD H . 9.44 -6.16 -17.10
N3A FAD H . 9.20 -6.82 -15.92
C4A FAD H . 9.05 -8.16 -15.94
N1 FAD H . 18.16 -16.03 -9.83
C2 FAD H . 19.50 -16.12 -10.10
O2 FAD H . 20.03 -15.03 -10.48
N3 FAD H . 20.20 -17.27 -10.20
C4 FAD H . 19.60 -18.48 -9.86
O4 FAD H . 20.30 -19.51 -9.88
C4X FAD H . 18.21 -18.46 -9.53
N5 FAD H . 17.53 -19.68 -9.24
C5X FAD H . 16.19 -19.60 -8.99
C6 FAD H . 15.51 -20.85 -8.79
C7 FAD H . 14.16 -20.83 -8.55
C7M FAD H . 13.51 -22.20 -8.28
C8 FAD H . 13.44 -19.63 -8.56
C8M FAD H . 11.95 -19.64 -8.36
C9 FAD H . 14.08 -18.35 -8.81
C9A FAD H . 15.46 -18.39 -8.99
N10 FAD H . 16.17 -17.17 -9.23
C10 FAD H . 17.52 -17.28 -9.52
C1' FAD H . 15.39 -15.91 -9.19
C2' FAD H . 14.85 -15.32 -10.41
O2' FAD H . 16.01 -14.62 -10.94
C3' FAD H . 13.85 -14.32 -9.94
O3' FAD H . 12.78 -14.98 -9.19
C4' FAD H . 13.36 -13.61 -11.19
O4' FAD H . 12.88 -12.33 -10.91
C5' FAD H . 12.29 -14.41 -11.92
O5' FAD H . 11.91 -13.95 -13.20
P FAD H . 10.56 -14.51 -13.78
O1P FAD H . 10.35 -13.83 -15.13
O2P FAD H . 10.61 -16.00 -13.71
O3P FAD H . 9.47 -13.96 -12.65
#